data_6QEE
#
_entry.id   6QEE
#
_cell.length_a   1.000
_cell.length_b   1.000
_cell.length_c   1.000
_cell.angle_alpha   90.00
_cell.angle_beta   90.00
_cell.angle_gamma   90.00
#
_symmetry.space_group_name_H-M   'P 1'
#
loop_
_entity.id
_entity.type
_entity.pdbx_description
1 polymer ABCB1HM-EQ
2 polymer 'UIC2 Antigen Binding Fragment Light chain'
3 polymer 'UIC2 Antigen Binding Fragment Heavy Chain'
4 non-polymer 2-acetamido-2-deoxy-beta-D-glucopyranose
5 non-polymer Zosuquidar
6 non-polymer CHOLESTEROL
7 non-polymer 1,2-Distearoyl-sn-glycerophosphoethanolamine
#
loop_
_entity_poly.entity_id
_entity_poly.type
_entity_poly.pdbx_seq_one_letter_code
_entity_poly.pdbx_strand_id
1 'polypeptide(L)'
;MELEEDLKGRADKNFSKMGKKSKKEKKEKKPAVSVLTMFRYAGWLDRLYMLVGTLAAIIHGVALPLMMLIFGEMTDIFAN
AGNLEDLMSNITNRSDINDTGFFMNLEEDMTTYAYYYTGIGAGVLIVAYIQVSFWCLAAGRQIHKIRQKFFHAIMNQEIG
WFDVHDVGELNTRLTDDVSKINEGIGDKIGMFFQAMATFFGGFIIGFTRGWKLTLVILAISPVLGLSAGIWAKILSSFTD
KELHAYAKAGAVAEEVLAAIRTVIAFGGQKKELERYNNNLEEAKRLGIKKAITANISMGAAFLLIYASYALAFWYGTTLV
LSGEYSIGQVLTVFFSVLIGAFSVGQASPNIEAFANARGAAYEVFKIIDNKPSIDSFSKSGHKPDNIQGNLEFKNIHFSY
PSRKEVQILKGLNLKVKSGQTVALVGNSGCGKSTTVQLMQRLYDPLDGMVSIDGQDIRTINVRYLREIIGVVSQEPVLFA
TTIAENIRYGREDVTMDEIEKAVKEANAYDFIMKLPHQFDTLVGERGAQLSGGQKQRIAIARALVRNPKILLLDQATSAL
DTESEAVVQAALDKAREGRTTIVIAHRLSTVRNADVIAGFDGGVIVEQGNHDELMREKGIYFKLVMTQTAGNEIELGNEA
CKSKDEIDNLDMSSKDSGSSLIRRRSTRKSICGPHDQDRKLSTKEALDEDVPPASFWRILKLNSTEWPYFVVGIFCAIIN
GGLQPAFSVIFSKIIGVFTRIDDPETKRQNSNLFSLLFLILGIISFITFFLQGFTFGKAGEILTKRLRYMVFKSMLRQDV
SWFDDPKNTTGALTTRLANDAAQVKGATGSRLAVIFQNIANLGTGIIISFIYGWQLTLLLLAIVPIIAIAGVVEMKMLSG
QALKDKKELEGSGKIATEAIENFRTVVSLTREQKFETMYAQSLQIPYRNAMKKAHVFGITFSFTQAMMYFSYAACFRFGA
YLVAHKLMSFEDVLLVFSAIVFGAMAVGQVSSFAPDYAKATVSASHIIRIIEKTPEIDSYSTQGLKPNMLEGNVQFSGVV
FNYPTRPSIPVLQGLSLEVKKGQTLALVGSSGCGKSTVVQLLERFYDPMAGSVFLDGKEIKQLNVQWLRAQLGIVSQEPI
LFDCSIAENIAYGDNSRVVSYEEIVRAAKEANIHQFIDSLPDKYNTRVGDKGTQLSGGQKQRIAIARALVRQPHILLLDQ
ATSALDTESEKVVQEALDKAREGRTCIVIAHRLSTIQNADLIVVIQNGKVKEHGTHQQLLAQKGIYFSMVSVQAGAKRSS
GAGGEFLELSRVDALEVLFQ
;
A
2 'polypeptide(L)'
;QVVMTQSPLSLPVSLGDQASISCRSSQSLLHSNGNTYLHWYLQKPGQSPKLLIYKVSNRFSGVPDRFSGSGSGTDFTLKI
SRVEAEDLGVYFCSQSTHIPPWTFGGGTKLDIKRADAAPTVSIFPPSSEQLTSGGLSVVCFLNNFYPKDINVKWKIDGSE
RQNGVLNSWTDQDSKDSTYSMSSTLTLTKDEYERHNSYTCEATHKTSTSPIVKSFNRNEC
;
B
3 'polypeptide(L)'
;EVQLQESGPELVKTGASVKISCKASGYSFSNYYIHWVKQSHGKSLEWIGFISCYNGATFYNQKFKGKATFTVDNSSSTAY
MKFNSLTFEDSAVYYCARLPIQFGNFYPMDYWGQGTTVTVSSAKTTAPSVYPLAPVCGDTTGSSVTLGCLVKGYFPEPVT
LTWNSGSLSSGVHTFPAVLQSDLYTLSSSVTVTSSTWPSQSITCNVAHPASSTKVDKKIEPRGPT
;
C
#
# COMPACT_ATOMS: atom_id res chain seq x y z
N PRO A 31 5.70 19.90 19.66
CA PRO A 31 7.11 20.09 19.29
C PRO A 31 7.36 19.83 17.81
N ALA A 32 6.84 20.67 16.93
CA ALA A 32 7.00 20.46 15.50
C ALA A 32 7.04 21.79 14.79
N VAL A 33 7.61 21.79 13.60
CA VAL A 33 7.80 22.99 12.82
C VAL A 33 6.72 23.10 11.76
N SER A 34 6.61 24.27 11.15
CA SER A 34 5.61 24.47 10.10
C SER A 34 6.12 23.89 8.77
N VAL A 35 5.22 23.88 7.78
CA VAL A 35 5.51 23.22 6.52
C VAL A 35 6.51 24.00 5.69
N LEU A 36 6.50 25.33 5.81
CA LEU A 36 7.39 26.18 5.03
C LEU A 36 8.77 26.33 5.69
N THR A 37 9.08 25.51 6.69
CA THR A 37 10.39 25.59 7.30
C THR A 37 11.30 24.43 6.96
N MET A 38 10.74 23.25 6.69
CA MET A 38 11.56 22.09 6.40
C MET A 38 12.25 22.20 5.06
N PHE A 39 11.68 22.98 4.15
CA PHE A 39 12.25 23.15 2.83
C PHE A 39 13.08 24.42 2.74
N ARG A 40 13.41 25.02 3.89
CA ARG A 40 14.18 26.26 3.91
C ARG A 40 15.63 26.06 3.55
N TYR A 41 16.11 24.83 3.49
CA TYR A 41 17.48 24.57 3.10
C TYR A 41 17.57 24.08 1.66
N ALA A 42 16.64 24.51 0.82
CA ALA A 42 16.60 24.14 -0.59
C ALA A 42 16.91 25.35 -1.45
N GLY A 43 17.62 25.11 -2.55
CA GLY A 43 17.96 26.18 -3.47
C GLY A 43 16.82 26.50 -4.41
N TRP A 44 17.11 26.61 -5.69
CA TRP A 44 16.06 26.72 -6.69
C TRP A 44 15.98 25.52 -7.60
N LEU A 45 17.09 24.82 -7.82
CA LEU A 45 17.03 23.56 -8.52
C LEU A 45 16.25 22.52 -7.74
N ASP A 46 16.29 22.58 -6.41
CA ASP A 46 15.51 21.65 -5.61
C ASP A 46 14.03 21.97 -5.68
N ARG A 47 13.67 23.26 -5.69
CA ARG A 47 12.27 23.60 -5.83
C ARG A 47 11.76 23.30 -7.23
N LEU A 48 12.62 23.41 -8.24
CA LEU A 48 12.22 22.99 -9.58
C LEU A 48 12.03 21.49 -9.66
N TYR A 49 12.90 20.72 -9.01
CA TYR A 49 12.75 19.27 -8.97
C TYR A 49 11.47 18.86 -8.28
N MET A 50 11.11 19.52 -7.19
CA MET A 50 9.87 19.18 -6.51
C MET A 50 8.64 19.60 -7.30
N LEU A 51 8.72 20.75 -7.99
CA LEU A 51 7.55 21.19 -8.76
C LEU A 51 7.36 20.36 -10.02
N VAL A 52 8.42 19.76 -10.55
CA VAL A 52 8.20 18.85 -11.67
C VAL A 52 7.78 17.47 -11.15
N GLY A 53 8.29 17.06 -9.98
CA GLY A 53 7.92 15.78 -9.43
C GLY A 53 6.47 15.70 -8.98
N THR A 54 5.90 16.83 -8.56
CA THR A 54 4.48 16.84 -8.22
C THR A 54 3.59 16.62 -9.45
N LEU A 55 3.89 17.31 -10.55
CA LEU A 55 3.12 17.13 -11.77
C LEU A 55 3.31 15.73 -12.35
N ALA A 56 4.51 15.17 -12.23
CA ALA A 56 4.69 13.80 -12.67
C ALA A 56 3.98 12.82 -11.75
N ALA A 57 3.82 13.15 -10.47
CA ALA A 57 3.04 12.28 -9.59
C ALA A 57 1.57 12.31 -9.95
N ILE A 58 1.04 13.47 -10.29
CA ILE A 58 -0.38 13.55 -10.64
C ILE A 58 -0.64 12.87 -11.99
N ILE A 59 0.25 13.04 -12.96
CA ILE A 59 0.06 12.40 -14.26
C ILE A 59 0.26 10.89 -14.18
N HIS A 60 1.13 10.42 -13.28
CA HIS A 60 1.17 8.98 -13.02
C HIS A 60 -0.04 8.52 -12.23
N GLY A 61 -0.72 9.44 -11.56
CA GLY A 61 -1.87 9.05 -10.76
C GLY A 61 -3.05 8.58 -11.58
N VAL A 62 -3.25 9.13 -12.77
CA VAL A 62 -4.47 8.87 -13.53
C VAL A 62 -4.17 8.01 -14.74
N ALA A 63 -3.20 7.12 -14.61
CA ALA A 63 -3.01 6.12 -15.64
C ALA A 63 -3.84 4.88 -15.39
N LEU A 64 -4.10 4.54 -14.14
CA LEU A 64 -4.89 3.33 -13.88
C LEU A 64 -6.39 3.51 -14.07
N PRO A 65 -7.03 4.63 -13.67
CA PRO A 65 -8.43 4.79 -14.08
C PRO A 65 -8.63 4.89 -15.59
N LEU A 66 -7.71 5.50 -16.32
CA LEU A 66 -7.84 5.51 -17.77
C LEU A 66 -7.59 4.14 -18.36
N MET A 67 -6.73 3.34 -17.73
CA MET A 67 -6.57 1.97 -18.18
C MET A 67 -7.86 1.17 -17.97
N MET A 68 -8.56 1.42 -16.87
CA MET A 68 -9.83 0.74 -16.66
C MET A 68 -10.91 1.24 -17.61
N LEU A 69 -10.84 2.51 -18.02
CA LEU A 69 -11.81 3.03 -18.98
C LEU A 69 -11.63 2.40 -20.35
N ILE A 70 -10.38 2.27 -20.81
CA ILE A 70 -10.16 1.62 -22.09
C ILE A 70 -10.45 0.12 -22.01
N PHE A 71 -10.25 -0.48 -20.84
CA PHE A 71 -10.61 -1.90 -20.69
C PHE A 71 -12.12 -2.10 -20.74
N GLY A 72 -12.89 -1.19 -20.13
CA GLY A 72 -14.33 -1.28 -20.22
C GLY A 72 -14.85 -1.09 -21.63
N GLU A 73 -14.26 -0.15 -22.36
CA GLU A 73 -14.68 0.06 -23.74
C GLU A 73 -14.33 -1.14 -24.63
N MET A 74 -13.22 -1.81 -24.34
CA MET A 74 -12.87 -2.98 -25.14
C MET A 74 -13.77 -4.18 -24.85
N THR A 75 -14.08 -4.41 -23.57
CA THR A 75 -14.99 -5.51 -23.27
C THR A 75 -16.38 -5.25 -23.84
N ASP A 76 -16.77 -3.97 -23.96
CA ASP A 76 -18.03 -3.64 -24.62
C ASP A 76 -17.99 -3.98 -26.11
N ILE A 77 -16.85 -3.76 -26.77
CA ILE A 77 -16.73 -4.11 -28.19
C ILE A 77 -16.84 -5.62 -28.41
N PHE A 78 -16.07 -6.38 -27.63
CA PHE A 78 -16.09 -7.83 -27.73
C PHE A 78 -17.45 -8.40 -27.39
N ALA A 79 -18.15 -7.76 -26.46
CA ALA A 79 -19.47 -8.25 -26.06
C ALA A 79 -20.50 -8.02 -27.13
N ASN A 80 -20.50 -6.84 -27.77
CA ASN A 80 -21.51 -6.58 -28.79
C ASN A 80 -21.37 -7.48 -30.00
N ALA A 81 -20.14 -7.83 -30.41
CA ALA A 81 -19.99 -8.68 -31.61
C ALA A 81 -20.56 -10.10 -31.43
N GLY A 82 -20.50 -10.63 -30.21
CA GLY A 82 -20.90 -12.01 -29.97
C GLY A 82 -22.37 -12.30 -30.18
N ASN A 83 -23.26 -11.37 -29.82
CA ASN A 83 -24.69 -11.57 -30.05
C ASN A 83 -24.99 -11.82 -31.51
N LEU A 84 -24.34 -11.05 -32.37
CA LEU A 84 -24.53 -11.17 -33.81
C LEU A 84 -24.02 -12.48 -34.36
N GLU A 85 -23.01 -13.10 -33.73
CA GLU A 85 -22.51 -14.38 -34.24
C GLU A 85 -23.58 -15.48 -34.39
N ASP A 86 -24.51 -15.62 -33.42
CA ASP A 86 -25.46 -16.74 -33.47
C ASP A 86 -26.57 -16.54 -34.50
N LEU A 87 -27.08 -15.31 -34.59
CA LEU A 87 -28.11 -14.94 -35.56
C LEU A 87 -27.64 -15.30 -36.95
N MET A 88 -26.42 -14.87 -37.25
CA MET A 88 -25.72 -15.33 -38.43
C MET A 88 -25.52 -16.85 -38.45
N SER A 89 -25.19 -17.47 -37.32
CA SER A 89 -24.92 -18.91 -37.31
C SER A 89 -26.07 -19.75 -37.85
N ASN A 90 -27.33 -19.41 -37.52
CA ASN A 90 -28.42 -20.22 -38.04
C ASN A 90 -28.63 -20.07 -39.56
N ILE A 91 -28.03 -19.11 -40.25
CA ILE A 91 -28.19 -19.08 -41.72
C ILE A 91 -27.07 -19.93 -42.32
N THR A 92 -27.47 -21.09 -42.85
CA THR A 92 -26.50 -22.12 -43.24
C THR A 92 -25.77 -21.74 -44.52
N ASN A 93 -26.44 -21.05 -45.45
CA ASN A 93 -25.80 -20.72 -46.73
C ASN A 93 -24.79 -19.58 -46.60
N ARG A 94 -24.76 -18.90 -45.46
CA ARG A 94 -23.87 -17.80 -45.15
C ARG A 94 -22.42 -18.10 -45.51
N SER A 95 -21.77 -17.14 -46.16
CA SER A 95 -20.40 -17.38 -46.60
C SER A 95 -19.40 -17.14 -45.47
N ASP A 96 -18.16 -17.57 -45.73
CA ASP A 96 -17.08 -17.34 -44.78
C ASP A 96 -16.75 -15.85 -44.71
N ILE A 97 -16.88 -15.14 -45.83
CA ILE A 97 -16.65 -13.70 -45.87
C ILE A 97 -17.72 -12.96 -45.04
N ASN A 98 -18.93 -13.53 -44.89
CA ASN A 98 -19.89 -12.97 -43.93
C ASN A 98 -19.38 -13.01 -42.50
N ASP A 99 -18.98 -14.19 -42.01
CA ASP A 99 -18.40 -14.29 -40.68
C ASP A 99 -17.02 -13.69 -40.61
N THR A 100 -16.58 -13.11 -41.72
CA THR A 100 -15.46 -12.23 -41.73
C THR A 100 -15.96 -10.81 -41.50
N GLY A 101 -16.94 -10.25 -42.23
CA GLY A 101 -17.31 -8.83 -42.08
C GLY A 101 -17.67 -8.33 -40.67
N PHE A 102 -18.55 -9.04 -39.96
CA PHE A 102 -18.82 -8.65 -38.57
C PHE A 102 -17.57 -8.85 -37.72
N PHE A 103 -16.94 -10.00 -37.90
CA PHE A 103 -15.74 -10.28 -37.15
C PHE A 103 -14.51 -9.52 -37.67
N MET A 104 -14.48 -9.15 -38.96
CA MET A 104 -13.45 -8.28 -39.53
C MET A 104 -13.51 -6.94 -38.88
N ASN A 105 -14.72 -6.45 -38.70
CA ASN A 105 -14.91 -5.22 -37.99
C ASN A 105 -14.40 -5.35 -36.58
N LEU A 106 -14.66 -6.49 -35.92
CA LEU A 106 -14.10 -6.67 -34.57
C LEU A 106 -12.58 -6.68 -34.59
N GLU A 107 -12.00 -7.38 -35.56
CA GLU A 107 -10.54 -7.48 -35.64
C GLU A 107 -9.89 -6.13 -35.92
N GLU A 108 -10.52 -5.31 -36.76
CA GLU A 108 -9.98 -3.99 -37.08
C GLU A 108 -10.08 -3.03 -35.92
N ASP A 109 -11.18 -3.06 -35.17
CA ASP A 109 -11.35 -2.14 -34.06
C ASP A 109 -10.35 -2.39 -32.95
N MET A 110 -10.03 -3.65 -32.70
CA MET A 110 -9.09 -4.04 -31.66
C MET A 110 -7.73 -3.35 -31.80
N THR A 111 -7.23 -3.23 -33.03
CA THR A 111 -5.91 -2.65 -33.26
C THR A 111 -5.81 -1.19 -32.81
N THR A 112 -6.90 -0.41 -32.94
CA THR A 112 -6.82 0.98 -32.48
C THR A 112 -6.69 1.04 -30.95
N TYR A 113 -7.28 0.07 -30.24
CA TYR A 113 -7.15 0.06 -28.79
C TYR A 113 -5.81 -0.49 -28.35
N ALA A 114 -5.16 -1.31 -29.19
CA ALA A 114 -3.78 -1.67 -28.91
C ALA A 114 -2.87 -0.44 -28.98
N TYR A 115 -3.14 0.47 -29.90
CA TYR A 115 -2.36 1.71 -29.89
C TYR A 115 -2.68 2.58 -28.68
N TYR A 116 -3.94 2.55 -28.21
CA TYR A 116 -4.28 3.25 -26.96
C TYR A 116 -3.49 2.71 -25.77
N TYR A 117 -3.38 1.38 -25.64
CA TYR A 117 -2.67 0.79 -24.51
C TYR A 117 -1.18 1.05 -24.58
N THR A 118 -0.59 0.95 -25.77
CA THR A 118 0.82 1.28 -25.89
C THR A 118 1.07 2.76 -25.61
N GLY A 119 0.11 3.63 -25.91
CA GLY A 119 0.25 5.03 -25.53
C GLY A 119 0.27 5.23 -24.03
N ILE A 120 -0.63 4.56 -23.30
CA ILE A 120 -0.65 4.71 -21.83
C ILE A 120 0.59 4.08 -21.21
N GLY A 121 1.08 2.98 -21.77
CA GLY A 121 2.28 2.37 -21.22
C GLY A 121 3.53 3.18 -21.45
N ALA A 122 3.78 3.62 -22.68
CA ALA A 122 4.97 4.42 -22.94
C ALA A 122 4.82 5.85 -22.47
N GLY A 123 3.65 6.27 -22.00
CA GLY A 123 3.51 7.55 -21.36
C GLY A 123 3.32 7.45 -19.86
N VAL A 124 3.41 6.26 -19.29
CA VAL A 124 3.60 6.09 -17.86
C VAL A 124 5.01 5.66 -17.51
N LEU A 125 5.77 5.15 -18.49
CA LEU A 125 7.19 4.87 -18.27
C LEU A 125 7.96 6.11 -17.86
N ILE A 126 7.97 7.13 -18.73
CA ILE A 126 8.73 8.33 -18.43
C ILE A 126 8.10 9.15 -17.33
N VAL A 127 6.80 9.00 -17.08
CA VAL A 127 6.21 9.77 -16.02
C VAL A 127 6.50 9.17 -14.65
N ALA A 128 6.59 7.85 -14.54
CA ALA A 128 7.04 7.28 -13.26
C ALA A 128 8.52 7.52 -13.05
N TYR A 129 9.32 7.57 -14.12
CA TYR A 129 10.74 7.88 -13.95
C TYR A 129 10.96 9.30 -13.46
N ILE A 130 10.18 10.26 -13.97
CA ILE A 130 10.25 11.60 -13.40
C ILE A 130 9.60 11.64 -12.02
N GLN A 131 8.73 10.70 -11.70
CA GLN A 131 8.08 10.75 -10.40
C GLN A 131 9.01 10.30 -9.28
N VAL A 132 9.84 9.29 -9.53
CA VAL A 132 10.69 8.78 -8.46
C VAL A 132 12.03 9.51 -8.43
N SER A 133 12.67 9.70 -9.58
CA SER A 133 14.02 10.25 -9.61
C SER A 133 14.08 11.71 -9.20
N PHE A 134 12.99 12.45 -9.32
CA PHE A 134 13.04 13.87 -8.99
C PHE A 134 12.51 14.15 -7.61
N TRP A 135 12.45 13.15 -6.76
CA TRP A 135 12.19 13.36 -5.35
C TRP A 135 13.28 12.79 -4.47
N CYS A 136 13.84 11.63 -4.84
CA CYS A 136 15.01 11.12 -4.15
C CYS A 136 16.20 12.05 -4.31
N LEU A 137 16.34 12.67 -5.49
CA LEU A 137 17.39 13.64 -5.71
C LEU A 137 17.15 14.91 -4.89
N ALA A 138 15.94 15.46 -4.98
CA ALA A 138 15.62 16.70 -4.31
C ALA A 138 15.42 16.56 -2.82
N ALA A 139 15.46 15.36 -2.27
CA ALA A 139 15.52 15.21 -0.82
C ALA A 139 16.68 14.35 -0.37
N GLY A 140 17.63 14.08 -1.26
CA GLY A 140 18.94 13.65 -0.82
C GLY A 140 19.82 14.86 -0.74
N ARG A 141 19.57 15.84 -1.59
CA ARG A 141 20.37 17.05 -1.58
C ARG A 141 20.14 17.88 -0.32
N GLN A 142 18.89 17.98 0.13
CA GLN A 142 18.61 18.72 1.35
C GLN A 142 19.19 18.02 2.57
N ILE A 143 19.17 16.69 2.59
CA ILE A 143 19.74 15.97 3.73
C ILE A 143 21.26 16.10 3.73
N HIS A 144 21.87 16.07 2.55
CA HIS A 144 23.31 16.23 2.47
C HIS A 144 23.74 17.65 2.83
N LYS A 145 22.86 18.63 2.68
CA LYS A 145 23.19 19.94 3.23
C LYS A 145 22.98 19.99 4.74
N ILE A 146 21.83 19.49 5.23
CA ILE A 146 21.46 19.62 6.63
C ILE A 146 22.37 18.82 7.53
N ARG A 147 22.92 17.70 7.05
CA ARG A 147 23.81 16.87 7.86
C ARG A 147 25.10 17.60 8.19
N GLN A 148 25.77 18.15 7.18
CA GLN A 148 27.02 18.84 7.45
C GLN A 148 26.80 20.21 8.11
N LYS A 149 25.66 20.86 7.82
CA LYS A 149 25.35 22.09 8.55
C LYS A 149 25.03 21.81 10.02
N PHE A 150 24.46 20.64 10.32
CA PHE A 150 24.18 20.28 11.70
C PHE A 150 25.44 19.94 12.46
N PHE A 151 26.38 19.24 11.83
CA PHE A 151 27.63 18.96 12.52
C PHE A 151 28.43 20.22 12.75
N HIS A 152 28.44 21.14 11.78
CA HIS A 152 29.09 22.42 11.97
C HIS A 152 28.39 23.24 13.05
N ALA A 153 27.08 23.09 13.20
CA ALA A 153 26.41 23.80 14.27
C ALA A 153 26.71 23.19 15.63
N ILE A 154 26.97 21.88 15.67
CA ILE A 154 27.35 21.25 16.94
C ILE A 154 28.73 21.71 17.37
N MET A 155 29.69 21.72 16.44
CA MET A 155 31.07 22.03 16.77
C MET A 155 31.25 23.47 17.23
N ASN A 156 30.38 24.37 16.78
CA ASN A 156 30.48 25.77 17.15
C ASN A 156 29.52 26.08 18.30
N GLN A 157 29.72 25.37 19.42
CA GLN A 157 28.90 25.55 20.60
C GLN A 157 29.78 25.77 21.81
N GLU A 158 29.16 26.28 22.87
CA GLU A 158 29.84 26.53 24.13
C GLU A 158 30.05 25.22 24.87
N ILE A 159 31.18 25.12 25.59
CA ILE A 159 31.41 23.96 26.43
C ILE A 159 30.46 23.96 27.63
N GLY A 160 29.95 25.12 28.04
CA GLY A 160 28.97 25.17 29.10
C GLY A 160 27.63 24.58 28.68
N TRP A 161 27.21 24.85 27.44
CA TRP A 161 26.02 24.19 26.91
C TRP A 161 26.28 22.70 26.69
N PHE A 162 27.50 22.34 26.33
CA PHE A 162 27.83 20.94 26.14
C PHE A 162 27.88 20.17 27.45
N ASP A 163 28.07 20.88 28.55
CA ASP A 163 28.10 20.22 29.86
C ASP A 163 26.70 19.74 30.27
N VAL A 164 25.65 20.48 29.89
CA VAL A 164 24.29 20.11 30.29
C VAL A 164 23.80 18.90 29.49
N HIS A 165 23.86 18.99 28.17
CA HIS A 165 23.32 17.94 27.32
C HIS A 165 24.22 16.72 27.34
N ASP A 166 23.62 15.57 27.02
CA ASP A 166 24.34 14.32 26.94
C ASP A 166 25.16 14.27 25.64
N VAL A 167 26.00 13.25 25.53
CA VAL A 167 26.74 13.00 24.30
C VAL A 167 26.14 11.84 23.51
N GLY A 168 25.70 10.78 24.17
CA GLY A 168 25.10 9.66 23.45
C GLY A 168 23.72 10.01 22.92
N GLU A 169 22.96 10.78 23.69
CA GLU A 169 21.69 11.32 23.23
C GLU A 169 21.88 12.19 22.00
N LEU A 170 22.94 12.99 21.99
CA LEU A 170 23.19 13.88 20.87
C LEU A 170 23.66 13.12 19.63
N ASN A 171 24.46 12.07 19.82
CA ASN A 171 24.91 11.27 18.68
C ASN A 171 23.75 10.50 18.06
N THR A 172 22.92 9.88 18.90
CA THR A 172 21.72 9.21 18.42
C THR A 172 20.74 10.20 17.80
N ARG A 173 20.70 11.43 18.33
CA ARG A 173 19.88 12.50 17.76
C ARG A 173 20.32 12.82 16.34
N LEU A 174 21.63 12.99 16.12
CA LEU A 174 22.17 13.21 14.78
C LEU A 174 21.77 12.10 13.83
N THR A 175 22.11 10.86 14.18
CA THR A 175 21.93 9.73 13.28
C THR A 175 20.46 9.48 12.98
N ASP A 176 19.65 9.21 14.00
CA ASP A 176 18.26 8.84 13.75
C ASP A 176 17.42 10.03 13.33
N ASP A 177 17.72 11.25 13.78
CA ASP A 177 16.91 12.37 13.38
C ASP A 177 17.14 12.75 11.92
N VAL A 178 18.39 12.68 11.45
CA VAL A 178 18.59 12.99 10.06
C VAL A 178 18.08 11.85 9.18
N SER A 179 18.11 10.60 9.66
CA SER A 179 17.47 9.54 8.90
C SER A 179 15.95 9.70 8.84
N LYS A 180 15.33 10.21 9.90
CA LYS A 180 13.89 10.45 9.87
C LYS A 180 13.53 11.61 8.95
N ILE A 181 14.35 12.66 8.92
CA ILE A 181 14.07 13.75 7.98
C ILE A 181 14.34 13.28 6.55
N ASN A 182 15.23 12.32 6.36
CA ASN A 182 15.43 11.79 5.01
C ASN A 182 14.25 10.95 4.56
N GLU A 183 13.67 10.14 5.45
CA GLU A 183 12.52 9.37 5.00
C GLU A 183 11.24 10.17 4.99
N GLY A 184 11.19 11.31 5.66
CA GLY A 184 9.94 12.03 5.76
C GLY A 184 9.60 12.85 4.54
N ILE A 185 10.60 13.36 3.84
CA ILE A 185 10.39 14.15 2.64
C ILE A 185 10.99 13.50 1.41
N GLY A 186 11.51 12.28 1.56
CA GLY A 186 12.28 11.64 0.52
C GLY A 186 11.48 11.24 -0.70
N ASP A 187 10.60 10.28 -0.53
CA ASP A 187 9.76 9.80 -1.62
C ASP A 187 8.31 9.67 -1.21
N LYS A 188 7.99 9.93 0.05
CA LYS A 188 6.65 9.68 0.54
C LYS A 188 5.66 10.68 -0.02
N ILE A 189 6.10 11.89 -0.30
CA ILE A 189 5.15 12.93 -0.69
C ILE A 189 4.74 12.77 -2.14
N GLY A 190 5.65 12.33 -3.01
CA GLY A 190 5.29 12.04 -4.39
C GLY A 190 4.31 10.89 -4.49
N MET A 191 4.51 9.85 -3.68
CA MET A 191 3.56 8.76 -3.65
C MET A 191 2.23 9.17 -3.04
N PHE A 192 2.24 10.11 -2.10
CA PHE A 192 0.98 10.64 -1.58
C PHE A 192 0.20 11.38 -2.65
N PHE A 193 0.89 12.19 -3.47
CA PHE A 193 0.20 12.88 -4.55
C PHE A 193 -0.31 11.91 -5.60
N GLN A 194 0.44 10.84 -5.86
CA GLN A 194 -0.03 9.82 -6.81
C GLN A 194 -1.29 9.12 -6.31
N ALA A 195 -1.35 8.79 -5.01
CA ALA A 195 -2.52 8.12 -4.49
C ALA A 195 -3.73 9.05 -4.47
N MET A 196 -3.53 10.33 -4.16
CA MET A 196 -4.66 11.25 -4.20
C MET A 196 -5.13 11.54 -5.62
N ALA A 197 -4.21 11.57 -6.59
CA ALA A 197 -4.62 11.79 -7.97
C ALA A 197 -5.34 10.58 -8.54
N THR A 198 -4.95 9.37 -8.14
CA THR A 198 -5.67 8.17 -8.57
C THR A 198 -7.07 8.15 -7.97
N PHE A 199 -7.20 8.62 -6.73
CA PHE A 199 -8.51 8.77 -6.11
C PHE A 199 -9.41 9.72 -6.89
N PHE A 200 -8.89 10.90 -7.24
CA PHE A 200 -9.75 11.88 -7.92
C PHE A 200 -10.05 11.47 -9.35
N GLY A 201 -9.09 10.83 -10.03
CA GLY A 201 -9.35 10.32 -11.36
C GLY A 201 -10.38 9.22 -11.37
N GLY A 202 -10.33 8.35 -10.35
CA GLY A 202 -11.31 7.30 -10.23
C GLY A 202 -12.72 7.82 -10.02
N PHE A 203 -12.87 8.84 -9.17
CA PHE A 203 -14.23 9.33 -8.97
C PHE A 203 -14.71 10.19 -10.13
N ILE A 204 -13.82 10.85 -10.87
CA ILE A 204 -14.27 11.61 -12.02
C ILE A 204 -14.75 10.67 -13.13
N ILE A 205 -14.03 9.57 -13.36
CA ILE A 205 -14.49 8.59 -14.34
C ILE A 205 -15.77 7.92 -13.85
N GLY A 206 -15.87 7.66 -12.55
CA GLY A 206 -17.07 7.03 -12.03
C GLY A 206 -18.30 7.90 -12.07
N PHE A 207 -18.13 9.22 -11.97
CA PHE A 207 -19.31 10.08 -12.08
C PHE A 207 -19.63 10.49 -13.50
N THR A 208 -18.69 10.43 -14.44
CA THR A 208 -19.04 10.81 -15.79
C THR A 208 -19.33 9.64 -16.72
N ARG A 209 -19.05 8.41 -16.30
CA ARG A 209 -19.48 7.29 -17.14
C ARG A 209 -20.86 6.78 -16.77
N GLY A 210 -21.16 6.61 -15.49
CA GLY A 210 -22.48 6.21 -15.06
C GLY A 210 -22.63 6.35 -13.57
N TRP A 211 -23.67 7.04 -13.10
CA TRP A 211 -23.63 7.58 -11.75
C TRP A 211 -24.42 6.80 -10.70
N LYS A 212 -25.39 5.98 -11.09
CA LYS A 212 -26.16 5.25 -10.09
C LYS A 212 -25.32 4.18 -9.42
N LEU A 213 -24.56 3.42 -10.21
CA LEU A 213 -23.66 2.43 -9.65
C LEU A 213 -22.54 3.08 -8.86
N THR A 214 -22.11 4.27 -9.27
CA THR A 214 -21.07 4.98 -8.53
C THR A 214 -21.58 5.42 -7.16
N LEU A 215 -22.83 5.89 -7.08
CA LEU A 215 -23.36 6.24 -5.77
C LEU A 215 -23.59 5.00 -4.90
N VAL A 216 -23.93 3.87 -5.51
CA VAL A 216 -24.10 2.64 -4.73
C VAL A 216 -22.77 2.18 -4.14
N ILE A 217 -21.68 2.21 -4.93
CA ILE A 217 -20.39 1.80 -4.36
C ILE A 217 -19.86 2.87 -3.41
N LEU A 218 -20.17 4.14 -3.65
CA LEU A 218 -19.72 5.18 -2.75
C LEU A 218 -20.47 5.15 -1.42
N ALA A 219 -21.62 4.48 -1.35
CA ALA A 219 -22.26 4.29 -0.06
C ALA A 219 -21.43 3.42 0.87
N ILE A 220 -20.72 2.42 0.33
CA ILE A 220 -19.85 1.55 1.14
C ILE A 220 -18.39 1.92 0.98
N SER A 221 -18.10 3.01 0.29
CA SER A 221 -16.74 3.56 0.26
C SER A 221 -16.06 3.80 1.61
N PRO A 222 -16.69 4.36 2.66
CA PRO A 222 -15.90 4.66 3.88
C PRO A 222 -15.37 3.43 4.60
N VAL A 223 -16.14 2.33 4.67
CA VAL A 223 -15.61 1.14 5.32
C VAL A 223 -14.51 0.51 4.47
N LEU A 224 -14.59 0.66 3.14
CA LEU A 224 -13.55 0.18 2.25
C LEU A 224 -12.25 0.93 2.48
N GLY A 225 -12.34 2.26 2.51
CA GLY A 225 -11.16 3.07 2.76
C GLY A 225 -10.60 2.90 4.15
N LEU A 226 -11.47 2.63 5.14
CA LEU A 226 -11.00 2.39 6.50
C LEU A 226 -10.21 1.10 6.59
N SER A 227 -10.71 0.03 5.99
CA SER A 227 -9.99 -1.23 6.00
C SER A 227 -8.69 -1.15 5.21
N ALA A 228 -8.71 -0.42 4.09
CA ALA A 228 -7.48 -0.27 3.33
C ALA A 228 -6.47 0.60 4.07
N GLY A 229 -6.92 1.57 4.85
CA GLY A 229 -6.00 2.37 5.64
C GLY A 229 -5.36 1.58 6.75
N ILE A 230 -6.15 0.72 7.43
CA ILE A 230 -5.58 -0.14 8.48
C ILE A 230 -4.60 -1.13 7.87
N TRP A 231 -4.95 -1.71 6.72
CA TRP A 231 -4.03 -2.65 6.08
C TRP A 231 -2.78 -1.96 5.54
N ALA A 232 -2.89 -0.70 5.11
CA ALA A 232 -1.70 0.01 4.63
C ALA A 232 -0.78 0.38 5.79
N LYS A 233 -1.36 0.74 6.94
CA LYS A 233 -0.55 0.98 8.13
C LYS A 233 0.14 -0.30 8.59
N ILE A 234 -0.54 -1.44 8.43
CA ILE A 234 0.08 -2.72 8.73
C ILE A 234 1.23 -3.00 7.76
N LEU A 235 1.04 -2.64 6.49
CA LEU A 235 2.00 -3.00 5.47
C LEU A 235 3.26 -2.16 5.54
N SER A 236 3.13 -0.85 5.73
CA SER A 236 4.30 0.00 5.72
C SER A 236 5.15 -0.17 6.97
N SER A 237 4.53 -0.59 8.07
CA SER A 237 5.22 -0.86 9.33
C SER A 237 5.55 -2.33 9.48
N PHE A 238 5.78 -3.03 8.37
CA PHE A 238 6.07 -4.45 8.45
C PHE A 238 7.48 -4.70 8.94
N THR A 239 8.48 -4.14 8.24
CA THR A 239 9.87 -4.34 8.63
C THR A 239 10.14 -3.46 9.84
N ASP A 240 9.89 -4.02 11.01
CA ASP A 240 10.15 -3.35 12.28
C ASP A 240 10.45 -4.43 13.31
N LYS A 241 11.54 -4.25 14.05
CA LYS A 241 12.05 -5.34 14.84
C LYS A 241 11.24 -5.56 16.13
N GLU A 242 10.63 -4.50 16.67
CA GLU A 242 9.81 -4.52 17.88
C GLU A 242 10.59 -5.06 19.08
N LEU A 243 11.60 -4.29 19.47
CA LEU A 243 12.43 -4.62 20.63
C LEU A 243 11.84 -4.11 21.94
N HIS A 244 10.54 -3.83 21.98
CA HIS A 244 9.90 -3.37 23.20
C HIS A 244 9.31 -4.51 24.01
N ALA A 245 8.96 -5.62 23.35
CA ALA A 245 8.50 -6.78 24.09
C ALA A 245 9.65 -7.49 24.81
N TYR A 246 10.81 -7.56 24.16
CA TYR A 246 11.91 -8.37 24.62
C TYR A 246 12.80 -7.65 25.65
N ALA A 247 12.74 -6.32 25.71
CA ALA A 247 13.76 -5.48 26.34
C ALA A 247 13.94 -5.75 27.83
N LYS A 248 12.96 -6.33 28.51
CA LYS A 248 13.16 -6.80 29.88
C LYS A 248 14.16 -7.94 29.90
N ALA A 249 13.92 -8.98 29.10
CA ALA A 249 14.89 -10.05 28.95
C ALA A 249 16.18 -9.58 28.31
N GLY A 250 16.11 -8.56 27.45
CA GLY A 250 17.32 -8.03 26.87
C GLY A 250 18.20 -7.37 27.90
N ALA A 251 17.59 -6.67 28.85
CA ALA A 251 18.34 -6.12 29.97
C ALA A 251 18.89 -7.22 30.87
N VAL A 252 18.13 -8.31 31.04
CA VAL A 252 18.61 -9.45 31.81
C VAL A 252 19.83 -10.08 31.16
N ALA A 253 19.79 -10.24 29.84
CA ALA A 253 20.90 -10.85 29.12
C ALA A 253 22.12 -9.95 29.08
N GLU A 254 21.92 -8.66 28.82
CA GLU A 254 23.05 -7.73 28.82
C GLU A 254 23.56 -7.43 30.22
N GLU A 255 22.82 -7.82 31.25
CA GLU A 255 23.31 -7.76 32.63
C GLU A 255 24.16 -8.97 32.96
N VAL A 256 23.63 -10.17 32.69
CA VAL A 256 24.31 -11.38 33.13
C VAL A 256 25.52 -11.67 32.26
N LEU A 257 25.39 -11.50 30.95
CA LEU A 257 26.53 -11.76 30.08
C LEU A 257 27.60 -10.67 30.15
N ALA A 258 27.32 -9.54 30.79
CA ALA A 258 28.36 -8.57 31.03
C ALA A 258 29.32 -9.00 32.14
N ALA A 259 28.90 -9.95 32.99
CA ALA A 259 29.74 -10.43 34.08
C ALA A 259 29.42 -11.92 34.26
N ILE A 260 30.20 -12.77 33.61
CA ILE A 260 29.93 -14.19 33.60
C ILE A 260 30.79 -14.98 34.59
N ARG A 261 31.96 -14.44 34.99
CA ARG A 261 32.84 -15.14 35.92
C ARG A 261 32.23 -15.29 37.29
N THR A 262 31.34 -14.37 37.68
CA THR A 262 30.67 -14.45 38.96
C THR A 262 29.58 -15.52 38.93
N VAL A 263 28.91 -15.67 37.80
CA VAL A 263 27.74 -16.54 37.70
C VAL A 263 28.16 -17.99 37.84
N ILE A 264 29.30 -18.37 37.26
CA ILE A 264 29.76 -19.74 37.35
C ILE A 264 30.27 -20.03 38.76
N ALA A 265 30.83 -19.02 39.43
CA ALA A 265 31.46 -19.25 40.71
C ALA A 265 30.45 -19.51 41.82
N PHE A 266 29.32 -18.82 41.78
CA PHE A 266 28.33 -18.93 42.84
C PHE A 266 27.24 -19.94 42.54
N GLY A 267 27.34 -20.66 41.42
CA GLY A 267 26.35 -21.69 41.11
C GLY A 267 25.00 -21.14 40.72
N GLY A 268 24.96 -19.96 40.12
CA GLY A 268 23.74 -19.30 39.74
C GLY A 268 23.21 -19.75 38.40
N GLN A 269 22.56 -20.91 38.35
CA GLN A 269 22.02 -21.41 37.10
C GLN A 269 20.50 -21.39 37.08
N LYS A 270 19.86 -22.06 38.04
CA LYS A 270 18.42 -22.31 37.94
C LYS A 270 17.62 -21.04 38.16
N LYS A 271 18.05 -20.20 39.10
CA LYS A 271 17.36 -18.94 39.34
C LYS A 271 17.52 -17.99 38.15
N GLU A 272 18.69 -18.01 37.51
CA GLU A 272 18.91 -17.17 36.34
C GLU A 272 18.05 -17.62 35.17
N LEU A 273 17.92 -18.93 34.97
CA LEU A 273 17.08 -19.42 33.89
C LEU A 273 15.61 -19.17 34.16
N GLU A 274 15.17 -19.23 35.41
CA GLU A 274 13.77 -18.93 35.71
C GLU A 274 13.48 -17.44 35.51
N ARG A 275 14.44 -16.61 35.90
CA ARG A 275 14.36 -15.16 35.70
C ARG A 275 14.27 -14.81 34.22
N TYR A 276 15.02 -15.53 33.39
CA TYR A 276 14.88 -15.36 31.95
C TYR A 276 13.54 -15.90 31.45
N ASN A 277 13.09 -17.02 32.02
CA ASN A 277 12.00 -17.77 31.42
C ASN A 277 10.66 -17.06 31.56
N ASN A 278 10.40 -16.39 32.68
CA ASN A 278 9.08 -15.76 32.88
C ASN A 278 8.85 -14.58 31.94
N ASN A 279 9.84 -13.69 31.85
CA ASN A 279 9.71 -12.54 30.95
C ASN A 279 9.72 -12.99 29.48
N LEU A 280 10.42 -14.10 29.19
CA LEU A 280 10.36 -14.65 27.84
C LEU A 280 8.96 -15.16 27.51
N GLU A 281 8.27 -15.75 28.49
CA GLU A 281 6.89 -16.17 28.28
C GLU A 281 5.98 -14.99 28.00
N GLU A 282 6.20 -13.87 28.69
CA GLU A 282 5.41 -12.66 28.42
C GLU A 282 5.65 -12.13 27.01
N ALA A 283 6.91 -12.14 26.56
CA ALA A 283 7.21 -11.68 25.21
C ALA A 283 6.58 -12.60 24.16
N LYS A 284 6.52 -13.89 24.46
CA LYS A 284 5.81 -14.84 23.60
C LYS A 284 4.33 -14.49 23.49
N ARG A 285 3.69 -14.15 24.61
CA ARG A 285 2.26 -13.82 24.58
C ARG A 285 1.98 -12.54 23.78
N LEU A 286 2.86 -11.54 23.91
CA LEU A 286 2.67 -10.32 23.13
C LEU A 286 2.86 -10.55 21.65
N GLY A 287 3.84 -11.40 21.28
CA GLY A 287 4.00 -11.75 19.88
C GLY A 287 2.81 -12.51 19.30
N ILE A 288 2.19 -13.35 20.13
CA ILE A 288 0.97 -14.05 19.73
C ILE A 288 -0.13 -13.06 19.36
N LYS A 289 -0.38 -12.09 20.27
CA LYS A 289 -1.49 -11.15 20.02
C LYS A 289 -1.20 -10.24 18.84
N LYS A 290 0.07 -9.87 18.63
CA LYS A 290 0.43 -9.05 17.46
C LYS A 290 0.19 -9.80 16.16
N ALA A 291 0.54 -11.09 16.12
CA ALA A 291 0.33 -11.86 14.89
C ALA A 291 -1.15 -12.05 14.57
N ILE A 292 -1.97 -12.33 15.58
CA ILE A 292 -3.40 -12.52 15.32
C ILE A 292 -4.05 -11.22 14.86
N THR A 293 -3.64 -10.09 15.44
CA THR A 293 -4.21 -8.81 15.02
C THR A 293 -3.80 -8.43 13.61
N ALA A 294 -2.53 -8.67 13.25
CA ALA A 294 -2.07 -8.35 11.90
C ALA A 294 -2.76 -9.21 10.85
N ASN A 295 -2.98 -10.49 11.12
CA ASN A 295 -3.60 -11.29 10.07
C ASN A 295 -5.11 -11.15 10.02
N ILE A 296 -5.78 -10.78 11.10
CA ILE A 296 -7.20 -10.46 10.94
C ILE A 296 -7.36 -9.13 10.22
N SER A 297 -6.37 -8.23 10.36
CA SER A 297 -6.45 -6.96 9.63
C SER A 297 -6.15 -7.15 8.16
N MET A 298 -5.37 -8.16 7.79
CA MET A 298 -5.26 -8.44 6.36
C MET A 298 -6.51 -9.14 5.82
N GLY A 299 -7.06 -10.10 6.57
CA GLY A 299 -8.17 -10.88 6.05
C GLY A 299 -9.46 -10.10 5.87
N ALA A 300 -9.71 -9.10 6.74
CA ALA A 300 -10.92 -8.30 6.60
C ALA A 300 -10.91 -7.48 5.32
N ALA A 301 -9.73 -7.11 4.82
CA ALA A 301 -9.66 -6.36 3.57
C ALA A 301 -10.09 -7.22 2.39
N PHE A 302 -9.71 -8.51 2.39
CA PHE A 302 -10.13 -9.34 1.27
C PHE A 302 -11.58 -9.74 1.37
N LEU A 303 -12.11 -9.85 2.59
CA LEU A 303 -13.56 -9.99 2.75
C LEU A 303 -14.31 -8.79 2.17
N LEU A 304 -13.81 -7.58 2.41
CA LEU A 304 -14.49 -6.41 1.87
C LEU A 304 -14.33 -6.30 0.36
N ILE A 305 -13.18 -6.72 -0.17
CA ILE A 305 -12.98 -6.74 -1.62
C ILE A 305 -14.00 -7.67 -2.29
N TYR A 306 -14.14 -8.90 -1.78
CA TYR A 306 -15.04 -9.82 -2.47
C TYR A 306 -16.51 -9.55 -2.20
N ALA A 307 -16.86 -9.03 -1.02
CA ALA A 307 -18.24 -8.65 -0.81
C ALA A 307 -18.62 -7.42 -1.63
N SER A 308 -17.67 -6.53 -1.88
CA SER A 308 -17.95 -5.42 -2.78
C SER A 308 -18.08 -5.88 -4.21
N TYR A 309 -17.34 -6.94 -4.60
CA TYR A 309 -17.53 -7.49 -5.94
C TYR A 309 -18.92 -8.07 -6.09
N ALA A 310 -19.39 -8.79 -5.08
CA ALA A 310 -20.73 -9.38 -5.14
C ALA A 310 -21.82 -8.34 -5.17
N LEU A 311 -21.73 -7.30 -4.33
CA LEU A 311 -22.75 -6.24 -4.36
C LEU A 311 -22.75 -5.49 -5.68
N ALA A 312 -21.58 -5.15 -6.19
CA ALA A 312 -21.55 -4.36 -7.39
C ALA A 312 -21.95 -5.16 -8.62
N PHE A 313 -21.65 -6.45 -8.69
CA PHE A 313 -22.17 -7.18 -9.84
C PHE A 313 -23.63 -7.55 -9.69
N TRP A 314 -24.15 -7.71 -8.48
CA TRP A 314 -25.59 -7.91 -8.34
C TRP A 314 -26.37 -6.68 -8.77
N TYR A 315 -25.95 -5.50 -8.34
CA TYR A 315 -26.66 -4.32 -8.81
C TYR A 315 -26.34 -4.01 -10.27
N GLY A 316 -25.15 -4.37 -10.73
CA GLY A 316 -24.79 -4.12 -12.11
C GLY A 316 -25.55 -4.96 -13.09
N THR A 317 -25.87 -6.19 -12.73
CA THR A 317 -26.70 -7.00 -13.60
C THR A 317 -28.17 -6.95 -13.23
N THR A 318 -28.53 -6.22 -12.18
CA THR A 318 -29.90 -5.74 -12.11
C THR A 318 -30.10 -4.60 -13.09
N LEU A 319 -29.07 -3.78 -13.30
CA LEU A 319 -29.24 -2.66 -14.21
C LEU A 319 -29.00 -3.01 -15.67
N VAL A 320 -28.04 -3.88 -16.00
CA VAL A 320 -27.80 -4.16 -17.41
C VAL A 320 -28.87 -5.07 -18.00
N LEU A 321 -29.60 -5.82 -17.18
CA LEU A 321 -30.71 -6.59 -17.69
C LEU A 321 -31.98 -5.76 -17.77
N SER A 322 -31.98 -4.56 -17.22
CA SER A 322 -33.04 -3.61 -17.45
C SER A 322 -32.78 -2.75 -18.66
N GLY A 323 -31.67 -2.97 -19.36
CA GLY A 323 -31.34 -2.24 -20.55
C GLY A 323 -31.03 -0.78 -20.32
N GLU A 324 -30.19 -0.48 -19.34
CA GLU A 324 -29.84 0.89 -19.04
C GLU A 324 -28.36 1.16 -19.22
N TYR A 325 -27.49 0.35 -18.64
CA TYR A 325 -26.07 0.43 -18.91
C TYR A 325 -25.71 -0.64 -19.93
N SER A 326 -24.44 -0.80 -20.19
CA SER A 326 -23.97 -1.97 -20.88
C SER A 326 -23.03 -2.69 -19.92
N ILE A 327 -22.35 -3.72 -20.39
CA ILE A 327 -21.39 -4.35 -19.50
C ILE A 327 -20.11 -3.53 -19.42
N GLY A 328 -19.83 -2.73 -20.45
CA GLY A 328 -18.66 -1.88 -20.43
C GLY A 328 -18.75 -0.80 -19.36
N GLN A 329 -19.92 -0.17 -19.22
CA GLN A 329 -20.05 0.88 -18.22
C GLN A 329 -20.07 0.32 -16.81
N VAL A 330 -20.60 -0.89 -16.63
CA VAL A 330 -20.58 -1.50 -15.30
C VAL A 330 -19.17 -1.84 -14.88
N LEU A 331 -18.39 -2.44 -15.80
CA LEU A 331 -16.99 -2.74 -15.50
C LEU A 331 -16.18 -1.48 -15.24
N THR A 332 -16.39 -0.43 -16.04
CA THR A 332 -15.61 0.79 -15.90
C THR A 332 -15.93 1.51 -14.60
N VAL A 333 -17.20 1.75 -14.28
CA VAL A 333 -17.45 2.53 -13.07
C VAL A 333 -17.18 1.69 -11.84
N PHE A 334 -17.30 0.37 -11.93
CA PHE A 334 -16.99 -0.44 -10.77
C PHE A 334 -15.50 -0.46 -10.48
N PHE A 335 -14.67 -0.71 -11.51
CA PHE A 335 -13.24 -0.78 -11.27
C PHE A 335 -12.67 0.59 -10.89
N SER A 336 -13.19 1.66 -11.48
CA SER A 336 -12.62 2.97 -11.18
C SER A 336 -13.00 3.46 -9.80
N VAL A 337 -14.24 3.21 -9.36
CA VAL A 337 -14.60 3.63 -8.01
C VAL A 337 -13.90 2.76 -6.97
N LEU A 338 -13.66 1.49 -7.27
CA LEU A 338 -12.95 0.63 -6.33
C LEU A 338 -11.50 1.05 -6.16
N ILE A 339 -10.79 1.33 -7.25
CA ILE A 339 -9.41 1.74 -7.08
C ILE A 339 -9.32 3.15 -6.52
N GLY A 340 -10.36 3.97 -6.66
CA GLY A 340 -10.35 5.25 -5.99
C GLY A 340 -10.43 5.12 -4.47
N ALA A 341 -11.34 4.26 -3.99
CA ALA A 341 -11.47 4.06 -2.55
C ALA A 341 -10.22 3.41 -1.96
N PHE A 342 -9.59 2.51 -2.70
CA PHE A 342 -8.36 1.94 -2.14
C PHE A 342 -7.15 2.85 -2.26
N SER A 343 -7.16 3.83 -3.16
CA SER A 343 -6.05 4.76 -3.14
C SER A 343 -6.15 5.76 -1.98
N VAL A 344 -7.36 6.20 -1.61
CA VAL A 344 -7.38 6.95 -0.34
C VAL A 344 -7.19 6.06 0.86
N GLY A 345 -7.34 4.75 0.70
CA GLY A 345 -6.82 3.86 1.71
C GLY A 345 -5.31 3.96 1.85
N GLN A 346 -4.58 3.82 0.75
CA GLN A 346 -3.14 3.71 0.87
C GLN A 346 -2.44 5.05 1.03
N ALA A 347 -3.14 6.17 0.95
CA ALA A 347 -2.44 7.44 1.15
C ALA A 347 -2.28 7.85 2.62
N SER A 348 -2.46 6.96 3.61
CA SER A 348 -2.31 7.34 5.02
C SER A 348 -0.90 7.27 5.63
N PRO A 349 -0.07 6.23 5.44
CA PRO A 349 1.25 6.27 6.08
C PRO A 349 2.19 7.31 5.46
N ASN A 350 1.94 7.72 4.22
CA ASN A 350 2.74 8.76 3.62
C ASN A 350 2.37 10.15 4.11
N ILE A 351 1.31 10.28 4.90
CA ILE A 351 1.14 11.48 5.70
C ILE A 351 1.55 11.23 7.14
N GLU A 352 1.65 9.97 7.56
CA GLU A 352 2.19 9.71 8.90
C GLU A 352 3.69 10.03 8.97
N ALA A 353 4.44 9.68 7.92
CA ALA A 353 5.86 9.97 7.92
C ALA A 353 6.15 11.47 7.85
N PHE A 354 5.34 12.21 7.11
CA PHE A 354 5.47 13.66 7.14
C PHE A 354 4.92 14.24 8.44
N ALA A 355 4.08 13.51 9.16
CA ALA A 355 3.63 14.02 10.44
C ALA A 355 4.72 13.92 11.51
N ASN A 356 5.54 12.87 11.48
CA ASN A 356 6.58 12.82 12.51
C ASN A 356 7.94 13.37 12.07
N ALA A 357 8.19 13.55 10.77
CA ALA A 357 9.38 14.30 10.37
C ALA A 357 9.25 15.77 10.75
N ARG A 358 8.02 16.27 10.87
CA ARG A 358 7.81 17.61 11.41
C ARG A 358 8.28 17.73 12.84
N GLY A 359 8.17 16.65 13.62
CA GLY A 359 8.66 16.68 14.98
C GLY A 359 10.16 16.46 15.10
N ALA A 360 10.74 15.68 14.19
CA ALA A 360 12.19 15.48 14.23
C ALA A 360 12.95 16.75 13.80
N ALA A 361 12.40 17.47 12.83
CA ALA A 361 13.07 18.67 12.37
C ALA A 361 13.12 19.76 13.42
N TYR A 362 12.24 19.73 14.42
CA TYR A 362 12.36 20.68 15.51
C TYR A 362 13.60 20.43 16.34
N GLU A 363 13.87 19.17 16.64
CA GLU A 363 15.07 18.81 17.40
C GLU A 363 16.34 19.13 16.65
N VAL A 364 16.34 19.04 15.33
CA VAL A 364 17.56 19.43 14.61
C VAL A 364 17.66 20.95 14.49
N PHE A 365 16.57 21.62 14.10
CA PHE A 365 16.61 23.03 13.78
C PHE A 365 16.78 23.91 15.01
N LYS A 366 16.39 23.44 16.18
CA LYS A 366 16.62 24.24 17.39
C LYS A 366 18.09 24.31 17.74
N ILE A 367 18.84 23.22 17.51
CA ILE A 367 20.27 23.23 17.75
C ILE A 367 21.00 24.05 16.69
N ILE A 368 20.63 23.88 15.41
CA ILE A 368 21.30 24.71 14.40
C ILE A 368 20.82 26.16 14.39
N ASP A 369 19.80 26.50 15.16
CA ASP A 369 19.32 27.88 15.26
C ASP A 369 20.13 28.69 16.28
N ASN A 370 20.61 28.06 17.35
CA ASN A 370 21.21 28.77 18.48
C ASN A 370 22.55 29.39 18.12
N LYS A 371 22.83 30.53 18.76
CA LYS A 371 24.04 31.29 18.52
C LYS A 371 24.86 31.32 19.80
N PRO A 372 26.12 30.89 19.78
CA PRO A 372 26.92 30.91 21.00
C PRO A 372 27.33 32.32 21.37
N SER A 373 27.49 32.54 22.67
CA SER A 373 27.84 33.87 23.15
C SER A 373 29.31 34.19 22.96
N ILE A 374 30.18 33.19 23.05
CA ILE A 374 31.60 33.42 22.83
C ILE A 374 31.93 33.36 21.33
N ASP A 375 31.35 32.39 20.62
CA ASP A 375 31.44 32.22 19.16
C ASP A 375 32.90 32.04 18.72
N SER A 376 33.44 30.88 19.09
CA SER A 376 34.83 30.51 18.82
C SER A 376 35.19 30.45 17.33
N PHE A 377 34.21 30.48 16.43
CA PHE A 377 34.49 30.64 15.01
C PHE A 377 34.49 32.08 14.54
N SER A 378 33.97 33.02 15.33
CA SER A 378 33.94 34.41 14.90
C SER A 378 35.32 35.02 15.02
N LYS A 379 35.64 35.90 14.08
CA LYS A 379 36.94 36.57 14.01
C LYS A 379 36.69 38.07 13.99
N SER A 380 36.60 38.66 15.18
CA SER A 380 36.42 40.10 15.31
C SER A 380 37.32 40.74 16.35
N GLY A 381 37.90 39.99 17.28
CA GLY A 381 38.66 40.56 18.37
C GLY A 381 40.03 41.07 17.97
N HIS A 382 40.79 41.45 18.98
CA HIS A 382 42.10 42.05 18.77
C HIS A 382 43.11 40.99 18.37
N LYS A 383 44.28 41.46 17.95
CA LYS A 383 45.40 40.59 17.58
C LYS A 383 46.65 41.14 18.24
N PRO A 384 46.93 40.73 19.47
CA PRO A 384 48.15 41.20 20.14
C PRO A 384 49.39 40.51 19.59
N ASP A 385 50.51 41.23 19.64
CA ASP A 385 51.81 40.71 19.26
C ASP A 385 52.81 41.05 20.35
N ASN A 386 53.95 40.36 20.33
CA ASN A 386 54.99 40.40 21.36
C ASN A 386 54.38 40.11 22.73
N ILE A 387 53.82 38.91 22.85
CA ILE A 387 53.10 38.51 24.05
C ILE A 387 54.07 37.80 24.99
N GLN A 388 54.02 38.16 26.27
CA GLN A 388 54.90 37.55 27.27
C GLN A 388 54.15 36.85 28.39
N GLY A 389 52.97 37.32 28.77
CA GLY A 389 52.16 36.58 29.73
C GLY A 389 51.88 37.27 31.04
N ASN A 390 51.85 38.60 31.08
CA ASN A 390 51.41 39.28 32.28
C ASN A 390 49.90 39.12 32.45
N LEU A 391 49.43 39.17 33.70
CA LEU A 391 48.07 38.74 34.00
C LEU A 391 47.61 39.34 35.33
N GLU A 392 46.28 39.43 35.48
CA GLU A 392 45.67 39.94 36.71
C GLU A 392 44.28 39.35 36.89
N PHE A 393 44.11 38.46 37.87
CA PHE A 393 42.77 38.11 38.33
C PHE A 393 42.18 39.28 39.08
N LYS A 394 40.99 39.72 38.66
CA LYS A 394 40.36 40.89 39.25
C LYS A 394 38.96 40.52 39.71
N ASN A 395 38.84 40.00 40.94
CA ASN A 395 37.58 39.87 41.67
C ASN A 395 36.58 38.98 40.94
N ILE A 396 37.04 37.81 40.50
CA ILE A 396 36.15 36.94 39.74
C ILE A 396 35.23 36.20 40.70
N HIS A 397 33.94 36.23 40.39
CA HIS A 397 32.93 35.51 41.16
C HIS A 397 32.27 34.55 40.19
N PHE A 398 32.58 33.26 40.34
CA PHE A 398 32.17 32.29 39.35
C PHE A 398 31.46 31.10 40.00
N SER A 399 30.40 30.67 39.35
CA SER A 399 29.71 29.43 39.66
C SER A 399 29.54 28.62 38.38
N TYR A 400 29.40 27.31 38.53
CA TYR A 400 29.05 26.47 37.40
C TYR A 400 27.64 26.80 36.92
N PRO A 401 27.40 26.84 35.60
CA PRO A 401 26.03 26.91 35.11
C PRO A 401 25.29 25.59 35.20
N SER A 402 26.00 24.47 35.30
CA SER A 402 25.33 23.21 35.55
C SER A 402 25.01 23.02 37.01
N ARG A 403 26.05 23.00 37.86
CA ARG A 403 25.87 22.94 39.31
C ARG A 403 25.69 24.36 39.79
N LYS A 404 24.44 24.80 39.82
CA LYS A 404 24.12 26.20 40.03
C LYS A 404 24.14 26.58 41.49
N GLU A 405 23.77 25.66 42.38
CA GLU A 405 23.45 26.02 43.76
C GLU A 405 24.69 26.35 44.60
N VAL A 406 25.87 25.94 44.18
CA VAL A 406 27.08 26.15 44.96
C VAL A 406 28.05 27.02 44.16
N GLN A 407 28.55 28.09 44.78
CA GLN A 407 29.56 28.93 44.17
C GLN A 407 30.92 28.47 44.66
N ILE A 408 31.80 28.15 43.72
CA ILE A 408 33.10 27.59 44.08
C ILE A 408 34.14 28.69 44.24
N LEU A 409 34.21 29.63 43.30
CA LEU A 409 35.20 30.69 43.35
C LEU A 409 34.55 32.05 43.52
N LYS A 410 35.20 32.90 44.31
CA LYS A 410 34.71 34.25 44.56
C LYS A 410 35.89 35.14 44.91
N GLY A 411 35.87 36.37 44.38
CA GLY A 411 36.75 37.43 44.83
C GLY A 411 38.23 37.23 44.62
N LEU A 412 38.61 36.42 43.64
CA LEU A 412 40.00 35.98 43.51
C LEU A 412 40.87 37.12 42.97
N ASN A 413 42.11 37.19 43.47
CA ASN A 413 43.10 38.17 43.02
C ASN A 413 44.48 37.53 43.04
N LEU A 414 44.98 37.15 41.86
CA LEU A 414 46.33 36.62 41.72
C LEU A 414 47.02 37.30 40.55
N LYS A 415 48.32 37.55 40.70
CA LYS A 415 49.13 38.21 39.69
C LYS A 415 50.34 37.37 39.39
N VAL A 416 50.89 37.53 38.18
CA VAL A 416 52.10 36.85 37.75
C VAL A 416 52.88 37.84 36.89
N LYS A 417 54.19 37.62 36.74
CA LYS A 417 55.06 38.31 35.79
C LYS A 417 55.69 37.27 34.85
N SER A 418 56.61 37.72 34.00
CA SER A 418 57.16 36.86 32.95
C SER A 418 58.11 35.82 33.53
N GLY A 419 57.95 34.58 33.08
CA GLY A 419 58.80 33.48 33.48
C GLY A 419 58.51 32.90 34.85
N GLN A 420 57.65 33.54 35.65
CA GLN A 420 57.45 33.15 37.04
C GLN A 420 56.58 31.91 37.11
N THR A 421 57.20 30.77 37.40
CA THR A 421 56.50 29.50 37.48
C THR A 421 55.74 29.43 38.80
N VAL A 422 54.48 29.76 38.76
CA VAL A 422 53.65 29.73 39.95
C VAL A 422 53.01 28.35 40.05
N ALA A 423 52.96 27.83 41.27
CA ALA A 423 52.23 26.61 41.55
C ALA A 423 51.22 26.91 42.64
N LEU A 424 50.18 26.08 42.72
CA LEU A 424 49.17 26.23 43.75
C LEU A 424 48.83 24.86 44.31
N VAL A 425 48.67 24.77 45.63
CA VAL A 425 48.29 23.55 46.34
C VAL A 425 47.24 23.96 47.38
N GLY A 426 46.31 23.04 47.66
CA GLY A 426 45.31 23.28 48.69
C GLY A 426 44.22 22.21 48.75
N ASN A 427 42.97 22.65 48.75
CA ASN A 427 41.85 21.74 48.89
C ASN A 427 41.60 20.95 47.61
N SER A 428 40.83 19.88 47.74
CA SER A 428 40.72 18.84 46.72
C SER A 428 39.67 19.21 45.69
N GLY A 429 40.11 19.49 44.45
CA GLY A 429 39.23 19.58 43.31
C GLY A 429 38.34 20.79 43.23
N CYS A 430 38.47 21.74 44.15
CA CYS A 430 37.57 22.90 44.13
C CYS A 430 38.08 23.96 43.16
N GLY A 431 39.24 24.55 43.45
CA GLY A 431 39.73 25.64 42.64
C GLY A 431 40.96 25.29 41.83
N LYS A 432 41.37 24.01 41.87
CA LYS A 432 42.56 23.61 41.14
C LYS A 432 42.31 23.52 39.64
N SER A 433 41.05 23.40 39.22
CA SER A 433 40.74 23.24 37.81
C SER A 433 39.93 24.36 37.22
N THR A 434 39.32 25.20 38.05
CA THR A 434 38.43 26.21 37.52
C THR A 434 39.20 27.34 36.87
N THR A 435 40.35 27.73 37.44
CA THR A 435 41.12 28.78 36.80
C THR A 435 41.92 28.27 35.60
N VAL A 436 42.34 27.00 35.60
CA VAL A 436 42.99 26.44 34.42
C VAL A 436 41.98 26.27 33.29
N GLN A 437 40.69 26.22 33.61
CA GLN A 437 39.68 26.29 32.56
C GLN A 437 39.33 27.71 32.19
N LEU A 438 39.35 28.64 33.15
CA LEU A 438 39.02 30.02 32.86
C LEU A 438 40.11 30.72 32.05
N MET A 439 41.33 30.17 32.02
CA MET A 439 42.38 30.81 31.25
C MET A 439 42.18 30.64 29.75
N GLN A 440 41.57 29.54 29.32
CA GLN A 440 41.29 29.35 27.91
C GLN A 440 39.99 30.02 27.49
N ARG A 441 39.33 30.74 28.41
CA ARG A 441 37.96 31.23 28.29
C ARG A 441 37.01 30.12 27.87
N LEU A 442 36.94 29.10 28.72
CA LEU A 442 35.86 28.15 28.58
C LEU A 442 34.59 28.63 29.22
N TYR A 443 34.68 29.66 30.07
CA TYR A 443 33.50 30.21 30.70
C TYR A 443 33.71 31.70 30.84
N ASP A 444 32.66 32.40 30.87
CA ASP A 444 32.80 33.79 31.27
C ASP A 444 32.62 33.92 32.77
N PRO A 445 33.29 34.88 33.40
CA PRO A 445 32.98 35.20 34.80
C PRO A 445 31.65 35.92 34.90
N LEU A 446 30.84 35.51 35.88
CA LEU A 446 29.59 36.22 36.14
C LEU A 446 29.86 37.62 36.68
N ASP A 447 30.96 37.77 37.41
CA ASP A 447 31.42 39.08 37.86
C ASP A 447 32.94 39.07 37.83
N GLY A 448 33.53 40.25 37.71
CA GLY A 448 34.96 40.37 37.58
C GLY A 448 35.42 40.30 36.14
N MET A 449 36.71 40.60 35.94
CA MET A 449 37.28 40.71 34.60
C MET A 449 38.77 40.39 34.65
N VAL A 450 39.13 39.18 34.26
CA VAL A 450 40.52 38.82 34.08
C VAL A 450 41.08 39.53 32.87
N SER A 451 42.29 40.07 32.99
CA SER A 451 42.90 40.85 31.93
C SER A 451 44.33 40.37 31.70
N ILE A 452 44.62 39.95 30.49
CA ILE A 452 45.95 39.48 30.14
C ILE A 452 46.79 40.69 29.70
N ASP A 453 47.92 40.92 30.38
CA ASP A 453 48.92 41.94 30.03
C ASP A 453 48.32 43.36 30.06
N GLY A 454 47.38 43.58 30.98
CA GLY A 454 46.67 44.84 31.01
C GLY A 454 45.72 45.02 29.85
N GLN A 455 45.18 43.92 29.32
CA GLN A 455 44.31 43.92 28.16
C GLN A 455 43.24 42.85 28.36
N ASP A 456 42.01 43.18 27.99
CA ASP A 456 40.85 42.37 28.35
C ASP A 456 40.88 41.00 27.66
N ILE A 457 40.44 39.99 28.39
CA ILE A 457 40.46 38.63 27.84
C ILE A 457 39.28 38.38 26.91
N ARG A 458 38.22 39.19 26.99
CA ARG A 458 37.04 38.97 26.16
C ARG A 458 37.00 39.91 24.96
N THR A 459 38.07 40.66 24.71
CA THR A 459 38.19 41.45 23.50
C THR A 459 39.27 40.94 22.57
N ILE A 460 40.06 39.97 23.00
CA ILE A 460 40.95 39.28 22.07
C ILE A 460 40.10 38.37 21.20
N ASN A 461 40.55 38.15 19.97
CA ASN A 461 39.94 37.12 19.15
C ASN A 461 40.17 35.76 19.80
N VAL A 462 39.06 35.03 19.99
CA VAL A 462 39.07 33.85 20.84
C VAL A 462 39.88 32.73 20.20
N ARG A 463 39.90 32.70 18.87
CA ARG A 463 40.81 31.81 18.17
C ARG A 463 42.25 32.17 18.46
N TYR A 464 42.58 33.47 18.40
CA TYR A 464 43.94 33.91 18.72
C TYR A 464 44.25 33.74 20.20
N LEU A 465 43.24 33.91 21.07
CA LEU A 465 43.45 33.76 22.51
C LEU A 465 43.78 32.33 22.86
N ARG A 466 43.12 31.37 22.23
CA ARG A 466 43.45 29.98 22.43
C ARG A 466 44.58 29.52 21.52
N GLU A 467 45.09 30.39 20.65
CA GLU A 467 46.30 30.04 19.91
C GLU A 467 47.55 30.23 20.76
N ILE A 468 47.57 31.22 21.66
CA ILE A 468 48.78 31.55 22.40
C ILE A 468 48.95 30.79 23.71
N ILE A 469 47.90 30.16 24.21
CA ILE A 469 47.92 29.46 25.50
C ILE A 469 47.86 27.97 25.23
N GLY A 470 48.86 27.23 25.69
CA GLY A 470 48.83 25.79 25.67
C GLY A 470 48.49 25.25 27.05
N VAL A 471 48.07 23.98 27.07
CA VAL A 471 47.63 23.28 28.28
C VAL A 471 47.92 21.80 28.04
N VAL A 472 48.21 21.06 29.11
CA VAL A 472 48.24 19.60 29.08
C VAL A 472 47.21 19.09 30.07
N SER A 473 46.33 18.20 29.63
CA SER A 473 45.21 17.75 30.45
C SER A 473 45.67 16.74 31.50
N GLN A 474 44.74 16.43 32.40
CA GLN A 474 45.00 15.45 33.44
C GLN A 474 45.10 14.05 32.85
N GLU A 475 44.02 13.57 32.26
CA GLU A 475 44.08 12.31 31.53
C GLU A 475 44.09 12.61 30.03
N PRO A 476 45.17 12.37 29.31
CA PRO A 476 45.19 12.66 27.88
C PRO A 476 44.47 11.57 27.10
N VAL A 477 43.54 11.98 26.26
CA VAL A 477 42.91 11.09 25.29
C VAL A 477 43.64 11.25 23.98
N LEU A 478 43.72 10.16 23.22
CA LEU A 478 44.49 10.15 22.00
C LEU A 478 43.63 9.64 20.87
N PHE A 479 43.73 10.28 19.71
CA PHE A 479 42.91 9.94 18.57
C PHE A 479 43.44 8.68 17.89
N ALA A 480 42.52 7.87 17.37
CA ALA A 480 42.85 6.58 16.75
C ALA A 480 43.38 6.80 15.33
N THR A 481 44.56 7.40 15.26
CA THR A 481 45.23 7.73 14.00
C THR A 481 46.70 7.37 14.20
N THR A 482 47.57 7.82 13.29
CA THR A 482 49.00 7.57 13.39
C THR A 482 49.62 8.49 14.44
N ILE A 483 50.92 8.31 14.64
CA ILE A 483 51.65 9.18 15.57
C ILE A 483 51.79 10.58 14.99
N ALA A 484 52.29 10.67 13.75
CA ALA A 484 52.57 11.96 13.12
C ALA A 484 51.31 12.78 12.93
N GLU A 485 50.18 12.12 12.63
CA GLU A 485 48.91 12.83 12.51
C GLU A 485 48.44 13.35 13.87
N ASN A 486 48.80 12.66 14.97
CA ASN A 486 48.51 13.20 16.29
C ASN A 486 49.36 14.41 16.61
N ILE A 487 50.58 14.48 16.08
CA ILE A 487 51.31 15.74 16.24
C ILE A 487 50.74 16.81 15.30
N ARG A 488 50.16 16.40 14.16
CA ARG A 488 49.62 17.36 13.19
C ARG A 488 48.46 18.18 13.75
N TYR A 489 47.79 17.70 14.79
CA TYR A 489 46.72 18.47 15.41
C TYR A 489 47.24 19.65 16.21
N GLY A 490 48.54 19.68 16.52
CA GLY A 490 49.11 20.84 17.18
C GLY A 490 49.13 22.05 16.26
N ARG A 491 49.62 21.87 15.04
CA ARG A 491 49.57 22.92 14.04
C ARG A 491 49.60 22.26 12.66
N GLU A 492 48.84 22.82 11.74
CA GLU A 492 48.71 22.26 10.41
C GLU A 492 49.74 22.78 9.42
N ASP A 493 50.69 23.58 9.88
CA ASP A 493 51.76 24.09 9.02
C ASP A 493 53.13 23.58 9.44
N VAL A 494 53.17 22.59 10.31
CA VAL A 494 54.42 22.10 10.86
C VAL A 494 55.09 21.15 9.87
N THR A 495 56.41 21.14 9.89
CA THR A 495 57.21 20.21 9.10
C THR A 495 57.74 19.10 9.99
N MET A 496 58.15 18.00 9.35
CA MET A 496 58.58 16.82 10.07
C MET A 496 59.89 17.03 10.82
N ASP A 497 60.72 17.98 10.39
CA ASP A 497 61.94 18.31 11.13
C ASP A 497 61.60 18.90 12.49
N GLU A 498 60.61 19.80 12.52
CA GLU A 498 60.15 20.36 13.79
C GLU A 498 59.53 19.30 14.68
N ILE A 499 58.81 18.35 14.08
CA ILE A 499 58.17 17.27 14.84
C ILE A 499 59.23 16.35 15.46
N GLU A 500 60.27 16.01 14.68
CA GLU A 500 61.32 15.13 15.18
C GLU A 500 62.15 15.80 16.25
N LYS A 501 62.46 17.09 16.07
CA LYS A 501 63.19 17.80 17.11
C LYS A 501 62.32 18.08 18.33
N ALA A 502 61.00 18.07 18.19
CA ALA A 502 60.14 18.22 19.35
C ALA A 502 60.00 16.93 20.13
N VAL A 503 59.86 15.78 19.45
CA VAL A 503 59.72 14.52 20.17
C VAL A 503 61.05 14.11 20.79
N LYS A 504 62.17 14.49 20.18
CA LYS A 504 63.43 14.36 20.89
C LYS A 504 63.57 15.42 21.97
N GLU A 505 62.92 16.57 21.78
CA GLU A 505 63.01 17.66 22.74
C GLU A 505 62.16 17.40 23.97
N ALA A 506 61.03 16.71 23.82
CA ALA A 506 60.10 16.46 24.91
C ALA A 506 60.37 15.17 25.66
N ASN A 507 61.55 14.57 25.46
CA ASN A 507 61.98 13.34 26.13
C ASN A 507 60.98 12.21 25.89
N ALA A 508 60.82 11.86 24.62
CA ALA A 508 59.88 10.81 24.24
C ALA A 508 60.49 9.83 23.25
N TYR A 509 61.77 9.98 22.92
CA TYR A 509 62.32 9.27 21.78
C TYR A 509 62.71 7.84 22.09
N ASP A 510 62.79 7.45 23.36
CA ASP A 510 63.29 6.12 23.71
C ASP A 510 62.31 5.02 23.31
N PHE A 511 61.05 5.13 23.71
CA PHE A 511 60.09 4.11 23.32
C PHE A 511 59.68 4.26 21.86
N ILE A 512 59.64 5.49 21.35
CA ILE A 512 59.17 5.71 19.98
C ILE A 512 60.26 5.38 18.96
N MET A 513 61.51 5.17 19.40
CA MET A 513 62.51 4.62 18.49
C MET A 513 62.57 3.11 18.54
N LYS A 514 61.82 2.47 19.44
CA LYS A 514 61.57 1.04 19.40
C LYS A 514 60.32 0.71 18.61
N LEU A 515 59.86 1.65 17.79
CA LEU A 515 58.61 1.53 17.05
C LEU A 515 58.76 0.51 15.92
N PRO A 516 57.62 -0.05 15.42
CA PRO A 516 57.72 -1.00 14.29
C PRO A 516 58.33 -0.45 13.01
N HIS A 517 57.74 0.57 12.38
CA HIS A 517 58.34 1.09 11.16
C HIS A 517 58.68 2.57 11.24
N GLN A 518 57.70 3.44 11.50
CA GLN A 518 57.85 4.89 11.34
C GLN A 518 56.63 5.51 12.04
N PHE A 519 56.47 6.83 11.91
CA PHE A 519 55.41 7.62 12.53
C PHE A 519 54.01 7.32 12.01
N ASP A 520 53.87 6.43 11.02
CA ASP A 520 52.58 5.93 10.57
C ASP A 520 52.09 4.74 11.41
N THR A 521 52.67 4.55 12.60
CA THR A 521 52.29 3.45 13.46
C THR A 521 50.89 3.70 14.02
N LEU A 522 50.01 2.71 13.87
CA LEU A 522 48.64 2.83 14.37
C LEU A 522 48.67 2.82 15.90
N VAL A 523 48.18 3.90 16.49
CA VAL A 523 48.12 4.01 17.93
C VAL A 523 46.69 4.36 18.32
N GLY A 524 46.17 3.67 19.33
CA GLY A 524 44.81 3.92 19.77
C GLY A 524 44.29 2.74 20.57
N GLU A 525 43.00 2.82 20.90
CA GLU A 525 42.36 1.72 21.62
C GLU A 525 42.16 0.50 20.74
N ARG A 526 42.20 0.67 19.42
CA ARG A 526 42.22 -0.43 18.47
C ARG A 526 43.62 -0.72 17.92
N GLY A 527 44.60 0.11 18.26
CA GLY A 527 45.96 -0.09 17.83
C GLY A 527 46.82 -0.68 18.93
N ALA A 528 48.04 -0.17 19.05
CA ALA A 528 48.95 -0.58 20.11
C ALA A 528 48.51 0.07 21.42
N GLN A 529 48.12 -0.75 22.40
CA GLN A 529 47.64 -0.24 23.68
C GLN A 529 48.83 0.27 24.48
N LEU A 530 49.03 1.58 24.45
CA LEU A 530 50.23 2.20 25.00
C LEU A 530 50.07 2.43 26.50
N SER A 531 51.05 3.11 27.09
CA SER A 531 51.04 3.46 28.50
C SER A 531 50.57 4.90 28.67
N GLY A 532 50.23 5.25 29.90
CA GLY A 532 49.69 6.57 30.18
C GLY A 532 50.74 7.66 30.10
N GLY A 533 51.97 7.36 30.53
CA GLY A 533 53.02 8.35 30.48
C GLY A 533 53.49 8.66 29.08
N GLN A 534 53.43 7.68 28.18
CA GLN A 534 53.81 7.92 26.80
C GLN A 534 52.83 8.85 26.09
N LYS A 535 51.53 8.57 26.23
CA LYS A 535 50.51 9.48 25.72
C LYS A 535 50.58 10.84 26.40
N GLN A 536 50.96 10.86 27.69
CA GLN A 536 51.12 12.11 28.43
C GLN A 536 52.22 12.97 27.82
N ARG A 537 53.37 12.36 27.57
CA ARG A 537 54.47 13.14 27.04
C ARG A 537 54.31 13.47 25.56
N ILE A 538 53.55 12.67 24.80
CA ILE A 538 53.24 13.12 23.45
C ILE A 538 52.21 14.26 23.47
N ALA A 539 51.33 14.30 24.49
CA ALA A 539 50.42 15.44 24.61
C ALA A 539 51.15 16.73 24.98
N ILE A 540 52.14 16.66 25.88
CA ILE A 540 52.95 17.85 26.13
C ILE A 540 53.78 18.19 24.89
N ALA A 541 54.18 17.18 24.11
CA ALA A 541 54.87 17.43 22.84
C ALA A 541 53.98 18.18 21.86
N ARG A 542 52.69 17.83 21.81
CA ARG A 542 51.75 18.57 20.98
C ARG A 542 51.62 20.01 21.46
N ALA A 543 51.54 20.20 22.78
CA ALA A 543 51.54 21.55 23.34
C ALA A 543 52.83 22.30 23.09
N LEU A 544 53.95 21.59 22.89
CA LEU A 544 55.21 22.28 22.58
C LEU A 544 55.28 22.68 21.12
N VAL A 545 54.72 21.86 20.23
CA VAL A 545 54.63 22.25 18.83
C VAL A 545 53.67 23.42 18.68
N ARG A 546 52.70 23.56 19.60
CA ARG A 546 51.88 24.76 19.63
C ARG A 546 52.69 26.02 19.94
N ASN A 547 53.86 25.88 20.59
CA ASN A 547 54.73 26.97 21.08
C ASN A 547 53.94 27.92 21.96
N PRO A 548 53.60 27.51 23.19
CA PRO A 548 52.71 28.31 24.01
C PRO A 548 53.44 29.49 24.65
N LYS A 549 52.65 30.45 25.10
CA LYS A 549 53.22 31.59 25.80
C LYS A 549 52.85 31.61 27.26
N ILE A 550 51.67 31.12 27.61
CA ILE A 550 51.29 30.94 29.00
C ILE A 550 51.04 29.46 29.19
N LEU A 551 52.09 28.72 29.54
CA LEU A 551 51.98 27.29 29.64
C LEU A 551 51.26 26.91 30.92
N LEU A 552 50.34 25.97 30.83
CA LEU A 552 49.55 25.54 31.96
C LEU A 552 49.68 24.03 32.10
N LEU A 553 49.74 23.54 33.33
CA LEU A 553 49.88 22.12 33.60
C LEU A 553 48.97 21.77 34.75
N ASP A 554 48.08 20.81 34.55
CA ASP A 554 47.17 20.40 35.62
C ASP A 554 47.27 18.89 35.81
N GLN A 555 48.08 18.46 36.78
CA GLN A 555 48.13 17.10 37.31
C GLN A 555 48.52 16.09 36.22
N ALA A 556 49.76 16.23 35.75
CA ALA A 556 50.33 15.36 34.74
C ALA A 556 50.80 14.01 35.29
N THR A 557 50.54 13.71 36.56
CA THR A 557 50.98 12.48 37.22
C THR A 557 49.82 11.89 38.03
N SER A 558 48.69 11.69 37.35
CA SER A 558 47.49 11.18 38.02
C SER A 558 47.69 9.75 38.51
N ALA A 559 48.01 8.83 37.60
CA ALA A 559 48.24 7.43 37.95
C ALA A 559 49.49 6.91 37.26
N LEU A 560 50.55 7.71 37.27
CA LEU A 560 51.80 7.38 36.61
C LEU A 560 52.81 6.80 37.60
N ASP A 561 53.58 5.82 37.14
CA ASP A 561 54.60 5.19 37.97
C ASP A 561 55.75 6.15 38.22
N THR A 562 56.48 5.89 39.31
CA THR A 562 57.55 6.76 39.78
C THR A 562 58.76 6.75 38.84
N GLU A 563 58.95 5.68 38.06
CA GLU A 563 60.07 5.64 37.12
C GLU A 563 59.83 6.50 35.89
N SER A 564 58.58 6.86 35.60
CA SER A 564 58.31 7.71 34.45
C SER A 564 57.99 9.14 34.85
N GLU A 565 57.57 9.36 36.09
CA GLU A 565 57.28 10.72 36.54
C GLU A 565 58.55 11.56 36.62
N ALA A 566 59.69 10.92 36.86
CA ALA A 566 60.95 11.66 36.91
C ALA A 566 61.35 12.17 35.53
N VAL A 567 61.23 11.33 34.51
CA VAL A 567 61.65 11.78 33.19
C VAL A 567 60.60 12.72 32.56
N VAL A 568 59.31 12.55 32.87
CA VAL A 568 58.36 13.52 32.33
C VAL A 568 58.47 14.85 33.09
N GLN A 569 58.85 14.80 34.38
CA GLN A 569 59.10 16.02 35.11
C GLN A 569 60.36 16.71 34.59
N ALA A 570 61.36 15.91 34.20
CA ALA A 570 62.55 16.45 33.56
C ALA A 570 62.20 17.13 32.25
N ALA A 571 61.33 16.49 31.45
CA ALA A 571 60.94 17.05 30.15
C ALA A 571 60.17 18.35 30.29
N LEU A 572 59.18 18.37 31.19
CA LEU A 572 58.44 19.60 31.40
C LEU A 572 59.30 20.64 32.11
N ASP A 573 60.37 20.23 32.80
CA ASP A 573 61.32 21.19 33.33
C ASP A 573 62.25 21.75 32.26
N LYS A 574 62.53 20.99 31.21
CA LYS A 574 63.19 21.58 30.03
C LYS A 574 62.26 22.59 29.37
N ALA A 575 60.97 22.31 29.33
CA ALA A 575 60.04 23.19 28.64
C ALA A 575 59.75 24.48 29.40
N ARG A 576 60.11 24.60 30.68
CA ARG A 576 59.65 25.71 31.50
C ARG A 576 60.38 27.02 31.25
N GLU A 577 61.51 27.01 30.56
CA GLU A 577 62.33 28.19 30.43
C GLU A 577 61.72 29.12 29.37
N GLY A 578 61.19 30.25 29.82
CA GLY A 578 60.75 31.31 28.91
C GLY A 578 59.26 31.52 28.85
N ARG A 579 58.47 30.76 29.61
CA ARG A 579 57.02 30.83 29.54
C ARG A 579 56.44 31.05 30.92
N THR A 580 55.31 31.75 30.94
CA THR A 580 54.59 32.02 32.17
C THR A 580 53.88 30.75 32.65
N THR A 581 54.59 29.91 33.37
CA THR A 581 54.16 28.54 33.64
C THR A 581 53.29 28.47 34.90
N ILE A 582 52.21 27.70 34.82
CA ILE A 582 51.37 27.41 35.98
C ILE A 582 51.26 25.89 36.08
N VAL A 583 51.92 25.30 37.07
CA VAL A 583 51.92 23.86 37.27
C VAL A 583 51.08 23.55 38.49
N ILE A 584 50.04 22.76 38.31
CA ILE A 584 49.17 22.32 39.39
C ILE A 584 49.17 20.80 39.35
N ALA A 585 49.99 20.15 40.17
CA ALA A 585 50.11 18.71 40.07
C ALA A 585 50.39 18.11 41.45
N HIS A 586 50.48 16.78 41.47
CA HIS A 586 50.94 16.03 42.62
C HIS A 586 52.47 15.95 42.60
N ARG A 587 53.05 15.05 43.41
CA ARG A 587 54.50 14.94 43.65
C ARG A 587 55.04 16.28 44.17
N LEU A 588 54.62 16.59 45.39
CA LEU A 588 54.85 17.89 46.00
C LEU A 588 56.30 18.06 46.41
N SER A 589 57.20 18.10 45.42
CA SER A 589 58.63 18.27 45.62
C SER A 589 59.16 19.40 44.74
N THR A 590 58.58 19.55 43.55
CA THR A 590 58.86 20.67 42.68
C THR A 590 58.09 21.92 43.12
N VAL A 591 57.31 21.82 44.20
CA VAL A 591 56.82 23.00 44.90
C VAL A 591 57.99 23.79 45.48
N ARG A 592 59.08 23.09 45.84
CA ARG A 592 60.29 23.76 46.33
C ARG A 592 60.96 24.58 45.23
N ASN A 593 61.06 24.02 44.02
CA ASN A 593 61.68 24.72 42.90
C ASN A 593 60.78 25.78 42.30
N ALA A 594 59.49 25.77 42.62
CA ALA A 594 58.56 26.75 42.08
C ALA A 594 58.81 28.13 42.68
N ASP A 595 58.30 29.15 41.99
CA ASP A 595 58.62 30.51 42.40
C ASP A 595 57.71 31.01 43.52
N VAL A 596 56.40 31.08 43.26
CA VAL A 596 55.45 31.62 44.22
C VAL A 596 54.29 30.64 44.38
N ILE A 597 53.90 30.38 45.63
CA ILE A 597 52.89 29.39 45.96
C ILE A 597 51.65 30.12 46.45
N ALA A 598 50.49 29.47 46.33
CA ALA A 598 49.25 30.01 46.85
C ALA A 598 48.37 28.87 47.33
N GLY A 599 47.41 29.20 48.19
CA GLY A 599 46.59 28.19 48.83
C GLY A 599 45.11 28.53 48.82
N PHE A 600 44.29 27.52 48.58
CA PHE A 600 42.84 27.71 48.50
C PHE A 600 42.23 27.77 49.88
N ASP A 601 41.37 28.77 50.12
CA ASP A 601 40.66 28.91 51.40
C ASP A 601 39.22 29.34 51.10
N GLY A 602 38.33 28.36 50.92
CA GLY A 602 36.92 28.64 50.73
C GLY A 602 36.59 29.39 49.45
N GLY A 603 37.40 29.23 48.41
CA GLY A 603 37.22 29.98 47.21
C GLY A 603 37.86 31.35 47.19
N VAL A 604 38.54 31.74 48.27
CA VAL A 604 39.29 32.99 48.33
C VAL A 604 40.72 32.64 48.71
N ILE A 605 41.65 32.89 47.80
CA ILE A 605 43.06 32.58 48.03
C ILE A 605 43.72 33.77 48.71
N VAL A 606 44.19 33.57 49.94
CA VAL A 606 44.78 34.64 50.73
C VAL A 606 46.23 34.40 51.12
N GLU A 607 46.74 33.17 51.03
CA GLU A 607 48.13 32.88 51.38
C GLU A 607 49.00 32.99 50.14
N GLN A 608 50.05 33.79 50.23
CA GLN A 608 50.97 34.00 49.11
C GLN A 608 52.40 34.12 49.66
N GLY A 609 53.33 33.41 49.01
CA GLY A 609 54.72 33.48 49.41
C GLY A 609 55.51 32.39 48.74
N ASN A 610 56.80 32.36 49.06
CA ASN A 610 57.73 31.39 48.49
C ASN A 610 57.71 30.13 49.35
N HIS A 611 58.71 29.25 49.20
CA HIS A 611 58.69 27.95 49.88
C HIS A 611 58.90 28.10 51.39
N ASP A 612 60.04 28.68 51.79
CA ASP A 612 60.34 28.79 53.21
C ASP A 612 59.44 29.80 53.91
N GLU A 613 58.93 30.77 53.15
CA GLU A 613 57.93 31.68 53.72
C GLU A 613 56.64 30.93 54.06
N LEU A 614 56.19 30.03 53.18
CA LEU A 614 55.05 29.17 53.50
C LEU A 614 55.40 28.18 54.61
N MET A 615 56.68 27.83 54.76
CA MET A 615 57.06 27.00 55.91
C MET A 615 56.89 27.77 57.22
N ARG A 616 57.28 29.05 57.25
CA ARG A 616 57.06 29.79 58.49
C ARG A 616 55.65 30.37 58.61
N GLU A 617 54.78 30.27 57.59
CA GLU A 617 53.38 30.69 57.80
C GLU A 617 52.64 29.72 58.72
N LYS A 618 52.96 28.43 58.62
CA LYS A 618 52.40 27.34 59.46
C LYS A 618 50.88 27.25 59.31
N GLY A 619 50.45 27.06 58.07
CA GLY A 619 49.03 26.92 57.77
C GLY A 619 48.66 25.53 57.30
N ILE A 620 48.09 25.44 56.10
CA ILE A 620 47.75 24.14 55.52
C ILE A 620 49.02 23.45 55.02
N TYR A 621 50.01 24.23 54.57
CA TYR A 621 51.27 23.70 54.06
C TYR A 621 52.03 22.93 55.12
N PHE A 622 51.91 23.33 56.38
CA PHE A 622 52.48 22.56 57.47
C PHE A 622 51.77 21.21 57.63
N LYS A 623 50.46 21.17 57.39
CA LYS A 623 49.73 19.91 57.42
C LYS A 623 50.13 19.01 56.25
N LEU A 624 50.42 19.61 55.09
CA LEU A 624 50.89 18.82 53.95
C LEU A 624 52.25 18.19 54.22
N VAL A 625 53.18 18.99 54.74
CA VAL A 625 54.50 18.41 55.04
C VAL A 625 54.48 17.55 56.30
N MET A 626 53.43 17.61 57.10
CA MET A 626 53.28 16.67 58.20
C MET A 626 52.72 15.34 57.70
N THR A 627 51.81 15.37 56.72
CA THR A 627 51.19 14.14 56.24
C THR A 627 52.05 13.42 55.21
N GLN A 628 52.42 14.09 54.11
CA GLN A 628 53.13 13.39 53.02
C GLN A 628 54.60 13.21 53.37
N THR A 629 55.32 14.33 53.46
CA THR A 629 56.76 14.34 53.66
C THR A 629 57.19 15.71 54.17
N PRO A 693 26.45 -23.41 5.51
CA PRO A 693 25.67 -24.64 5.42
C PRO A 693 24.21 -24.44 5.79
N ALA A 694 23.32 -24.57 4.81
CA ALA A 694 21.90 -24.32 5.05
C ALA A 694 21.22 -25.51 5.72
N SER A 695 21.13 -26.63 4.99
CA SER A 695 20.51 -27.89 5.42
C SER A 695 19.09 -27.67 5.93
N PHE A 696 18.21 -27.30 4.98
CA PHE A 696 16.87 -26.82 5.29
C PHE A 696 16.03 -27.85 6.03
N TRP A 697 16.31 -29.14 5.84
CA TRP A 697 15.58 -30.15 6.60
C TRP A 697 15.94 -30.13 8.07
N ARG A 698 17.14 -29.66 8.43
CA ARG A 698 17.52 -29.57 9.83
C ARG A 698 16.81 -28.41 10.52
N ILE A 699 16.62 -27.31 9.80
CA ILE A 699 15.93 -26.16 10.39
C ILE A 699 14.48 -26.50 10.66
N LEU A 700 13.85 -27.31 9.81
CA LEU A 700 12.53 -27.82 10.12
C LEU A 700 12.58 -28.90 11.18
N LYS A 701 13.69 -29.64 11.26
CA LYS A 701 13.84 -30.68 12.26
C LYS A 701 13.92 -30.08 13.67
N LEU A 702 14.34 -28.82 13.76
CA LEU A 702 14.23 -28.06 15.00
C LEU A 702 12.79 -27.88 15.48
N ASN A 703 11.82 -27.97 14.58
CA ASN A 703 10.41 -27.77 14.93
C ASN A 703 9.62 -29.07 14.84
N SER A 704 10.22 -30.18 15.25
CA SER A 704 9.56 -31.47 15.13
C SER A 704 8.59 -31.74 16.26
N THR A 705 8.27 -30.76 17.09
CA THR A 705 7.28 -30.99 18.13
C THR A 705 5.94 -30.35 17.84
N GLU A 706 5.89 -29.38 16.92
CA GLU A 706 4.68 -28.62 16.65
C GLU A 706 4.07 -28.95 15.29
N TRP A 707 4.25 -30.15 14.79
CA TRP A 707 3.59 -30.58 13.56
C TRP A 707 2.05 -30.61 13.59
N PRO A 708 1.34 -30.71 14.72
CA PRO A 708 -0.11 -30.44 14.66
C PRO A 708 -0.48 -29.00 14.42
N TYR A 709 0.47 -28.08 14.39
CA TYR A 709 0.23 -26.75 13.87
C TYR A 709 0.57 -26.66 12.39
N PHE A 710 1.63 -27.34 11.96
CA PHE A 710 2.06 -27.26 10.58
C PHE A 710 1.10 -27.96 9.63
N VAL A 711 0.43 -29.01 10.10
CA VAL A 711 -0.50 -29.73 9.23
C VAL A 711 -1.70 -28.85 8.90
N VAL A 712 -2.33 -28.25 9.91
CA VAL A 712 -3.44 -27.35 9.65
C VAL A 712 -2.95 -26.07 8.99
N GLY A 713 -1.68 -25.70 9.21
CA GLY A 713 -1.14 -24.54 8.53
C GLY A 713 -1.00 -24.71 7.03
N ILE A 714 -0.39 -25.82 6.58
CA ILE A 714 -0.25 -25.97 5.14
C ILE A 714 -1.55 -26.42 4.48
N PHE A 715 -2.41 -27.12 5.21
CA PHE A 715 -3.72 -27.46 4.66
C PHE A 715 -4.59 -26.22 4.54
N CYS A 716 -4.34 -25.21 5.37
CA CYS A 716 -5.02 -23.94 5.24
C CYS A 716 -4.36 -23.06 4.18
N ALA A 717 -3.05 -23.19 3.99
CA ALA A 717 -2.36 -22.33 3.03
C ALA A 717 -2.63 -22.73 1.60
N ILE A 718 -2.83 -24.03 1.33
CA ILE A 718 -3.15 -24.43 -0.04
C ILE A 718 -4.56 -23.96 -0.42
N ILE A 719 -5.50 -23.98 0.52
CA ILE A 719 -6.82 -23.45 0.28
C ILE A 719 -6.78 -21.95 0.08
N ASN A 720 -5.99 -21.23 0.88
CA ASN A 720 -5.95 -19.78 0.77
C ASN A 720 -5.16 -19.30 -0.42
N GLY A 721 -4.28 -20.12 -0.97
CA GLY A 721 -3.53 -19.71 -2.13
C GLY A 721 -4.04 -20.40 -3.35
N GLY A 722 -5.27 -20.86 -3.30
CA GLY A 722 -5.82 -21.53 -4.46
C GLY A 722 -7.09 -20.86 -4.93
N LEU A 723 -7.55 -19.88 -4.18
CA LEU A 723 -8.77 -19.17 -4.55
C LEU A 723 -8.50 -17.94 -5.38
N GLN A 724 -7.32 -17.82 -5.95
CA GLN A 724 -7.20 -16.85 -7.03
C GLN A 724 -7.66 -17.44 -8.37
N PRO A 725 -7.36 -18.70 -8.75
CA PRO A 725 -8.04 -19.25 -9.93
C PRO A 725 -9.54 -19.45 -9.76
N ALA A 726 -10.04 -19.62 -8.54
CA ALA A 726 -11.48 -19.64 -8.36
C ALA A 726 -12.08 -18.28 -8.65
N PHE A 727 -11.40 -17.21 -8.25
CA PHE A 727 -11.88 -15.88 -8.62
C PHE A 727 -11.78 -15.65 -10.11
N SER A 728 -10.74 -16.19 -10.75
CA SER A 728 -10.61 -16.04 -12.18
C SER A 728 -11.73 -16.75 -12.94
N VAL A 729 -12.08 -17.96 -12.53
CA VAL A 729 -13.13 -18.69 -13.23
C VAL A 729 -14.50 -18.07 -12.96
N ILE A 730 -14.75 -17.57 -11.75
CA ILE A 730 -16.05 -16.97 -11.51
C ILE A 730 -16.18 -15.62 -12.23
N PHE A 731 -15.11 -14.83 -12.29
CA PHE A 731 -15.13 -13.58 -13.05
C PHE A 731 -15.31 -13.83 -14.53
N SER A 732 -14.64 -14.85 -15.05
CA SER A 732 -14.77 -15.19 -16.45
C SER A 732 -16.16 -15.69 -16.79
N LYS A 733 -16.81 -16.44 -15.91
CA LYS A 733 -18.16 -16.89 -16.23
C LYS A 733 -19.18 -15.77 -16.10
N ILE A 734 -19.04 -14.89 -15.10
CA ILE A 734 -20.02 -13.82 -14.96
C ILE A 734 -19.86 -12.76 -16.03
N ILE A 735 -18.71 -12.68 -16.69
CA ILE A 735 -18.68 -11.83 -17.87
C ILE A 735 -19.08 -12.59 -19.12
N GLY A 736 -18.66 -13.85 -19.27
CA GLY A 736 -19.07 -14.64 -20.41
C GLY A 736 -20.53 -15.04 -20.44
N VAL A 737 -21.30 -14.76 -19.39
CA VAL A 737 -22.75 -14.91 -19.48
C VAL A 737 -23.38 -13.76 -20.27
N PHE A 738 -22.62 -12.70 -20.56
CA PHE A 738 -23.16 -11.58 -21.30
C PHE A 738 -22.66 -11.46 -22.72
N THR A 739 -21.70 -12.27 -23.14
CA THR A 739 -21.36 -12.36 -24.55
C THR A 739 -22.05 -13.53 -25.24
N ARG A 740 -23.19 -13.96 -24.72
CA ARG A 740 -24.01 -14.97 -25.35
C ARG A 740 -25.46 -14.56 -25.25
N ILE A 741 -26.26 -15.06 -26.18
CA ILE A 741 -27.67 -14.75 -26.20
C ILE A 741 -28.40 -15.81 -25.39
N ASP A 742 -29.39 -15.39 -24.60
CA ASP A 742 -30.11 -16.25 -23.66
C ASP A 742 -31.42 -15.55 -23.32
N ASP A 743 -32.21 -16.18 -22.46
CA ASP A 743 -33.45 -15.61 -21.97
C ASP A 743 -33.17 -14.43 -21.05
N PRO A 744 -34.19 -13.71 -20.61
CA PRO A 744 -33.95 -12.77 -19.50
C PRO A 744 -33.85 -13.45 -18.14
N GLU A 745 -34.65 -14.49 -17.91
CA GLU A 745 -34.67 -15.10 -16.59
C GLU A 745 -33.49 -16.03 -16.36
N THR A 746 -33.02 -16.71 -17.41
CA THR A 746 -31.81 -17.50 -17.29
C THR A 746 -30.61 -16.61 -16.97
N LYS A 747 -30.51 -15.46 -17.65
CA LYS A 747 -29.47 -14.51 -17.35
C LYS A 747 -29.59 -13.97 -15.93
N ARG A 748 -30.82 -13.73 -15.47
CA ARG A 748 -31.02 -13.20 -14.12
C ARG A 748 -30.59 -14.19 -13.06
N GLN A 749 -31.00 -15.46 -13.19
CA GLN A 749 -30.64 -16.40 -12.15
C GLN A 749 -29.18 -16.83 -12.22
N ASN A 750 -28.55 -16.83 -13.40
CA ASN A 750 -27.12 -17.11 -13.42
C ASN A 750 -26.31 -15.99 -12.82
N SER A 751 -26.74 -14.75 -13.02
CA SER A 751 -26.04 -13.65 -12.37
C SER A 751 -26.22 -13.67 -10.86
N ASN A 752 -27.41 -14.07 -10.38
CA ASN A 752 -27.61 -14.18 -8.93
C ASN A 752 -26.75 -15.29 -8.33
N LEU A 753 -26.65 -16.42 -9.03
CA LEU A 753 -25.78 -17.50 -8.58
C LEU A 753 -24.32 -17.08 -8.51
N PHE A 754 -23.84 -16.33 -9.50
CA PHE A 754 -22.42 -15.99 -9.47
C PHE A 754 -22.10 -14.89 -8.47
N SER A 755 -23.03 -13.99 -8.19
CA SER A 755 -22.79 -13.05 -7.10
C SER A 755 -22.77 -13.76 -5.74
N LEU A 756 -23.62 -14.78 -5.58
CA LEU A 756 -23.57 -15.58 -4.37
C LEU A 756 -22.23 -16.31 -4.22
N LEU A 757 -21.68 -16.80 -5.33
CA LEU A 757 -20.38 -17.46 -5.25
C LEU A 757 -19.26 -16.48 -4.93
N PHE A 758 -19.38 -15.21 -5.32
CA PHE A 758 -18.41 -14.21 -4.86
C PHE A 758 -18.47 -14.05 -3.36
N LEU A 759 -19.67 -13.97 -2.79
CA LEU A 759 -19.75 -13.77 -1.34
C LEU A 759 -19.22 -14.98 -0.57
N ILE A 760 -19.50 -16.18 -1.08
CA ILE A 760 -19.01 -17.39 -0.43
C ILE A 760 -17.49 -17.48 -0.52
N LEU A 761 -16.91 -17.09 -1.67
CA LEU A 761 -15.47 -17.03 -1.78
C LEU A 761 -14.87 -15.99 -0.85
N GLY A 762 -15.58 -14.91 -0.59
CA GLY A 762 -15.08 -13.90 0.33
C GLY A 762 -15.01 -14.40 1.76
N ILE A 763 -16.07 -15.08 2.22
CA ILE A 763 -16.06 -15.60 3.59
C ILE A 763 -15.02 -16.71 3.76
N ILE A 764 -14.87 -17.57 2.74
CA ILE A 764 -13.88 -18.63 2.82
C ILE A 764 -12.46 -18.06 2.82
N SER A 765 -12.21 -17.01 2.04
CA SER A 765 -10.89 -16.39 2.04
C SER A 765 -10.59 -15.71 3.36
N PHE A 766 -11.59 -15.10 3.99
CA PHE A 766 -11.38 -14.50 5.30
C PHE A 766 -11.02 -15.53 6.35
N ILE A 767 -11.77 -16.63 6.39
CA ILE A 767 -11.53 -17.69 7.37
C ILE A 767 -10.16 -18.32 7.17
N THR A 768 -9.78 -18.52 5.92
CA THR A 768 -8.50 -19.17 5.70
C THR A 768 -7.31 -18.24 5.90
N PHE A 769 -7.47 -16.92 5.68
CA PHE A 769 -6.41 -16.00 6.08
C PHE A 769 -6.26 -15.95 7.59
N PHE A 770 -7.37 -15.96 8.32
CA PHE A 770 -7.31 -15.91 9.77
C PHE A 770 -6.63 -17.15 10.36
N LEU A 771 -6.96 -18.33 9.85
CA LEU A 771 -6.35 -19.53 10.42
C LEU A 771 -4.91 -19.73 9.97
N GLN A 772 -4.57 -19.40 8.71
CA GLN A 772 -3.18 -19.46 8.30
C GLN A 772 -2.33 -18.46 9.06
N GLY A 773 -2.92 -17.33 9.44
CA GLY A 773 -2.20 -16.42 10.31
C GLY A 773 -1.99 -16.97 11.70
N PHE A 774 -3.06 -17.50 12.30
CA PHE A 774 -3.01 -17.86 13.70
C PHE A 774 -2.13 -19.07 13.96
N THR A 775 -2.22 -20.12 13.13
CA THR A 775 -1.47 -21.33 13.44
C THR A 775 0.02 -21.18 13.17
N PHE A 776 0.40 -20.51 12.08
CA PHE A 776 1.83 -20.27 11.89
C PHE A 776 2.36 -19.23 12.85
N GLY A 777 1.51 -18.31 13.32
CA GLY A 777 1.93 -17.41 14.39
C GLY A 777 2.26 -18.15 15.67
N LYS A 778 1.39 -19.07 16.07
CA LYS A 778 1.65 -19.82 17.29
C LYS A 778 2.84 -20.76 17.14
N ALA A 779 2.97 -21.42 15.99
CA ALA A 779 4.10 -22.32 15.78
C ALA A 779 5.40 -21.60 15.48
N GLY A 780 5.36 -20.29 15.29
CA GLY A 780 6.60 -19.54 15.24
C GLY A 780 6.99 -19.05 16.61
N GLU A 781 6.02 -18.57 17.40
CA GLU A 781 6.39 -18.04 18.70
C GLU A 781 6.79 -19.13 19.68
N ILE A 782 6.26 -20.34 19.53
CA ILE A 782 6.72 -21.45 20.37
C ILE A 782 8.18 -21.77 20.11
N LEU A 783 8.59 -21.77 18.84
CA LEU A 783 10.00 -22.00 18.54
C LEU A 783 10.87 -20.83 18.98
N THR A 784 10.39 -19.59 18.92
CA THR A 784 11.23 -18.49 19.39
C THR A 784 11.47 -18.58 20.88
N LYS A 785 10.42 -18.84 21.67
CA LYS A 785 10.58 -18.98 23.11
C LYS A 785 11.50 -20.16 23.45
N ARG A 786 11.23 -21.33 22.85
CA ARG A 786 12.00 -22.52 23.19
C ARG A 786 13.44 -22.42 22.70
N LEU A 787 13.67 -21.79 21.55
CA LEU A 787 15.03 -21.68 21.06
C LEU A 787 15.81 -20.66 21.84
N ARG A 788 15.15 -19.59 22.30
CA ARG A 788 15.85 -18.64 23.15
C ARG A 788 16.22 -19.25 24.49
N TYR A 789 15.31 -20.04 25.07
CA TYR A 789 15.62 -20.71 26.33
C TYR A 789 16.72 -21.75 26.17
N MET A 790 16.70 -22.51 25.06
CA MET A 790 17.73 -23.53 24.86
C MET A 790 19.08 -22.91 24.55
N VAL A 791 19.10 -21.83 23.78
CA VAL A 791 20.39 -21.22 23.49
C VAL A 791 20.92 -20.50 24.73
N PHE A 792 20.05 -20.04 25.61
CA PHE A 792 20.57 -19.42 26.83
C PHE A 792 21.09 -20.46 27.80
N LYS A 793 20.43 -21.62 27.88
CA LYS A 793 20.94 -22.69 28.74
C LYS A 793 22.25 -23.25 28.20
N SER A 794 22.34 -23.48 26.90
CA SER A 794 23.57 -24.01 26.36
C SER A 794 24.64 -22.95 26.14
N MET A 795 24.33 -21.68 26.34
CA MET A 795 25.33 -20.64 26.33
C MET A 795 25.86 -20.34 27.71
N LEU A 796 25.01 -20.47 28.73
CA LEU A 796 25.45 -20.27 30.10
C LEU A 796 26.36 -21.40 30.56
N ARG A 797 26.19 -22.60 30.00
CA ARG A 797 26.81 -23.79 30.57
C ARG A 797 28.31 -23.88 30.27
N GLN A 798 28.71 -23.54 29.05
CA GLN A 798 30.05 -23.88 28.56
C GLN A 798 31.13 -23.03 29.22
N ASP A 799 32.39 -23.32 28.87
CA ASP A 799 33.53 -22.99 29.72
C ASP A 799 33.85 -21.50 29.71
N VAL A 800 34.89 -21.14 30.47
CA VAL A 800 35.29 -19.75 30.61
C VAL A 800 36.16 -19.31 29.44
N SER A 801 36.91 -20.24 28.86
CA SER A 801 37.79 -19.92 27.73
C SER A 801 37.02 -19.52 26.48
N TRP A 802 35.77 -19.96 26.34
CA TRP A 802 34.96 -19.56 25.20
C TRP A 802 34.62 -18.08 25.24
N PHE A 803 34.48 -17.53 26.44
CA PHE A 803 34.16 -16.11 26.60
C PHE A 803 35.36 -15.21 26.45
N ASP A 804 36.54 -15.76 26.15
CA ASP A 804 37.77 -14.99 26.09
C ASP A 804 38.08 -14.45 24.71
N ASP A 805 37.58 -15.08 23.65
CA ASP A 805 37.83 -14.62 22.30
C ASP A 805 37.01 -13.36 22.03
N PRO A 806 37.56 -12.37 21.31
CA PRO A 806 36.79 -11.15 21.00
C PRO A 806 35.65 -11.34 20.00
N LYS A 807 35.41 -12.55 19.50
CA LYS A 807 34.19 -12.81 18.72
C LYS A 807 33.06 -13.32 19.58
N ASN A 808 33.27 -13.46 20.90
CA ASN A 808 32.20 -13.79 21.84
C ASN A 808 32.23 -12.69 22.90
N THR A 809 31.58 -11.58 22.60
CA THR A 809 31.47 -10.45 23.51
C THR A 809 30.04 -10.35 24.01
N THR A 810 29.83 -9.45 24.97
CA THR A 810 28.49 -9.24 25.50
C THR A 810 27.57 -8.64 24.45
N GLY A 811 28.10 -7.71 23.64
CA GLY A 811 27.30 -7.14 22.56
C GLY A 811 26.96 -8.13 21.46
N ALA A 812 27.95 -8.93 21.04
CA ALA A 812 27.69 -9.89 19.98
C ALA A 812 26.77 -11.00 20.44
N LEU A 813 26.92 -11.45 21.69
CA LEU A 813 26.04 -12.49 22.18
C LEU A 813 24.65 -11.98 22.48
N THR A 814 24.50 -10.72 22.91
CA THR A 814 23.14 -10.21 23.08
C THR A 814 22.48 -9.93 21.74
N THR A 815 23.27 -9.67 20.68
CA THR A 815 22.68 -9.60 19.34
C THR A 815 22.24 -10.96 18.86
N ARG A 816 23.11 -11.97 18.97
CA ARG A 816 22.79 -13.30 18.51
C ARG A 816 21.85 -14.06 19.43
N LEU A 817 21.46 -13.46 20.55
CA LEU A 817 20.36 -13.99 21.35
C LEU A 817 19.10 -13.16 21.22
N ALA A 818 19.22 -11.89 20.87
CA ALA A 818 18.06 -11.01 20.75
C ALA A 818 17.43 -11.04 19.38
N ASN A 819 18.24 -11.20 18.34
CA ASN A 819 17.81 -10.99 16.97
C ASN A 819 17.65 -12.27 16.19
N ASP A 820 18.03 -13.41 16.74
CA ASP A 820 18.19 -14.61 15.93
C ASP A 820 17.13 -15.66 16.15
N ALA A 821 16.42 -15.67 17.28
CA ALA A 821 15.26 -16.55 17.37
C ALA A 821 14.15 -16.08 16.44
N ALA A 822 13.94 -14.77 16.38
CA ALA A 822 12.99 -14.16 15.45
C ALA A 822 13.52 -14.08 14.02
N GLN A 823 14.67 -14.69 13.73
CA GLN A 823 15.10 -14.91 12.37
C GLN A 823 15.29 -16.38 12.02
N VAL A 824 15.18 -17.28 13.00
CA VAL A 824 14.98 -18.69 12.67
C VAL A 824 13.48 -18.99 12.59
N LYS A 825 12.63 -18.15 13.19
CA LYS A 825 11.19 -18.29 13.00
C LYS A 825 10.73 -18.03 11.57
N GLY A 826 11.58 -17.47 10.72
CA GLY A 826 11.19 -17.19 9.35
C GLY A 826 11.87 -18.08 8.33
N ALA A 827 12.26 -19.28 8.71
CA ALA A 827 12.80 -20.22 7.74
C ALA A 827 12.21 -21.61 7.86
N THR A 828 11.26 -21.82 8.77
CA THR A 828 10.59 -23.10 8.90
C THR A 828 9.16 -23.03 8.41
N GLY A 829 8.37 -22.12 8.95
CA GLY A 829 6.97 -22.06 8.61
C GLY A 829 6.65 -21.19 7.43
N SER A 830 7.22 -19.99 7.42
CA SER A 830 6.89 -19.02 6.37
C SER A 830 7.39 -19.46 5.02
N ARG A 831 8.50 -20.20 4.95
CA ARG A 831 8.96 -20.70 3.66
C ARG A 831 8.02 -21.76 3.11
N LEU A 832 7.48 -22.62 3.97
CA LEU A 832 6.50 -23.60 3.51
C LEU A 832 5.21 -22.92 3.06
N ALA A 833 4.80 -21.87 3.77
CA ALA A 833 3.62 -21.13 3.37
C ALA A 833 3.80 -20.47 2.02
N VAL A 834 5.00 -19.93 1.76
CA VAL A 834 5.28 -19.30 0.48
C VAL A 834 5.27 -20.32 -0.65
N ILE A 835 5.96 -21.45 -0.47
CA ILE A 835 6.04 -22.45 -1.53
C ILE A 835 4.67 -23.04 -1.81
N PHE A 836 3.86 -23.28 -0.78
CA PHE A 836 2.58 -23.93 -1.05
C PHE A 836 1.54 -22.96 -1.61
N GLN A 837 1.51 -21.70 -1.14
CA GLN A 837 0.64 -20.71 -1.75
C GLN A 837 1.00 -20.47 -3.20
N ASN A 838 2.28 -20.31 -3.49
CA ASN A 838 2.64 -20.03 -4.88
C ASN A 838 2.46 -21.25 -5.76
N ILE A 839 2.64 -22.45 -5.23
CA ILE A 839 2.49 -23.60 -6.11
C ILE A 839 1.02 -23.88 -6.38
N ALA A 840 0.10 -23.57 -5.45
CA ALA A 840 -1.31 -23.69 -5.79
C ALA A 840 -1.72 -22.57 -6.74
N ASN A 841 -1.36 -21.33 -6.40
CA ASN A 841 -1.75 -20.12 -7.12
C ASN A 841 -1.24 -20.06 -8.54
N LEU A 842 -0.16 -20.77 -8.87
CA LEU A 842 0.25 -20.77 -10.24
C LEU A 842 0.19 -22.13 -10.92
N GLY A 843 0.23 -23.23 -10.19
CA GLY A 843 -0.01 -24.52 -10.80
C GLY A 843 -1.44 -24.67 -11.29
N THR A 844 -2.42 -24.25 -10.47
CA THR A 844 -3.81 -24.32 -10.91
C THR A 844 -4.06 -23.41 -12.08
N GLY A 845 -3.47 -22.20 -12.07
CA GLY A 845 -3.65 -21.26 -13.15
C GLY A 845 -3.07 -21.75 -14.47
N ILE A 846 -1.84 -22.24 -14.45
CA ILE A 846 -1.23 -22.66 -15.70
C ILE A 846 -1.84 -23.98 -16.19
N ILE A 847 -2.34 -24.83 -15.29
CA ILE A 847 -2.97 -26.08 -15.73
C ILE A 847 -4.31 -25.81 -16.39
N ILE A 848 -5.17 -24.99 -15.77
CA ILE A 848 -6.44 -24.72 -16.44
C ILE A 848 -6.27 -23.79 -17.64
N SER A 849 -5.22 -22.99 -17.69
CA SER A 849 -5.01 -22.15 -18.84
C SER A 849 -4.26 -22.84 -19.95
N PHE A 850 -3.74 -24.04 -19.72
CA PHE A 850 -3.42 -24.93 -20.82
C PHE A 850 -4.58 -25.79 -21.22
N ILE A 851 -5.54 -26.02 -20.33
CA ILE A 851 -6.76 -26.73 -20.72
C ILE A 851 -7.55 -25.90 -21.72
N TYR A 852 -7.79 -24.62 -21.41
CA TYR A 852 -8.73 -23.85 -22.22
C TYR A 852 -8.12 -23.33 -23.52
N GLY A 853 -7.17 -22.41 -23.43
CA GLY A 853 -6.54 -21.90 -24.63
C GLY A 853 -5.04 -21.81 -24.55
N TRP A 854 -4.31 -22.56 -25.37
CA TRP A 854 -2.88 -22.66 -25.15
C TRP A 854 -2.04 -21.70 -25.98
N GLN A 855 -2.53 -21.31 -27.16
CA GLN A 855 -1.78 -20.40 -28.00
C GLN A 855 -1.67 -19.02 -27.41
N LEU A 856 -2.56 -18.66 -26.48
CA LEU A 856 -2.40 -17.44 -25.72
C LEU A 856 -1.53 -17.64 -24.49
N THR A 857 -1.65 -18.80 -23.83
CA THR A 857 -0.91 -18.93 -22.58
C THR A 857 0.56 -19.18 -22.79
N LEU A 858 1.00 -19.60 -23.99
CA LEU A 858 2.43 -19.60 -24.24
C LEU A 858 2.99 -18.19 -24.26
N LEU A 859 2.24 -17.26 -24.85
CA LEU A 859 2.67 -15.87 -24.90
C LEU A 859 2.67 -15.25 -23.51
N LEU A 860 1.61 -15.50 -22.76
CA LEU A 860 1.57 -14.89 -21.43
C LEU A 860 2.57 -15.53 -20.49
N LEU A 861 2.89 -16.81 -20.68
CA LEU A 861 3.95 -17.45 -19.91
C LEU A 861 5.32 -16.99 -20.34
N ALA A 862 5.46 -16.44 -21.54
CA ALA A 862 6.71 -15.75 -21.87
C ALA A 862 6.76 -14.36 -21.26
N ILE A 863 5.64 -13.77 -20.88
CA ILE A 863 5.69 -12.45 -20.24
C ILE A 863 5.81 -12.54 -18.71
N VAL A 864 5.19 -13.53 -18.06
CA VAL A 864 5.02 -13.68 -16.59
C VAL A 864 6.22 -13.35 -15.67
N PRO A 865 7.48 -13.70 -15.97
CA PRO A 865 8.56 -13.33 -15.02
C PRO A 865 8.74 -11.84 -14.81
N ILE A 866 8.53 -11.01 -15.83
CA ILE A 866 8.74 -9.58 -15.69
C ILE A 866 7.65 -8.95 -14.82
N ILE A 867 6.42 -9.46 -14.93
CA ILE A 867 5.38 -8.90 -14.07
C ILE A 867 5.43 -9.48 -12.66
N ALA A 868 5.99 -10.68 -12.48
CA ALA A 868 6.28 -11.13 -11.11
C ALA A 868 7.33 -10.26 -10.45
N ILE A 869 8.37 -9.89 -11.21
CA ILE A 869 9.38 -8.97 -10.71
C ILE A 869 8.80 -7.58 -10.49
N ALA A 870 7.75 -7.23 -11.24
CA ALA A 870 7.03 -5.98 -10.99
C ALA A 870 6.36 -5.99 -9.62
N GLY A 871 5.73 -7.10 -9.28
CA GLY A 871 5.16 -7.23 -7.95
C GLY A 871 6.20 -7.14 -6.84
N VAL A 872 7.35 -7.79 -7.03
CA VAL A 872 8.33 -7.80 -5.94
C VAL A 872 9.04 -6.45 -5.80
N VAL A 873 9.27 -5.71 -6.89
CA VAL A 873 9.94 -4.42 -6.70
C VAL A 873 8.98 -3.35 -6.24
N GLU A 874 7.68 -3.48 -6.53
CA GLU A 874 6.75 -2.53 -5.92
C GLU A 874 6.60 -2.80 -4.44
N MET A 875 6.63 -4.07 -4.03
CA MET A 875 6.58 -4.36 -2.60
C MET A 875 7.87 -3.98 -1.88
N LYS A 876 9.00 -3.98 -2.58
CA LYS A 876 10.21 -3.41 -2.00
C LYS A 876 10.07 -1.91 -1.85
N MET A 877 9.38 -1.25 -2.78
CA MET A 877 9.22 0.20 -2.65
C MET A 877 8.30 0.56 -1.51
N LEU A 878 7.32 -0.28 -1.19
CA LEU A 878 6.33 0.12 -0.18
C LEU A 878 6.91 0.23 1.22
N SER A 879 7.81 -0.66 1.62
CA SER A 879 8.37 -0.54 2.96
C SER A 879 9.89 -0.38 3.00
N GLY A 880 10.63 -1.30 2.41
CA GLY A 880 12.00 -1.54 2.78
C GLY A 880 13.08 -0.83 2.00
N GLN A 881 12.75 0.21 1.24
CA GLN A 881 13.72 0.79 0.31
C GLN A 881 14.79 1.58 1.05
N ALA A 882 14.38 2.48 1.95
CA ALA A 882 15.32 3.40 2.57
C ALA A 882 16.15 2.78 3.68
N LEU A 883 15.79 1.56 4.12
CA LEU A 883 16.42 0.99 5.30
C LEU A 883 17.83 0.50 5.03
N LYS A 884 18.11 0.08 3.80
CA LYS A 884 19.40 -0.52 3.47
C LYS A 884 20.52 0.52 3.49
N ASP A 885 20.26 1.69 2.90
CA ASP A 885 21.27 2.72 2.65
C ASP A 885 21.92 3.23 3.94
N LYS A 886 21.18 3.29 5.04
CA LYS A 886 21.69 3.87 6.27
C LYS A 886 22.77 3.02 6.92
N LYS A 887 22.83 1.73 6.60
CA LYS A 887 23.87 0.88 7.15
C LYS A 887 25.20 1.08 6.43
N GLU A 888 25.16 1.63 5.21
CA GLU A 888 26.39 1.84 4.45
C GLU A 888 27.19 3.02 4.98
N LEU A 889 26.52 4.11 5.33
CA LEU A 889 27.18 5.31 5.83
C LEU A 889 27.70 5.04 7.23
N GLU A 890 28.96 4.67 7.34
CA GLU A 890 29.61 4.52 8.64
C GLU A 890 31.02 5.10 8.67
N GLY A 891 31.53 5.62 7.56
CA GLY A 891 32.81 6.31 7.61
C GLY A 891 32.73 7.61 8.36
N SER A 892 31.67 8.38 8.11
CA SER A 892 31.36 9.55 8.90
C SER A 892 30.49 9.23 10.10
N GLY A 893 30.12 7.95 10.28
CA GLY A 893 29.36 7.58 11.45
C GLY A 893 30.20 7.49 12.69
N LYS A 894 31.51 7.25 12.53
CA LYS A 894 32.40 7.17 13.68
C LYS A 894 33.28 8.40 13.86
N ILE A 895 33.46 9.22 12.82
CA ILE A 895 34.23 10.45 12.96
C ILE A 895 33.49 11.44 13.86
N ALA A 896 32.17 11.51 13.71
CA ALA A 896 31.38 12.44 14.52
C ALA A 896 31.32 11.98 15.97
N THR A 897 31.14 10.68 16.22
CA THR A 897 31.12 10.22 17.59
C THR A 897 32.51 10.17 18.21
N GLU A 898 33.55 10.12 17.39
CA GLU A 898 34.91 10.16 17.89
C GLU A 898 35.30 11.58 18.27
N ALA A 899 34.83 12.56 17.52
CA ALA A 899 35.15 13.95 17.79
C ALA A 899 34.10 14.67 18.62
N ILE A 900 33.03 14.00 19.03
CA ILE A 900 32.09 14.63 19.95
C ILE A 900 32.27 14.11 21.38
N GLU A 901 32.94 12.98 21.57
CA GLU A 901 33.18 12.47 22.91
C GLU A 901 34.23 13.32 23.62
N ASN A 902 35.40 13.47 23.01
CA ASN A 902 36.48 14.27 23.60
C ASN A 902 36.44 15.70 23.08
N PHE A 903 35.32 16.36 23.38
CA PHE A 903 35.10 17.72 22.88
C PHE A 903 36.01 18.73 23.56
N ARG A 904 36.44 18.43 24.79
CA ARG A 904 37.27 19.37 25.53
C ARG A 904 38.67 19.47 24.95
N THR A 905 39.19 18.35 24.44
CA THR A 905 40.50 18.33 23.79
C THR A 905 40.48 19.17 22.52
N VAL A 906 39.37 19.10 21.77
CA VAL A 906 39.26 19.85 20.53
C VAL A 906 39.07 21.33 20.79
N VAL A 907 38.27 21.68 21.81
CA VAL A 907 38.04 23.09 22.09
C VAL A 907 39.26 23.73 22.72
N SER A 908 40.09 22.95 23.41
CA SER A 908 41.36 23.49 23.87
C SER A 908 42.30 23.75 22.70
N LEU A 909 42.24 22.91 21.67
CA LEU A 909 43.17 22.98 20.55
C LEU A 909 42.72 23.92 19.44
N THR A 910 41.44 24.30 19.42
CA THR A 910 40.78 25.02 18.32
C THR A 910 41.12 24.43 16.96
N ARG A 911 40.90 23.13 16.84
CA ARG A 911 41.17 22.44 15.58
C ARG A 911 39.90 21.82 15.08
N GLU A 912 38.81 22.59 15.10
CA GLU A 912 37.52 22.07 14.66
C GLU A 912 37.45 21.94 13.15
N GLN A 913 38.17 22.78 12.42
CA GLN A 913 38.06 22.79 10.97
C GLN A 913 38.62 21.52 10.35
N LYS A 914 39.63 20.93 10.98
CA LYS A 914 40.13 19.65 10.51
C LYS A 914 39.09 18.56 10.67
N PHE A 915 38.36 18.57 11.77
CA PHE A 915 37.31 17.57 11.96
C PHE A 915 36.13 17.82 11.05
N GLU A 916 35.85 19.09 10.74
CA GLU A 916 34.74 19.39 9.84
C GLU A 916 35.05 18.94 8.41
N THR A 917 36.29 19.12 7.95
CA THR A 917 36.61 18.63 6.62
C THR A 917 36.76 17.12 6.57
N MET A 918 37.21 16.52 7.68
CA MET A 918 37.20 15.07 7.81
C MET A 918 35.79 14.50 7.72
N TYR A 919 34.82 15.21 8.27
CA TYR A 919 33.41 14.84 8.08
C TYR A 919 32.99 15.07 6.64
N ALA A 920 33.47 16.15 6.03
CA ALA A 920 32.96 16.60 4.75
C ALA A 920 33.28 15.62 3.63
N GLN A 921 34.53 15.14 3.54
CA GLN A 921 34.85 14.27 2.39
C GLN A 921 34.26 12.87 2.57
N SER A 922 34.26 12.37 3.80
CA SER A 922 33.62 11.11 4.13
C SER A 922 32.11 11.16 3.95
N LEU A 923 31.53 12.36 3.97
CA LEU A 923 30.15 12.51 3.55
C LEU A 923 30.03 12.67 2.04
N GLN A 924 31.09 13.15 1.38
CA GLN A 924 31.02 13.41 -0.05
C GLN A 924 30.99 12.14 -0.86
N ILE A 925 31.52 11.04 -0.35
CA ILE A 925 31.43 9.84 -1.22
C ILE A 925 30.07 9.10 -1.20
N PRO A 926 29.38 8.84 -0.07
CA PRO A 926 28.09 8.13 -0.21
C PRO A 926 26.96 8.99 -0.76
N TYR A 927 27.15 10.30 -0.83
CA TYR A 927 26.19 11.16 -1.51
C TYR A 927 26.14 10.84 -3.00
N ARG A 928 27.30 10.72 -3.63
CA ARG A 928 27.37 10.32 -5.03
C ARG A 928 26.88 8.90 -5.23
N ASN A 929 27.17 8.02 -4.26
CA ASN A 929 26.64 6.65 -4.36
C ASN A 929 25.11 6.62 -4.27
N ALA A 930 24.52 7.46 -3.42
CA ALA A 930 23.07 7.48 -3.31
C ALA A 930 22.41 8.08 -4.54
N MET A 931 23.06 9.06 -5.20
CA MET A 931 22.49 9.57 -6.44
C MET A 931 22.50 8.51 -7.54
N LYS A 932 23.56 7.71 -7.61
CA LYS A 932 23.54 6.62 -8.58
C LYS A 932 22.47 5.57 -8.26
N LYS A 933 22.25 5.30 -6.96
CA LYS A 933 21.21 4.33 -6.64
C LYS A 933 19.81 4.88 -6.89
N ALA A 934 19.62 6.20 -6.81
CA ALA A 934 18.32 6.77 -7.17
C ALA A 934 18.07 6.67 -8.67
N HIS A 935 19.09 6.97 -9.48
CA HIS A 935 18.94 6.80 -10.93
C HIS A 935 18.81 5.35 -11.36
N VAL A 936 19.18 4.39 -10.52
CA VAL A 936 18.87 3.01 -10.86
C VAL A 936 17.45 2.63 -10.45
N PHE A 937 17.04 3.02 -9.24
CA PHE A 937 15.75 2.58 -8.74
C PHE A 937 14.58 3.20 -9.49
N GLY A 938 14.73 4.45 -9.93
CA GLY A 938 13.67 5.06 -10.72
C GLY A 938 13.40 4.34 -12.03
N ILE A 939 14.45 3.98 -12.75
CA ILE A 939 14.24 3.38 -14.06
C ILE A 939 13.77 1.94 -13.91
N THR A 940 14.19 1.21 -12.87
CA THR A 940 13.65 -0.16 -12.77
C THR A 940 12.20 -0.16 -12.33
N PHE A 941 11.81 0.74 -11.41
CA PHE A 941 10.42 0.81 -11.01
C PHE A 941 9.54 1.35 -12.13
N SER A 942 10.08 2.11 -13.06
CA SER A 942 9.27 2.51 -14.21
C SER A 942 9.08 1.39 -15.21
N PHE A 943 10.16 0.68 -15.54
CA PHE A 943 10.06 -0.31 -16.59
C PHE A 943 9.18 -1.48 -16.21
N THR A 944 9.11 -1.80 -14.91
CA THR A 944 8.19 -2.88 -14.53
C THR A 944 6.72 -2.49 -14.73
N GLN A 945 6.35 -1.25 -14.41
CA GLN A 945 4.97 -0.82 -14.67
C GLN A 945 4.67 -0.76 -16.15
N ALA A 946 5.65 -0.32 -16.95
CA ALA A 946 5.42 -0.26 -18.39
C ALA A 946 5.21 -1.66 -18.97
N MET A 947 5.91 -2.66 -18.44
CA MET A 947 5.62 -4.01 -18.90
C MET A 947 4.27 -4.51 -18.40
N MET A 948 3.84 -4.02 -17.24
CA MET A 948 2.52 -4.41 -16.72
C MET A 948 1.38 -3.92 -17.61
N TYR A 949 1.51 -2.73 -18.23
CA TYR A 949 0.46 -2.29 -19.17
C TYR A 949 0.63 -2.86 -20.58
N PHE A 950 1.86 -3.08 -21.03
CA PHE A 950 2.01 -3.72 -22.34
C PHE A 950 1.57 -5.18 -22.33
N SER A 951 1.45 -5.81 -21.15
CA SER A 951 0.84 -7.14 -21.07
C SER A 951 -0.61 -7.13 -21.53
N TYR A 952 -1.40 -6.16 -21.03
CA TYR A 952 -2.76 -5.91 -21.52
C TYR A 952 -2.79 -5.76 -23.03
N ALA A 953 -1.90 -4.90 -23.56
CA ALA A 953 -1.89 -4.62 -24.99
C ALA A 953 -1.66 -5.86 -25.84
N ALA A 954 -0.57 -6.57 -25.58
CA ALA A 954 -0.23 -7.74 -26.39
C ALA A 954 -1.23 -8.87 -26.22
N CYS A 955 -1.70 -9.08 -24.98
CA CYS A 955 -2.62 -10.18 -24.71
C CYS A 955 -3.95 -9.97 -25.40
N PHE A 956 -4.52 -8.77 -25.33
CA PHE A 956 -5.83 -8.60 -25.95
C PHE A 956 -5.76 -8.45 -27.46
N ARG A 957 -4.64 -7.98 -28.04
CA ARG A 957 -4.55 -8.01 -29.50
C ARG A 957 -4.47 -9.44 -30.02
N PHE A 958 -3.63 -10.27 -29.39
CA PHE A 958 -3.58 -11.66 -29.85
C PHE A 958 -4.85 -12.40 -29.50
N GLY A 959 -5.54 -11.99 -28.46
CA GLY A 959 -6.82 -12.59 -28.14
C GLY A 959 -7.90 -12.24 -29.14
N ALA A 960 -7.87 -11.04 -29.69
CA ALA A 960 -8.87 -10.70 -30.71
C ALA A 960 -8.61 -11.40 -32.01
N TYR A 961 -7.35 -11.54 -32.39
CA TYR A 961 -7.07 -12.35 -33.57
C TYR A 961 -7.51 -13.79 -33.35
N LEU A 962 -7.27 -14.32 -32.17
CA LEU A 962 -7.59 -15.72 -31.95
C LEU A 962 -9.07 -15.94 -31.77
N VAL A 963 -9.82 -14.93 -31.30
CA VAL A 963 -11.28 -15.03 -31.29
C VAL A 963 -11.82 -14.96 -32.69
N ALA A 964 -11.30 -14.05 -33.53
CA ALA A 964 -11.91 -13.87 -34.85
C ALA A 964 -11.66 -15.00 -35.81
N HIS A 965 -11.13 -16.15 -35.42
CA HIS A 965 -11.12 -17.35 -36.24
C HIS A 965 -11.82 -18.54 -35.56
N LYS A 966 -12.59 -18.28 -34.49
CA LYS A 966 -13.47 -19.25 -33.81
C LYS A 966 -12.74 -20.44 -33.26
N LEU A 967 -11.75 -20.17 -32.46
CA LEU A 967 -11.17 -21.24 -31.73
C LEU A 967 -10.92 -20.88 -30.28
N MET A 968 -11.23 -19.65 -29.88
CA MET A 968 -11.42 -19.33 -28.48
C MET A 968 -12.58 -18.36 -28.38
N SER A 969 -13.38 -18.51 -27.33
CA SER A 969 -14.42 -17.54 -27.10
C SER A 969 -13.82 -16.33 -26.41
N PHE A 970 -14.66 -15.35 -26.10
CA PHE A 970 -14.16 -14.21 -25.35
C PHE A 970 -13.99 -14.55 -23.88
N GLU A 971 -14.85 -15.40 -23.33
CA GLU A 971 -14.74 -15.74 -21.92
C GLU A 971 -13.49 -16.56 -21.65
N ASP A 972 -13.04 -17.35 -22.62
CA ASP A 972 -11.80 -18.09 -22.42
C ASP A 972 -10.58 -17.21 -22.54
N VAL A 973 -10.61 -16.17 -23.39
CA VAL A 973 -9.50 -15.25 -23.44
C VAL A 973 -9.43 -14.43 -22.17
N LEU A 974 -10.59 -14.03 -21.64
CA LEU A 974 -10.58 -13.32 -20.37
C LEU A 974 -10.13 -14.22 -19.22
N LEU A 975 -10.43 -15.52 -19.30
CA LEU A 975 -9.96 -16.43 -18.26
C LEU A 975 -8.45 -16.63 -18.33
N VAL A 976 -7.91 -16.84 -19.54
CA VAL A 976 -6.48 -17.04 -19.69
C VAL A 976 -5.70 -15.81 -19.26
N PHE A 977 -6.19 -14.64 -19.64
CA PHE A 977 -5.54 -13.40 -19.24
C PHE A 977 -5.62 -13.19 -17.74
N SER A 978 -6.79 -13.42 -17.15
CA SER A 978 -6.95 -13.14 -15.73
C SER A 978 -6.11 -14.09 -14.88
N ALA A 979 -6.08 -15.37 -15.25
CA ALA A 979 -5.25 -16.33 -14.52
C ALA A 979 -3.77 -15.99 -14.66
N ILE A 980 -3.26 -15.87 -15.87
CA ILE A 980 -1.82 -15.81 -16.09
C ILE A 980 -1.34 -14.35 -16.15
N VAL A 981 -2.10 -13.42 -15.59
CA VAL A 981 -1.57 -12.13 -15.19
C VAL A 981 -1.78 -11.88 -13.70
N PHE A 982 -3.00 -12.10 -13.21
CA PHE A 982 -3.24 -11.78 -11.80
C PHE A 982 -2.58 -12.80 -10.90
N GLY A 983 -2.35 -14.02 -11.39
CA GLY A 983 -1.56 -14.96 -10.63
C GLY A 983 -0.10 -14.58 -10.56
N ALA A 984 0.43 -13.95 -11.60
CA ALA A 984 1.83 -13.54 -11.56
C ALA A 984 2.03 -12.36 -10.61
N MET A 985 1.09 -11.41 -10.61
CA MET A 985 1.16 -10.35 -9.60
C MET A 985 0.94 -10.89 -8.19
N ALA A 986 0.10 -11.92 -8.04
CA ALA A 986 -0.12 -12.47 -6.70
C ALA A 986 1.10 -13.22 -6.20
N VAL A 987 1.82 -13.94 -7.07
CA VAL A 987 3.01 -14.61 -6.55
C VAL A 987 4.13 -13.62 -6.32
N GLY A 988 4.14 -12.49 -7.01
CA GLY A 988 5.07 -11.44 -6.64
C GLY A 988 4.81 -10.89 -5.25
N GLN A 989 3.55 -10.56 -4.97
CA GLN A 989 3.23 -9.97 -3.67
C GLN A 989 3.35 -10.97 -2.53
N VAL A 990 3.05 -12.25 -2.77
CA VAL A 990 3.21 -13.26 -1.74
C VAL A 990 4.69 -13.53 -1.48
N SER A 991 5.48 -13.69 -2.53
CA SER A 991 6.89 -13.96 -2.35
C SER A 991 7.67 -12.79 -1.81
N SER A 992 7.11 -11.57 -1.84
CA SER A 992 7.78 -10.49 -1.15
C SER A 992 7.22 -10.17 0.22
N PHE A 993 5.99 -10.59 0.52
CA PHE A 993 5.42 -10.24 1.80
C PHE A 993 6.04 -11.00 2.96
N ALA A 994 6.64 -12.15 2.70
CA ALA A 994 7.22 -12.95 3.76
C ALA A 994 8.64 -12.49 4.06
N PRO A 995 9.19 -12.82 5.22
CA PRO A 995 10.58 -12.51 5.50
C PRO A 995 11.55 -13.29 4.62
N ASP A 996 12.80 -12.82 4.62
CA ASP A 996 13.84 -13.32 3.74
C ASP A 996 14.30 -14.71 4.17
N TYR A 997 15.04 -15.36 3.30
CA TYR A 997 15.50 -16.71 3.56
C TYR A 997 17.00 -16.82 3.77
N ALA A 998 17.81 -16.03 3.06
CA ALA A 998 19.26 -16.19 3.14
C ALA A 998 19.78 -15.76 4.50
N LYS A 999 19.31 -14.62 5.01
CA LYS A 999 19.67 -14.18 6.35
C LYS A 999 19.12 -15.16 7.39
N ALA A 1000 17.95 -15.72 7.12
CA ALA A 1000 17.37 -16.70 8.02
C ALA A 1000 18.19 -17.97 8.08
N THR A 1001 18.73 -18.41 6.95
CA THR A 1001 19.49 -19.65 7.03
C THR A 1001 20.91 -19.43 7.55
N VAL A 1002 21.50 -18.24 7.38
CA VAL A 1002 22.79 -18.05 8.02
C VAL A 1002 22.61 -17.88 9.54
N SER A 1003 21.50 -17.29 9.98
CA SER A 1003 21.21 -17.20 11.40
C SER A 1003 20.93 -18.58 11.99
N ALA A 1004 20.28 -19.44 11.21
CA ALA A 1004 20.02 -20.79 11.67
C ALA A 1004 21.31 -21.60 11.77
N SER A 1005 22.24 -21.39 10.85
CA SER A 1005 23.53 -22.09 10.94
C SER A 1005 24.33 -21.62 12.15
N HIS A 1006 24.24 -20.32 12.49
CA HIS A 1006 24.93 -19.85 13.68
C HIS A 1006 24.34 -20.43 14.97
N ILE A 1007 23.01 -20.46 15.08
CA ILE A 1007 22.40 -21.01 16.29
C ILE A 1007 22.66 -22.51 16.40
N ILE A 1008 22.60 -23.23 15.28
CA ILE A 1008 22.85 -24.67 15.34
C ILE A 1008 24.32 -24.97 15.61
N ARG A 1009 25.24 -24.08 15.23
CA ARG A 1009 26.62 -24.32 15.61
C ARG A 1009 26.96 -23.81 17.01
N ILE A 1010 26.11 -23.01 17.63
CA ILE A 1010 26.32 -22.67 19.04
C ILE A 1010 25.72 -23.70 19.97
N ILE A 1011 24.45 -24.07 19.77
CA ILE A 1011 23.71 -24.79 20.81
C ILE A 1011 24.10 -26.25 20.99
N GLU A 1012 24.97 -26.79 20.14
CA GLU A 1012 25.29 -28.20 20.26
C GLU A 1012 26.73 -28.48 20.65
N LYS A 1013 27.54 -27.46 20.88
CA LYS A 1013 28.94 -27.69 21.20
C LYS A 1013 29.15 -27.79 22.70
N THR A 1014 30.10 -28.63 23.09
CA THR A 1014 30.26 -29.07 24.47
C THR A 1014 31.72 -28.90 24.89
N PRO A 1015 31.99 -28.20 25.98
CA PRO A 1015 33.37 -28.01 26.43
C PRO A 1015 33.86 -29.23 27.18
N GLU A 1016 35.12 -29.17 27.62
CA GLU A 1016 35.68 -30.27 28.40
C GLU A 1016 35.30 -30.15 29.87
N ILE A 1017 35.35 -28.95 30.44
CA ILE A 1017 34.96 -28.74 31.84
C ILE A 1017 33.47 -28.43 31.82
N ASP A 1018 32.68 -29.50 31.75
CA ASP A 1018 31.23 -29.40 31.70
C ASP A 1018 30.72 -29.06 33.09
N SER A 1019 30.14 -27.87 33.24
CA SER A 1019 29.65 -27.37 34.52
C SER A 1019 28.38 -28.07 34.98
N TYR A 1020 27.78 -28.94 34.17
CA TYR A 1020 26.61 -29.69 34.56
C TYR A 1020 26.89 -31.18 34.73
N SER A 1021 28.17 -31.56 34.84
CA SER A 1021 28.52 -32.96 35.05
C SER A 1021 28.36 -33.29 36.53
N THR A 1022 27.38 -34.15 36.84
CA THR A 1022 27.17 -34.55 38.21
C THR A 1022 28.16 -35.63 38.66
N GLN A 1023 28.88 -36.25 37.73
CA GLN A 1023 29.79 -37.32 38.08
C GLN A 1023 31.02 -36.79 38.80
N GLY A 1024 31.61 -37.65 39.62
CA GLY A 1024 32.76 -37.28 40.41
C GLY A 1024 32.72 -38.01 41.74
N LEU A 1025 33.71 -37.69 42.57
CA LEU A 1025 33.79 -38.33 43.88
C LEU A 1025 32.76 -37.75 44.85
N LYS A 1026 32.63 -36.40 44.91
CA LYS A 1026 31.86 -35.64 45.90
C LYS A 1026 32.23 -36.08 47.31
N PRO A 1027 33.40 -35.65 47.83
CA PRO A 1027 33.86 -36.11 49.13
C PRO A 1027 33.29 -35.29 50.28
N ASN A 1028 33.78 -35.56 51.49
CA ASN A 1028 33.33 -34.84 52.68
C ASN A 1028 34.51 -34.12 53.34
N MET A 1029 35.28 -33.39 52.55
CA MET A 1029 36.47 -32.71 53.04
C MET A 1029 36.11 -31.38 53.69
N LEU A 1030 36.76 -31.07 54.82
CA LEU A 1030 36.50 -29.83 55.52
C LEU A 1030 37.75 -29.07 55.98
N GLU A 1031 38.96 -29.55 55.67
CA GLU A 1031 40.17 -28.85 56.08
C GLU A 1031 40.74 -27.98 54.96
N GLY A 1032 40.98 -28.56 53.78
CA GLY A 1032 41.31 -27.80 52.60
C GLY A 1032 42.78 -27.50 52.39
N ASN A 1033 43.62 -28.52 52.29
CA ASN A 1033 45.05 -28.32 52.02
C ASN A 1033 45.25 -28.23 50.51
N VAL A 1034 45.42 -27.02 50.01
CA VAL A 1034 45.65 -26.80 48.59
C VAL A 1034 47.14 -26.91 48.34
N GLN A 1035 47.53 -27.78 47.42
CA GLN A 1035 48.93 -28.04 47.13
C GLN A 1035 49.13 -27.96 45.62
N PHE A 1036 49.87 -26.94 45.18
CA PHE A 1036 50.25 -26.83 43.79
C PHE A 1036 51.59 -27.54 43.57
N SER A 1037 51.78 -28.06 42.36
CA SER A 1037 53.01 -28.78 42.03
C SER A 1037 53.32 -28.53 40.54
N GLY A 1038 54.13 -27.52 40.28
CA GLY A 1038 54.70 -27.30 38.97
C GLY A 1038 53.74 -26.93 37.86
N VAL A 1039 52.80 -26.02 38.13
CA VAL A 1039 51.74 -25.76 37.17
C VAL A 1039 52.29 -24.88 36.04
N VAL A 1040 52.06 -25.34 34.80
CA VAL A 1040 52.52 -24.64 33.61
C VAL A 1040 51.28 -24.27 32.81
N PHE A 1041 51.10 -22.98 32.57
CA PHE A 1041 49.86 -22.47 32.00
C PHE A 1041 50.16 -21.36 31.00
N ASN A 1042 49.39 -21.35 29.91
CA ASN A 1042 49.38 -20.23 28.98
C ASN A 1042 47.94 -20.01 28.53
N TYR A 1043 47.61 -18.76 28.23
CA TYR A 1043 46.24 -18.43 27.88
C TYR A 1043 45.95 -18.84 26.43
N PRO A 1044 44.72 -19.29 26.14
CA PRO A 1044 44.38 -19.64 24.76
C PRO A 1044 44.16 -18.43 23.87
N THR A 1045 44.02 -17.23 24.44
CA THR A 1045 43.87 -16.03 23.61
C THR A 1045 45.19 -15.65 22.94
N ARG A 1046 46.33 -16.01 23.55
CA ARG A 1046 47.63 -15.81 22.92
C ARG A 1046 48.62 -16.85 23.44
N PRO A 1047 49.16 -17.68 22.57
CA PRO A 1047 50.23 -18.62 22.97
C PRO A 1047 51.64 -18.04 22.88
N SER A 1048 51.79 -16.73 22.73
CA SER A 1048 53.09 -16.12 22.49
C SER A 1048 53.87 -15.79 23.76
N ILE A 1049 53.21 -15.73 24.91
CA ILE A 1049 53.90 -15.43 26.17
C ILE A 1049 53.66 -16.56 27.16
N PRO A 1050 54.65 -17.41 27.43
CA PRO A 1050 54.52 -18.38 28.54
C PRO A 1050 54.63 -17.66 29.88
N VAL A 1051 53.60 -17.82 30.71
CA VAL A 1051 53.49 -17.03 31.93
C VAL A 1051 53.74 -17.84 33.20
N LEU A 1052 53.48 -19.14 33.20
CA LEU A 1052 53.76 -20.00 34.34
C LEU A 1052 54.83 -21.02 33.97
N GLN A 1053 55.86 -21.12 34.79
CA GLN A 1053 56.96 -22.08 34.59
C GLN A 1053 57.20 -22.80 35.91
N GLY A 1054 56.45 -23.88 36.13
CA GLY A 1054 56.69 -24.79 37.24
C GLY A 1054 56.51 -24.25 38.64
N LEU A 1055 55.27 -23.97 39.03
CA LEU A 1055 54.98 -23.38 40.34
C LEU A 1055 54.54 -24.46 41.32
N SER A 1056 55.30 -24.61 42.40
CA SER A 1056 54.96 -25.52 43.49
C SER A 1056 54.65 -24.68 44.72
N LEU A 1057 53.47 -24.91 45.30
CA LEU A 1057 52.98 -24.05 46.37
C LEU A 1057 52.04 -24.86 47.25
N GLU A 1058 52.29 -24.86 48.56
CA GLU A 1058 51.51 -25.61 49.53
C GLU A 1058 50.96 -24.67 50.58
N VAL A 1059 49.67 -24.79 50.89
CA VAL A 1059 49.04 -23.94 51.90
C VAL A 1059 48.70 -24.81 53.11
N LYS A 1060 48.98 -24.27 54.28
CA LYS A 1060 48.67 -24.94 55.52
C LYS A 1060 47.27 -24.52 55.98
N LYS A 1061 46.64 -25.38 56.77
CA LYS A 1061 45.26 -25.18 57.18
C LYS A 1061 45.14 -24.03 58.17
N GLY A 1062 44.18 -23.15 57.90
CA GLY A 1062 43.87 -22.06 58.81
C GLY A 1062 44.66 -20.79 58.55
N GLN A 1063 45.87 -20.90 58.01
CA GLN A 1063 46.70 -19.73 57.83
C GLN A 1063 46.24 -18.93 56.61
N THR A 1064 46.66 -17.68 56.58
CA THR A 1064 46.31 -16.75 55.50
C THR A 1064 47.54 -16.61 54.61
N LEU A 1065 47.64 -17.49 53.62
CA LEU A 1065 48.77 -17.48 52.70
C LEU A 1065 48.50 -16.43 51.63
N ALA A 1066 49.34 -15.40 51.60
CA ALA A 1066 49.19 -14.29 50.67
C ALA A 1066 50.19 -14.42 49.53
N LEU A 1067 49.92 -13.66 48.46
CA LEU A 1067 50.75 -13.66 47.27
C LEU A 1067 50.73 -12.26 46.68
N VAL A 1068 51.90 -11.63 46.53
CA VAL A 1068 51.99 -10.33 45.88
C VAL A 1068 53.13 -10.34 44.89
N GLY A 1069 53.00 -9.51 43.85
CA GLY A 1069 54.00 -9.47 42.79
C GLY A 1069 54.20 -8.09 42.17
N SER A 1070 54.20 -8.04 40.83
CA SER A 1070 54.44 -6.80 40.11
C SER A 1070 53.49 -6.75 38.91
N SER A 1071 53.72 -5.81 38.01
CA SER A 1071 52.89 -5.64 36.83
C SER A 1071 53.21 -6.69 35.79
N GLY A 1072 52.17 -7.15 35.08
CA GLY A 1072 52.32 -8.13 34.02
C GLY A 1072 52.50 -9.56 34.49
N CYS A 1073 52.64 -9.80 35.79
CA CYS A 1073 52.91 -11.14 36.30
C CYS A 1073 51.66 -12.00 36.37
N GLY A 1074 50.47 -11.40 36.38
CA GLY A 1074 49.27 -12.18 36.53
C GLY A 1074 49.13 -12.74 37.93
N LYS A 1075 48.83 -11.87 38.89
CA LYS A 1075 48.75 -12.29 40.28
C LYS A 1075 47.55 -13.19 40.57
N SER A 1076 46.50 -13.15 39.74
CA SER A 1076 45.27 -13.86 40.02
C SER A 1076 45.08 -15.13 39.18
N THR A 1077 46.15 -15.61 38.52
CA THR A 1077 46.03 -16.76 37.63
C THR A 1077 45.74 -18.05 38.40
N VAL A 1078 46.53 -18.33 39.44
CA VAL A 1078 46.26 -19.50 40.26
C VAL A 1078 44.99 -19.31 41.10
N VAL A 1079 44.60 -18.06 41.34
CA VAL A 1079 43.38 -17.77 42.06
C VAL A 1079 42.17 -18.19 41.23
N GLN A 1080 42.19 -17.86 39.93
CA GLN A 1080 41.16 -18.34 39.03
C GLN A 1080 41.29 -19.84 38.76
N LEU A 1081 42.52 -20.36 38.78
CA LEU A 1081 42.73 -21.78 38.53
C LEU A 1081 42.24 -22.65 39.68
N LEU A 1082 42.07 -22.08 40.90
CA LEU A 1082 41.56 -22.89 42.00
C LEU A 1082 40.10 -23.28 41.77
N GLU A 1083 39.30 -22.38 41.20
CA GLU A 1083 37.92 -22.72 40.86
C GLU A 1083 37.80 -23.49 39.55
N ARG A 1084 38.93 -23.84 38.94
CA ARG A 1084 39.01 -24.46 37.63
C ARG A 1084 38.30 -23.61 36.58
N PHE A 1085 38.68 -22.35 36.53
CA PHE A 1085 38.27 -21.49 35.43
C PHE A 1085 39.09 -21.77 34.17
N TYR A 1086 40.25 -22.40 34.33
CA TYR A 1086 41.07 -22.85 33.22
C TYR A 1086 41.60 -24.23 33.59
N ASP A 1087 42.53 -24.71 32.79
CA ASP A 1087 43.25 -25.95 33.10
C ASP A 1087 44.66 -25.82 32.58
N PRO A 1088 45.67 -25.93 33.43
CA PRO A 1088 47.06 -25.75 32.99
C PRO A 1088 47.54 -26.97 32.21
N MET A 1089 48.57 -26.74 31.40
CA MET A 1089 49.05 -27.80 30.52
C MET A 1089 49.85 -28.84 31.29
N ALA A 1090 50.97 -28.43 31.88
CA ALA A 1090 51.82 -29.32 32.64
C ALA A 1090 51.74 -28.98 34.12
N GLY A 1091 51.78 -30.00 34.96
CA GLY A 1091 51.61 -29.85 36.38
C GLY A 1091 50.17 -30.09 36.80
N SER A 1092 49.96 -30.10 38.12
CA SER A 1092 48.64 -30.36 38.66
C SER A 1092 48.48 -29.67 40.01
N VAL A 1093 47.23 -29.59 40.45
CA VAL A 1093 46.88 -29.14 41.79
C VAL A 1093 46.59 -30.38 42.62
N PHE A 1094 47.15 -30.47 43.81
CA PHE A 1094 46.96 -31.64 44.65
C PHE A 1094 46.13 -31.21 45.85
N LEU A 1095 44.82 -31.18 45.66
CA LEU A 1095 43.90 -30.82 46.74
C LEU A 1095 43.74 -32.06 47.60
N ASP A 1096 44.52 -32.12 48.68
CA ASP A 1096 44.71 -33.29 49.53
C ASP A 1096 45.13 -34.50 48.69
N GLY A 1097 46.11 -34.28 47.83
CA GLY A 1097 46.60 -35.32 46.95
C GLY A 1097 45.70 -35.68 45.80
N LYS A 1098 44.67 -34.88 45.53
CA LYS A 1098 43.71 -35.17 44.47
C LYS A 1098 43.78 -34.05 43.44
N GLU A 1099 43.75 -34.42 42.17
CA GLU A 1099 43.74 -33.45 41.08
C GLU A 1099 42.34 -32.89 40.89
N ILE A 1100 42.28 -31.60 40.52
CA ILE A 1100 40.99 -30.96 40.23
C ILE A 1100 40.38 -31.47 38.93
N LYS A 1101 41.16 -32.19 38.12
CA LYS A 1101 40.66 -32.80 36.89
C LYS A 1101 39.61 -33.88 37.18
N GLN A 1102 39.71 -34.56 38.31
CA GLN A 1102 38.87 -35.73 38.56
C GLN A 1102 37.78 -35.50 39.60
N LEU A 1103 37.67 -34.30 40.16
CA LEU A 1103 36.66 -34.06 41.19
C LEU A 1103 35.28 -33.84 40.56
N ASN A 1104 34.31 -33.48 41.40
CA ASN A 1104 33.00 -33.05 40.96
C ASN A 1104 32.93 -31.53 41.15
N VAL A 1105 32.72 -30.82 40.05
CA VAL A 1105 32.93 -29.36 40.03
C VAL A 1105 31.87 -28.65 40.86
N GLN A 1106 30.66 -29.20 40.96
CA GLN A 1106 29.63 -28.53 41.74
C GLN A 1106 29.88 -28.67 43.23
N TRP A 1107 30.53 -29.75 43.66
CA TRP A 1107 30.96 -29.86 45.05
C TRP A 1107 32.04 -28.82 45.36
N LEU A 1108 32.98 -28.63 44.43
CA LEU A 1108 34.05 -27.67 44.61
C LEU A 1108 33.50 -26.25 44.68
N ARG A 1109 32.52 -25.94 43.84
CA ARG A 1109 31.84 -24.65 43.96
C ARG A 1109 30.91 -24.60 45.17
N ALA A 1110 30.56 -25.75 45.75
CA ALA A 1110 29.75 -25.77 46.96
C ALA A 1110 30.56 -25.52 48.22
N GLN A 1111 31.88 -25.73 48.19
CA GLN A 1111 32.68 -25.30 49.34
C GLN A 1111 33.72 -24.27 48.95
N LEU A 1112 33.31 -23.20 48.27
CA LEU A 1112 34.28 -22.19 47.86
C LEU A 1112 33.64 -20.81 47.73
N GLY A 1113 34.23 -19.82 48.38
CA GLY A 1113 33.77 -18.44 48.29
C GLY A 1113 34.83 -17.55 47.69
N ILE A 1114 34.39 -16.57 46.89
CA ILE A 1114 35.29 -15.74 46.11
C ILE A 1114 34.96 -14.27 46.37
N VAL A 1115 36.00 -13.44 46.49
CA VAL A 1115 35.89 -11.99 46.57
C VAL A 1115 36.46 -11.42 45.27
N SER A 1116 35.69 -10.55 44.62
CA SER A 1116 36.11 -9.93 43.36
C SER A 1116 36.70 -8.55 43.62
N GLN A 1117 37.40 -8.03 42.61
CA GLN A 1117 37.93 -6.67 42.67
C GLN A 1117 36.78 -5.65 42.73
N GLU A 1118 36.00 -5.58 41.69
CA GLU A 1118 34.78 -4.79 41.72
C GLU A 1118 33.60 -5.71 41.92
N PRO A 1119 32.67 -5.38 42.80
CA PRO A 1119 31.50 -6.24 43.00
C PRO A 1119 30.53 -6.13 41.84
N ILE A 1120 29.74 -7.18 41.68
CA ILE A 1120 28.74 -7.28 40.63
C ILE A 1120 27.38 -7.29 41.30
N LEU A 1121 26.58 -6.25 41.03
CA LEU A 1121 25.33 -6.05 41.73
C LEU A 1121 24.17 -6.17 40.75
N PHE A 1122 23.02 -6.61 41.26
CA PHE A 1122 21.92 -7.05 40.44
C PHE A 1122 20.69 -6.19 40.68
N ASP A 1123 19.67 -6.38 39.84
CA ASP A 1123 18.41 -5.66 39.98
C ASP A 1123 17.42 -6.50 40.80
N CYS A 1124 17.81 -6.72 42.04
CA CYS A 1124 16.94 -7.39 42.98
C CYS A 1124 17.11 -6.67 44.30
N SER A 1125 16.60 -7.28 45.35
CA SER A 1125 16.76 -6.70 46.66
C SER A 1125 18.18 -6.94 47.15
N ILE A 1126 18.54 -6.22 48.21
CA ILE A 1126 19.80 -6.45 48.88
C ILE A 1126 19.76 -7.76 49.65
N ALA A 1127 18.57 -8.25 50.00
CA ALA A 1127 18.47 -9.56 50.66
C ALA A 1127 18.91 -10.69 49.72
N GLU A 1128 18.58 -10.58 48.43
CA GLU A 1128 19.05 -11.59 47.47
C GLU A 1128 20.38 -11.23 46.82
N ASN A 1129 20.79 -9.96 46.85
CA ASN A 1129 22.16 -9.63 46.44
C ASN A 1129 23.16 -10.13 47.46
N ILE A 1130 22.81 -10.04 48.74
CA ILE A 1130 23.65 -10.63 49.77
C ILE A 1130 23.50 -12.14 49.79
N ALA A 1131 22.25 -12.64 49.70
CA ALA A 1131 21.97 -14.08 49.71
C ALA A 1131 22.41 -14.79 48.44
N TYR A 1132 22.96 -14.07 47.48
CA TYR A 1132 23.56 -14.65 46.28
C TYR A 1132 24.80 -15.48 46.59
N GLY A 1133 25.40 -15.30 47.77
CA GLY A 1133 26.69 -15.93 48.06
C GLY A 1133 26.66 -17.44 48.11
N ASP A 1134 25.51 -18.04 48.40
CA ASP A 1134 25.40 -19.49 48.47
C ASP A 1134 24.08 -19.90 47.82
N ASN A 1135 24.11 -20.14 46.50
CA ASN A 1135 22.91 -20.52 45.79
C ASN A 1135 22.65 -22.01 45.95
N SER A 1136 21.53 -22.46 45.38
CA SER A 1136 21.00 -23.82 45.51
C SER A 1136 20.87 -24.24 46.98
N ARG A 1137 20.32 -23.33 47.78
CA ARG A 1137 20.22 -23.53 49.21
C ARG A 1137 18.87 -23.03 49.70
N VAL A 1138 18.69 -23.10 51.01
CA VAL A 1138 17.42 -22.77 51.65
C VAL A 1138 17.65 -21.58 52.59
N VAL A 1139 18.56 -20.69 52.21
CA VAL A 1139 18.98 -19.57 53.05
C VAL A 1139 17.82 -18.62 53.32
N SER A 1140 17.69 -18.23 54.58
CA SER A 1140 16.54 -17.51 55.12
C SER A 1140 17.00 -16.14 55.62
N TYR A 1141 16.09 -15.46 56.30
CA TYR A 1141 16.29 -14.09 56.73
C TYR A 1141 17.40 -13.97 57.77
N GLU A 1142 17.52 -14.96 58.66
CA GLU A 1142 18.39 -14.85 59.82
C GLU A 1142 19.86 -14.90 59.43
N GLU A 1143 20.23 -15.68 58.42
CA GLU A 1143 21.63 -15.68 57.99
C GLU A 1143 21.99 -14.41 57.25
N ILE A 1144 21.01 -13.77 56.60
CA ILE A 1144 21.24 -12.44 56.05
C ILE A 1144 21.48 -11.45 57.18
N VAL A 1145 20.73 -11.59 58.28
CA VAL A 1145 20.97 -10.76 59.45
C VAL A 1145 22.35 -11.03 60.03
N ARG A 1146 22.78 -12.29 60.04
CA ARG A 1146 24.08 -12.67 60.56
C ARG A 1146 25.22 -12.11 59.71
N ALA A 1147 25.12 -12.29 58.39
CA ALA A 1147 26.11 -11.71 57.48
C ALA A 1147 26.06 -10.20 57.46
N ALA A 1148 24.96 -9.59 57.92
CA ALA A 1148 24.97 -8.17 58.20
C ALA A 1148 25.69 -7.84 59.50
N LYS A 1149 25.64 -8.74 60.51
CA LYS A 1149 26.42 -8.52 61.73
C LYS A 1149 27.91 -8.52 61.43
N GLU A 1150 28.37 -9.47 60.64
CA GLU A 1150 29.81 -9.49 60.33
C GLU A 1150 30.20 -8.53 59.21
N ALA A 1151 29.35 -7.58 58.84
CA ALA A 1151 29.64 -6.68 57.73
C ALA A 1151 29.94 -5.25 58.15
N ASN A 1152 29.42 -4.82 59.31
CA ASN A 1152 29.39 -3.42 59.74
C ASN A 1152 28.70 -2.50 58.74
N ILE A 1153 27.71 -3.03 58.02
CA ILE A 1153 26.77 -2.25 57.25
C ILE A 1153 25.36 -2.39 57.83
N HIS A 1154 25.25 -3.06 58.96
CA HIS A 1154 23.96 -3.45 59.52
C HIS A 1154 23.18 -2.24 60.02
N GLN A 1155 23.80 -1.43 60.87
CA GLN A 1155 23.16 -0.19 61.29
C GLN A 1155 23.11 0.84 60.16
N PHE A 1156 23.98 0.71 59.15
CA PHE A 1156 23.82 1.51 57.95
C PHE A 1156 22.60 1.09 57.15
N ILE A 1157 22.27 -0.21 57.15
CA ILE A 1157 21.01 -0.68 56.57
C ILE A 1157 19.84 -0.15 57.38
N ASP A 1158 19.95 -0.19 58.72
CA ASP A 1158 18.91 0.34 59.59
C ASP A 1158 18.76 1.86 59.48
N SER A 1159 19.78 2.56 58.99
CA SER A 1159 19.66 3.99 58.72
C SER A 1159 18.90 4.27 57.44
N LEU A 1160 18.67 3.27 56.61
CA LEU A 1160 17.97 3.43 55.34
C LEU A 1160 16.53 2.95 55.46
N PRO A 1161 15.57 3.62 54.81
CA PRO A 1161 14.20 3.09 54.80
C PRO A 1161 14.05 1.98 53.78
N ASP A 1162 13.09 1.08 54.06
CA ASP A 1162 12.87 -0.16 53.31
C ASP A 1162 14.16 -0.98 53.26
N LYS A 1163 14.48 -1.50 54.46
CA LYS A 1163 15.84 -1.90 54.86
C LYS A 1163 16.46 -2.91 53.89
N TYR A 1164 15.84 -4.07 53.73
CA TYR A 1164 16.32 -5.05 52.78
C TYR A 1164 15.67 -4.90 51.42
N ASN A 1165 14.62 -4.09 51.31
CA ASN A 1165 13.87 -3.93 50.08
C ASN A 1165 14.41 -2.81 49.20
N THR A 1166 15.47 -2.12 49.62
CA THR A 1166 16.01 -0.96 48.90
C THR A 1166 16.67 -1.45 47.62
N ARG A 1167 15.96 -1.35 46.51
CA ARG A 1167 16.46 -1.86 45.24
C ARG A 1167 17.61 -0.99 44.72
N VAL A 1168 18.65 -1.63 44.23
CA VAL A 1168 19.87 -0.97 43.79
C VAL A 1168 19.97 -1.08 42.28
N GLY A 1169 20.39 -0.01 41.63
CA GLY A 1169 20.69 -0.08 40.21
C GLY A 1169 20.64 1.32 39.60
N ASP A 1170 20.34 1.35 38.31
CA ASP A 1170 19.99 2.62 37.70
C ASP A 1170 18.60 3.08 38.10
N LYS A 1171 17.75 2.14 38.52
CA LYS A 1171 16.46 2.44 39.11
C LYS A 1171 16.52 2.68 40.61
N GLY A 1172 17.69 2.56 41.23
CA GLY A 1172 17.86 2.74 42.65
C GLY A 1172 19.00 3.70 42.97
N THR A 1173 19.64 3.44 44.10
CA THR A 1173 20.73 4.29 44.57
C THR A 1173 22.08 3.75 44.13
N GLN A 1174 23.09 4.62 44.20
CA GLN A 1174 24.46 4.31 43.81
C GLN A 1174 25.38 4.58 44.99
N LEU A 1175 26.28 3.64 45.25
CA LEU A 1175 27.09 3.68 46.47
C LEU A 1175 28.55 3.95 46.14
N SER A 1176 29.32 4.22 47.19
CA SER A 1176 30.75 4.46 47.07
C SER A 1176 31.50 3.15 46.88
N GLY A 1177 32.81 3.25 46.66
CA GLY A 1177 33.62 2.06 46.46
C GLY A 1177 33.77 1.21 47.71
N GLY A 1178 33.83 1.87 48.87
CA GLY A 1178 33.99 1.14 50.13
C GLY A 1178 32.72 0.42 50.55
N GLN A 1179 31.57 1.04 50.34
CA GLN A 1179 30.30 0.39 50.68
C GLN A 1179 29.99 -0.76 49.75
N LYS A 1180 30.25 -0.60 48.45
CA LYS A 1180 30.09 -1.72 47.52
C LYS A 1180 31.12 -2.82 47.78
N GLN A 1181 32.32 -2.43 48.23
CA GLN A 1181 33.30 -3.42 48.66
C GLN A 1181 32.80 -4.21 49.86
N ARG A 1182 32.22 -3.53 50.86
CA ARG A 1182 31.64 -4.21 52.01
C ARG A 1182 30.46 -5.09 51.61
N ILE A 1183 29.70 -4.67 50.59
CA ILE A 1183 28.64 -5.50 50.03
C ILE A 1183 29.22 -6.81 49.47
N ALA A 1184 30.34 -6.70 48.75
CA ALA A 1184 31.00 -7.88 48.18
C ALA A 1184 31.52 -8.82 49.27
N ILE A 1185 32.11 -8.25 50.32
CA ILE A 1185 32.66 -9.10 51.38
C ILE A 1185 31.54 -9.78 52.16
N ALA A 1186 30.44 -9.07 52.41
CA ALA A 1186 29.31 -9.70 53.10
C ALA A 1186 28.68 -10.78 52.23
N ARG A 1187 28.61 -10.54 50.91
CA ARG A 1187 28.07 -11.52 49.98
C ARG A 1187 28.91 -12.79 49.95
N ALA A 1188 30.24 -12.64 49.91
CA ALA A 1188 31.10 -13.81 49.91
C ALA A 1188 31.07 -14.52 51.25
N LEU A 1189 30.88 -13.80 52.34
CA LEU A 1189 30.90 -14.42 53.65
C LEU A 1189 29.53 -14.96 54.10
N VAL A 1190 28.50 -14.86 53.26
CA VAL A 1190 27.26 -15.61 53.55
C VAL A 1190 27.52 -17.11 53.57
N ARG A 1191 28.40 -17.59 52.68
CA ARG A 1191 28.54 -19.02 52.42
C ARG A 1191 29.08 -19.80 53.63
N GLN A 1192 29.82 -19.11 54.53
CA GLN A 1192 30.61 -19.68 55.62
C GLN A 1192 31.52 -20.78 55.09
N PRO A 1193 32.50 -20.48 54.24
CA PRO A 1193 33.22 -21.53 53.54
C PRO A 1193 34.44 -22.03 54.32
N HIS A 1194 35.00 -23.13 53.82
CA HIS A 1194 36.23 -23.65 54.37
C HIS A 1194 37.46 -22.96 53.78
N ILE A 1195 37.34 -22.41 52.58
CA ILE A 1195 38.43 -21.72 51.91
C ILE A 1195 37.87 -20.43 51.32
N LEU A 1196 38.55 -19.31 51.54
CA LEU A 1196 38.19 -18.05 50.93
C LEU A 1196 39.27 -17.58 49.95
N LEU A 1197 38.87 -16.71 49.02
CA LEU A 1197 39.77 -16.20 48.00
C LEU A 1197 39.52 -14.71 47.86
N LEU A 1198 40.54 -13.90 48.16
CA LEU A 1198 40.42 -12.46 48.26
C LEU A 1198 41.24 -11.82 47.16
N ASP A 1199 40.58 -11.04 46.31
CA ASP A 1199 41.19 -10.51 45.09
C ASP A 1199 40.84 -9.02 45.04
N GLN A 1200 41.79 -8.17 45.40
CA GLN A 1200 41.53 -6.76 45.64
C GLN A 1200 42.40 -5.90 44.73
N ALA A 1201 41.87 -4.75 44.33
CA ALA A 1201 42.58 -3.79 43.50
C ALA A 1201 42.55 -2.41 44.15
N THR A 1202 43.42 -1.52 43.65
CA THR A 1202 43.61 -0.19 44.19
C THR A 1202 42.64 0.80 43.57
N SER A 1203 42.92 2.10 43.74
CA SER A 1203 42.23 3.27 43.16
C SER A 1203 40.84 3.49 43.76
N ALA A 1204 40.68 3.17 45.05
CA ALA A 1204 39.52 3.66 45.77
C ALA A 1204 39.73 5.11 46.19
N LEU A 1205 38.63 5.85 46.31
CA LEU A 1205 38.69 7.27 46.63
C LEU A 1205 38.10 7.61 47.99
N ASP A 1206 37.28 6.73 48.56
CA ASP A 1206 36.79 6.97 49.93
C ASP A 1206 37.92 6.90 50.94
N THR A 1207 38.72 5.81 50.87
CA THR A 1207 39.90 5.46 51.72
C THR A 1207 39.68 5.70 53.21
N GLU A 1208 38.45 5.56 53.71
CA GLU A 1208 38.21 5.53 55.13
C GLU A 1208 37.58 4.24 55.61
N SER A 1209 37.00 3.45 54.70
CA SER A 1209 36.42 2.16 55.01
C SER A 1209 37.45 1.03 54.95
N GLU A 1210 38.73 1.37 54.78
CA GLU A 1210 39.78 0.36 54.73
C GLU A 1210 39.90 -0.37 56.06
N LYS A 1211 39.72 0.34 57.17
CA LYS A 1211 39.81 -0.28 58.48
C LYS A 1211 38.64 -1.23 58.73
N VAL A 1212 37.45 -0.87 58.26
CA VAL A 1212 36.30 -1.73 58.48
C VAL A 1212 36.31 -2.94 57.53
N VAL A 1213 36.82 -2.79 56.31
CA VAL A 1213 36.93 -3.97 55.47
C VAL A 1213 38.05 -4.89 55.96
N GLN A 1214 39.10 -4.33 56.56
CA GLN A 1214 40.12 -5.17 57.16
C GLN A 1214 39.63 -5.86 58.42
N GLU A 1215 38.73 -5.24 59.18
CA GLU A 1215 38.21 -5.93 60.36
C GLU A 1215 37.24 -7.04 59.97
N ALA A 1216 36.47 -6.86 58.88
CA ALA A 1216 35.66 -7.98 58.39
C ALA A 1216 36.53 -9.09 57.79
N LEU A 1217 37.64 -8.72 57.12
CA LEU A 1217 38.57 -9.72 56.64
C LEU A 1217 39.27 -10.44 57.79
N ASP A 1218 39.54 -9.72 58.89
CA ASP A 1218 40.12 -10.35 60.08
C ASP A 1218 39.11 -11.17 60.84
N LYS A 1219 37.82 -10.89 60.67
CA LYS A 1219 36.80 -11.84 61.08
C LYS A 1219 36.82 -13.07 60.19
N ALA A 1220 37.28 -12.93 58.95
CA ALA A 1220 37.37 -14.07 58.04
C ALA A 1220 38.75 -14.72 57.98
N ARG A 1221 39.79 -14.09 58.54
CA ARG A 1221 41.15 -14.63 58.52
C ARG A 1221 41.45 -15.54 59.70
N GLU A 1222 40.44 -16.14 60.32
CA GLU A 1222 40.66 -16.91 61.54
C GLU A 1222 40.45 -18.40 61.38
N GLY A 1223 39.43 -18.83 60.64
CA GLY A 1223 39.17 -20.25 60.45
C GLY A 1223 38.87 -20.59 59.02
N ARG A 1224 39.05 -19.60 58.15
CA ARG A 1224 38.80 -19.73 56.72
C ARG A 1224 40.09 -19.45 55.99
N THR A 1225 40.57 -20.44 55.24
CA THR A 1225 41.82 -20.32 54.49
C THR A 1225 41.68 -19.28 53.39
N CYS A 1226 42.53 -18.26 53.43
CA CYS A 1226 42.42 -17.14 52.51
C CYS A 1226 43.64 -17.10 51.59
N ILE A 1227 43.44 -16.55 50.39
CA ILE A 1227 44.51 -16.27 49.46
C ILE A 1227 44.42 -14.80 49.09
N VAL A 1228 45.50 -14.05 49.32
CA VAL A 1228 45.46 -12.59 49.33
C VAL A 1228 46.42 -12.05 48.28
N ILE A 1229 45.90 -11.18 47.40
CA ILE A 1229 46.72 -10.24 46.64
C ILE A 1229 46.34 -8.84 47.12
N ALA A 1230 47.24 -7.89 46.91
CA ALA A 1230 47.00 -6.53 47.40
C ALA A 1230 47.79 -5.53 46.59
N HIS A 1231 47.37 -4.28 46.70
CA HIS A 1231 48.12 -3.12 46.26
C HIS A 1231 48.40 -2.13 47.38
N ARG A 1232 47.42 -1.91 48.26
CA ARG A 1232 47.69 -1.27 49.55
C ARG A 1232 48.51 -2.24 50.40
N LEU A 1233 49.67 -1.78 50.87
CA LEU A 1233 50.59 -2.65 51.60
C LEU A 1233 50.39 -2.54 53.11
N SER A 1234 49.16 -2.31 53.55
CA SER A 1234 48.81 -2.34 54.96
C SER A 1234 48.42 -3.73 55.44
N THR A 1235 48.54 -4.74 54.58
CA THR A 1235 48.23 -6.11 54.95
C THR A 1235 49.46 -7.00 54.97
N ILE A 1236 50.64 -6.45 54.71
CA ILE A 1236 51.84 -7.27 54.65
C ILE A 1236 52.37 -7.64 56.03
N GLN A 1237 51.89 -7.00 57.10
CA GLN A 1237 52.28 -7.46 58.43
C GLN A 1237 51.37 -8.56 58.98
N ASN A 1238 50.04 -8.48 58.81
CA ASN A 1238 49.25 -9.57 59.37
C ASN A 1238 49.00 -10.72 58.40
N ALA A 1239 49.53 -10.64 57.19
CA ALA A 1239 49.55 -11.81 56.31
C ALA A 1239 50.59 -12.82 56.77
N ASP A 1240 50.26 -14.10 56.63
CA ASP A 1240 51.06 -15.16 57.25
C ASP A 1240 52.26 -15.58 56.41
N LEU A 1241 52.03 -16.07 55.20
CA LEU A 1241 53.11 -16.59 54.35
C LEU A 1241 53.06 -15.87 53.01
N ILE A 1242 53.81 -14.80 52.89
CA ILE A 1242 53.82 -14.01 51.66
C ILE A 1242 54.87 -14.60 50.72
N VAL A 1243 54.59 -14.53 49.43
CA VAL A 1243 55.39 -15.19 48.39
C VAL A 1243 55.75 -14.16 47.33
N VAL A 1244 57.01 -14.15 46.90
CA VAL A 1244 57.43 -13.40 45.72
C VAL A 1244 57.25 -14.29 44.51
N ILE A 1245 56.51 -13.80 43.51
CA ILE A 1245 56.22 -14.57 42.31
C ILE A 1245 56.85 -13.88 41.11
N GLN A 1246 57.73 -14.60 40.41
CA GLN A 1246 58.29 -14.17 39.14
C GLN A 1246 58.77 -15.41 38.40
N ASN A 1247 58.67 -15.36 37.06
CA ASN A 1247 59.02 -16.45 36.16
C ASN A 1247 58.26 -17.74 36.46
N GLY A 1248 57.03 -17.62 36.97
CA GLY A 1248 56.24 -18.77 37.33
C GLY A 1248 56.76 -19.58 38.50
N LYS A 1249 57.57 -18.97 39.37
CA LYS A 1249 58.25 -19.70 40.42
C LYS A 1249 58.29 -18.89 41.70
N VAL A 1250 58.12 -19.59 42.82
CA VAL A 1250 58.34 -19.01 44.14
C VAL A 1250 59.81 -18.64 44.28
N LYS A 1251 60.07 -17.37 44.60
CA LYS A 1251 61.45 -16.97 44.87
C LYS A 1251 61.92 -17.51 46.22
N GLU A 1252 61.06 -17.41 47.24
CA GLU A 1252 61.45 -17.78 48.60
C GLU A 1252 60.20 -18.00 49.44
N HIS A 1253 60.26 -19.00 50.32
CA HIS A 1253 59.23 -19.25 51.32
C HIS A 1253 59.54 -18.46 52.58
N GLY A 1254 58.52 -18.21 53.39
CA GLY A 1254 58.75 -17.63 54.69
C GLY A 1254 57.77 -16.52 55.02
N THR A 1255 58.06 -15.85 56.14
CA THR A 1255 57.23 -14.78 56.69
C THR A 1255 57.76 -13.42 56.24
N HIS A 1256 57.24 -12.36 56.86
CA HIS A 1256 57.49 -11.00 56.39
C HIS A 1256 58.90 -10.52 56.73
N GLN A 1257 59.35 -10.72 57.97
CA GLN A 1257 60.66 -10.20 58.37
C GLN A 1257 61.78 -10.94 57.66
N GLN A 1258 61.59 -12.22 57.37
CA GLN A 1258 62.58 -12.99 56.64
C GLN A 1258 62.75 -12.45 55.23
N LEU A 1259 61.66 -12.35 54.48
CA LEU A 1259 61.72 -11.86 53.11
C LEU A 1259 62.02 -10.36 53.01
N LEU A 1260 61.90 -9.63 54.12
CA LEU A 1260 62.32 -8.23 54.13
C LEU A 1260 63.79 -8.10 54.49
N ALA A 1261 64.30 -8.95 55.39
CA ALA A 1261 65.71 -8.93 55.73
C ALA A 1261 66.57 -9.51 54.63
N GLN A 1262 66.02 -10.34 53.74
CA GLN A 1262 66.82 -10.86 52.64
C GLN A 1262 67.03 -9.87 51.51
N LYS A 1263 66.43 -8.67 51.60
CA LYS A 1263 66.70 -7.53 50.72
C LYS A 1263 66.37 -7.84 49.27
N GLY A 1264 65.21 -8.48 49.05
CA GLY A 1264 64.80 -8.84 47.71
C GLY A 1264 64.01 -7.76 47.03
N ILE A 1265 62.93 -8.13 46.34
CA ILE A 1265 62.09 -7.14 45.69
C ILE A 1265 61.22 -6.43 46.75
N TYR A 1266 60.95 -7.11 47.87
CA TYR A 1266 60.18 -6.51 48.96
C TYR A 1266 60.90 -5.31 49.57
N PHE A 1267 62.22 -5.37 49.63
CA PHE A 1267 63.03 -4.22 50.01
C PHE A 1267 62.81 -3.06 49.05
N SER A 1268 62.67 -3.35 47.75
CA SER A 1268 62.44 -2.28 46.78
C SER A 1268 61.05 -1.67 46.93
N MET A 1269 60.01 -2.47 47.25
CA MET A 1269 58.69 -1.86 47.40
C MET A 1269 58.60 -1.02 48.68
N VAL A 1270 59.21 -1.48 49.78
CA VAL A 1270 59.23 -0.63 50.99
C VAL A 1270 60.10 0.60 50.77
N SER A 1271 61.18 0.51 49.98
CA SER A 1271 62.00 1.68 49.70
C SER A 1271 61.33 2.67 48.77
N VAL A 1272 60.44 2.18 47.89
CA VAL A 1272 59.67 3.08 47.03
C VAL A 1272 58.56 3.76 47.83
N GLN A 1273 57.78 2.99 48.59
CA GLN A 1273 56.65 3.57 49.30
C GLN A 1273 57.04 4.19 50.64
N ALA A 1274 58.31 4.16 51.01
CA ALA A 1274 58.77 4.82 52.23
C ALA A 1274 59.23 6.25 51.98
N GLY A 1275 59.67 6.56 50.76
CA GLY A 1275 60.10 7.90 50.44
C GLY A 1275 58.95 8.87 50.25
N GLN B 1 -38.63 -19.46 -42.50
CA GLN B 1 -39.98 -18.94 -42.60
C GLN B 1 -40.94 -19.94 -42.01
N VAL B 2 -41.63 -19.56 -40.95
CA VAL B 2 -42.84 -20.27 -40.57
C VAL B 2 -44.03 -19.47 -41.11
N VAL B 3 -44.76 -20.08 -42.02
CA VAL B 3 -45.77 -19.34 -42.75
C VAL B 3 -46.97 -19.23 -41.84
N MET B 4 -47.00 -18.17 -41.05
CA MET B 4 -48.01 -18.00 -40.03
C MET B 4 -49.35 -17.70 -40.66
N THR B 5 -50.43 -18.06 -39.97
CA THR B 5 -51.76 -17.89 -40.53
C THR B 5 -52.70 -17.60 -39.37
N GLN B 6 -52.91 -16.32 -39.10
CA GLN B 6 -53.88 -15.94 -38.09
C GLN B 6 -55.26 -15.96 -38.70
N SER B 7 -56.13 -16.83 -38.22
CA SER B 7 -57.25 -17.16 -39.10
C SER B 7 -58.66 -16.94 -38.56
N PRO B 8 -58.95 -15.86 -37.87
CA PRO B 8 -60.16 -15.10 -38.23
C PRO B 8 -59.75 -13.87 -39.02
N LEU B 9 -60.49 -13.49 -40.05
CA LEU B 9 -60.18 -12.24 -40.73
C LEU B 9 -60.92 -11.07 -40.12
N SER B 10 -62.03 -11.33 -39.44
CA SER B 10 -62.73 -10.34 -38.65
C SER B 10 -63.40 -11.06 -37.49
N LEU B 11 -63.88 -10.27 -36.53
CA LEU B 11 -64.42 -10.81 -35.28
C LEU B 11 -65.60 -9.97 -34.82
N PRO B 12 -66.81 -10.41 -35.02
CA PRO B 12 -67.99 -9.60 -34.66
C PRO B 12 -68.28 -9.60 -33.16
N VAL B 13 -67.49 -8.85 -32.46
CA VAL B 13 -67.52 -8.83 -31.00
C VAL B 13 -68.54 -7.80 -30.55
N SER B 14 -69.28 -8.12 -29.50
CA SER B 14 -70.21 -7.17 -28.91
C SER B 14 -69.47 -6.29 -27.93
N LEU B 15 -70.19 -5.53 -27.11
CA LEU B 15 -69.59 -4.56 -26.21
C LEU B 15 -69.87 -4.98 -24.77
N GLY B 16 -68.93 -5.73 -24.19
CA GLY B 16 -69.10 -6.17 -22.82
C GLY B 16 -69.14 -7.66 -22.62
N ASP B 17 -68.41 -8.42 -23.43
CA ASP B 17 -68.33 -9.86 -23.24
C ASP B 17 -66.96 -10.34 -23.73
N GLN B 18 -66.87 -11.63 -24.03
CA GLN B 18 -65.61 -12.29 -24.30
C GLN B 18 -65.36 -12.40 -25.80
N ALA B 19 -64.10 -12.20 -26.19
CA ALA B 19 -63.64 -12.37 -27.55
C ALA B 19 -62.47 -13.35 -27.58
N SER B 20 -62.20 -13.89 -28.77
CA SER B 20 -61.23 -14.98 -28.87
C SER B 20 -60.66 -15.01 -30.28
N ILE B 21 -59.34 -14.87 -30.37
CA ILE B 21 -58.62 -14.81 -31.64
C ILE B 21 -57.70 -16.01 -31.72
N SER B 22 -57.52 -16.56 -32.91
CA SER B 22 -56.57 -17.63 -33.10
C SER B 22 -55.21 -17.08 -33.50
N CYS B 23 -54.23 -17.98 -33.59
CA CYS B 23 -52.94 -17.70 -34.21
C CYS B 23 -52.29 -19.05 -34.47
N ARG B 24 -52.20 -19.44 -35.73
CA ARG B 24 -51.84 -20.82 -36.06
C ARG B 24 -50.56 -20.83 -36.87
N SER B 25 -49.56 -21.53 -36.37
CA SER B 25 -48.25 -21.54 -37.00
C SER B 25 -48.21 -22.52 -38.16
N SER B 26 -47.02 -22.81 -38.66
CA SER B 26 -46.80 -23.81 -39.69
C SER B 26 -45.60 -24.69 -39.38
N GLN B 27 -45.04 -24.55 -38.18
CA GLN B 27 -43.96 -25.38 -37.64
C GLN B 27 -43.88 -25.05 -36.17
N SER B 28 -43.66 -26.07 -35.34
CA SER B 28 -43.91 -25.93 -33.91
C SER B 28 -42.90 -25.01 -33.26
N LEU B 29 -43.41 -24.05 -32.49
CA LEU B 29 -42.59 -23.00 -31.90
C LEU B 29 -42.13 -23.36 -30.50
N LEU B 30 -41.54 -24.54 -30.37
CA LEU B 30 -40.92 -24.96 -29.13
C LEU B 30 -39.42 -24.94 -29.36
N HIS B 31 -38.72 -24.08 -28.63
CA HIS B 31 -37.29 -23.99 -28.78
C HIS B 31 -36.63 -25.14 -27.98
N SER B 32 -35.30 -25.20 -28.00
CA SER B 32 -34.57 -26.10 -27.11
C SER B 32 -34.73 -25.68 -25.66
N ASN B 33 -34.90 -24.39 -25.40
CA ASN B 33 -35.40 -23.97 -24.10
C ASN B 33 -36.83 -24.45 -23.93
N GLY B 34 -37.25 -24.52 -22.68
CA GLY B 34 -38.63 -24.86 -22.41
C GLY B 34 -39.54 -23.65 -22.51
N ASN B 35 -39.56 -23.01 -23.66
CA ASN B 35 -40.30 -21.77 -23.82
C ASN B 35 -40.82 -21.65 -25.23
N THR B 36 -41.98 -21.03 -25.36
CA THR B 36 -42.64 -20.80 -26.63
C THR B 36 -42.82 -19.32 -26.82
N TYR B 37 -42.20 -18.77 -27.86
CA TYR B 37 -42.24 -17.35 -28.12
C TYR B 37 -43.25 -17.07 -29.21
N LEU B 38 -44.35 -16.42 -28.84
CA LEU B 38 -45.10 -15.59 -29.78
C LEU B 38 -45.87 -14.55 -29.00
N HIS B 39 -45.86 -13.34 -29.51
CA HIS B 39 -46.24 -12.15 -28.78
C HIS B 39 -47.53 -11.60 -29.37
N TRP B 40 -48.19 -10.67 -28.70
CA TRP B 40 -49.48 -10.21 -29.19
C TRP B 40 -49.59 -8.70 -29.10
N TYR B 41 -49.78 -8.04 -30.25
CA TYR B 41 -49.79 -6.60 -30.34
C TYR B 41 -51.17 -6.07 -30.65
N LEU B 42 -51.52 -4.94 -30.06
CA LEU B 42 -52.69 -4.18 -30.46
C LEU B 42 -52.21 -3.01 -31.29
N GLN B 43 -52.83 -2.81 -32.45
CA GLN B 43 -52.52 -1.67 -33.31
C GLN B 43 -53.78 -0.84 -33.47
N LYS B 44 -53.81 0.31 -32.84
CA LYS B 44 -54.92 1.21 -33.01
C LYS B 44 -54.84 1.84 -34.40
N PRO B 45 -55.95 2.38 -34.91
CA PRO B 45 -55.90 3.08 -36.21
C PRO B 45 -55.12 4.37 -36.13
N GLY B 46 -54.02 4.43 -36.87
CA GLY B 46 -53.22 5.63 -36.95
C GLY B 46 -52.00 5.65 -36.05
N GLN B 47 -52.14 5.14 -34.84
CA GLN B 47 -51.06 5.19 -33.87
C GLN B 47 -50.12 4.01 -34.07
N SER B 48 -49.21 3.81 -33.13
CA SER B 48 -48.12 2.85 -33.07
C SER B 48 -48.59 1.56 -32.45
N PRO B 49 -48.12 0.42 -32.95
CA PRO B 49 -48.53 -0.86 -32.37
C PRO B 49 -47.94 -1.05 -30.98
N LYS B 50 -48.80 -1.33 -30.02
CA LYS B 50 -48.40 -1.52 -28.64
C LYS B 50 -48.20 -3.00 -28.35
N LEU B 51 -47.60 -3.29 -27.21
CA LEU B 51 -47.39 -4.66 -26.76
C LEU B 51 -48.37 -4.99 -25.63
N LEU B 52 -48.97 -6.16 -25.70
CA LEU B 52 -49.96 -6.56 -24.69
C LEU B 52 -49.69 -7.90 -24.06
N ILE B 53 -49.27 -8.91 -24.81
CA ILE B 53 -49.02 -10.25 -24.30
C ILE B 53 -47.76 -10.75 -24.97
N TYR B 54 -46.78 -11.17 -24.18
CA TYR B 54 -45.56 -11.72 -24.74
C TYR B 54 -45.24 -13.00 -24.02
N LYS B 55 -44.58 -13.93 -24.74
CA LYS B 55 -44.12 -15.21 -24.21
C LYS B 55 -45.30 -15.98 -23.65
N VAL B 56 -46.08 -16.62 -24.52
CA VAL B 56 -47.55 -16.61 -24.59
C VAL B 56 -48.35 -16.43 -23.30
N SER B 57 -47.85 -16.88 -22.16
CA SER B 57 -48.64 -16.82 -20.95
C SER B 57 -48.52 -15.51 -20.20
N ASN B 58 -47.44 -14.76 -20.39
CA ASN B 58 -47.09 -13.66 -19.51
C ASN B 58 -47.96 -12.44 -19.79
N ARG B 59 -47.55 -11.30 -19.27
CA ARG B 59 -48.33 -10.07 -19.43
C ARG B 59 -47.38 -8.90 -19.29
N PHE B 60 -47.47 -7.94 -20.20
CA PHE B 60 -46.58 -6.80 -20.16
C PHE B 60 -46.98 -5.85 -19.04
N SER B 61 -46.00 -5.12 -18.53
CA SER B 61 -46.20 -4.22 -17.40
C SER B 61 -46.91 -2.96 -17.88
N GLY B 62 -48.16 -2.79 -17.48
CA GLY B 62 -48.90 -1.60 -17.85
C GLY B 62 -50.27 -1.91 -18.41
N VAL B 63 -50.42 -3.02 -19.12
CA VAL B 63 -51.69 -3.38 -19.73
C VAL B 63 -52.63 -3.89 -18.63
N PRO B 64 -53.94 -3.68 -18.75
CA PRO B 64 -54.85 -4.15 -17.71
C PRO B 64 -55.00 -5.66 -17.76
N ASP B 65 -55.70 -6.19 -16.75
CA ASP B 65 -55.79 -7.62 -16.54
C ASP B 65 -56.94 -8.25 -17.31
N ARG B 66 -57.48 -7.57 -18.30
CA ARG B 66 -58.53 -8.16 -19.11
C ARG B 66 -58.00 -9.15 -20.13
N PHE B 67 -56.70 -9.17 -20.36
CA PHE B 67 -56.11 -9.97 -21.42
C PHE B 67 -55.57 -11.27 -20.85
N SER B 68 -55.53 -12.30 -21.70
CA SER B 68 -55.01 -13.60 -21.27
C SER B 68 -54.64 -14.41 -22.49
N GLY B 69 -53.49 -15.08 -22.42
CA GLY B 69 -53.06 -15.95 -23.48
C GLY B 69 -53.24 -17.40 -23.12
N SER B 70 -53.03 -18.27 -24.09
CA SER B 70 -53.25 -19.70 -23.90
C SER B 70 -52.51 -20.45 -24.99
N GLY B 71 -52.71 -21.76 -25.03
CA GLY B 71 -52.30 -22.58 -26.14
C GLY B 71 -50.81 -22.87 -26.15
N SER B 72 -50.46 -23.96 -26.84
CA SER B 72 -49.07 -24.30 -27.11
C SER B 72 -49.03 -25.22 -28.32
N GLY B 73 -47.85 -25.44 -28.83
CA GLY B 73 -47.68 -26.29 -30.01
C GLY B 73 -47.79 -25.48 -31.30
N THR B 74 -48.92 -25.61 -31.99
CA THR B 74 -49.20 -24.86 -33.22
C THR B 74 -50.62 -24.32 -33.20
N ASP B 75 -51.10 -23.88 -32.03
CA ASP B 75 -52.42 -23.27 -31.93
C ASP B 75 -52.47 -22.43 -30.68
N PHE B 76 -52.77 -21.15 -30.83
CA PHE B 76 -52.65 -20.20 -29.73
C PHE B 76 -53.89 -19.32 -29.73
N THR B 77 -54.10 -18.61 -28.62
CA THR B 77 -55.35 -17.90 -28.42
C THR B 77 -55.13 -16.75 -27.45
N LEU B 78 -55.60 -15.58 -27.81
CA LEU B 78 -55.77 -14.50 -26.85
C LEU B 78 -57.24 -14.43 -26.48
N LYS B 79 -57.50 -14.00 -25.25
CA LYS B 79 -58.88 -13.94 -24.74
C LYS B 79 -59.11 -12.59 -24.07
N ILE B 80 -59.84 -11.72 -24.75
CA ILE B 80 -60.37 -10.52 -24.11
C ILE B 80 -61.41 -10.95 -23.08
N SER B 81 -61.48 -10.26 -21.96
CA SER B 81 -62.53 -10.51 -20.98
C SER B 81 -63.29 -9.23 -20.71
N ARG B 82 -64.57 -9.21 -21.07
CA ARG B 82 -65.50 -8.09 -20.87
C ARG B 82 -64.98 -6.82 -21.55
N VAL B 83 -65.01 -6.87 -22.89
CA VAL B 83 -64.40 -5.85 -23.74
C VAL B 83 -65.09 -4.50 -23.55
N GLU B 84 -64.29 -3.45 -23.48
CA GLU B 84 -64.79 -2.09 -23.43
C GLU B 84 -64.81 -1.50 -24.83
N ALA B 85 -65.03 -0.20 -24.93
CA ALA B 85 -64.93 0.49 -26.20
C ALA B 85 -63.49 0.91 -26.51
N GLU B 86 -62.58 0.76 -25.57
CA GLU B 86 -61.21 1.21 -25.78
C GLU B 86 -60.40 0.18 -26.55
N ASP B 87 -60.74 -1.10 -26.47
CA ASP B 87 -60.02 -2.16 -27.20
C ASP B 87 -60.74 -2.44 -28.51
N LEU B 88 -60.50 -1.60 -29.50
CA LEU B 88 -61.02 -1.84 -30.85
C LEU B 88 -59.89 -1.50 -31.82
N GLY B 89 -59.07 -2.49 -32.13
CA GLY B 89 -57.97 -2.26 -33.04
C GLY B 89 -57.78 -3.42 -33.96
N VAL B 90 -56.54 -3.79 -34.23
CA VAL B 90 -56.25 -4.99 -35.00
C VAL B 90 -55.09 -5.71 -34.31
N TYR B 91 -55.20 -7.03 -34.17
CA TYR B 91 -54.30 -7.81 -33.34
C TYR B 91 -53.52 -8.79 -34.20
N PHE B 92 -52.21 -8.85 -34.01
CA PHE B 92 -51.38 -9.76 -34.79
C PHE B 92 -50.32 -10.38 -33.91
N CYS B 93 -49.67 -11.43 -34.40
CA CYS B 93 -48.85 -12.27 -33.55
C CYS B 93 -47.49 -12.60 -34.16
N SER B 94 -46.50 -11.77 -33.90
CA SER B 94 -45.12 -12.21 -34.02
C SER B 94 -44.89 -13.25 -32.95
N GLN B 95 -44.06 -14.27 -33.20
CA GLN B 95 -42.97 -14.32 -34.15
C GLN B 95 -42.67 -15.68 -34.66
N SER B 96 -41.58 -15.74 -35.37
CA SER B 96 -40.84 -16.95 -35.61
C SER B 96 -39.72 -17.07 -34.57
N THR B 97 -39.63 -18.23 -33.91
CA THR B 97 -38.45 -18.62 -33.15
C THR B 97 -37.38 -19.21 -34.03
N HIS B 98 -37.62 -19.29 -35.33
CA HIS B 98 -36.64 -19.72 -36.33
C HIS B 98 -36.35 -18.47 -37.16
N ILE B 99 -35.36 -17.71 -36.73
CA ILE B 99 -34.99 -16.44 -37.33
C ILE B 99 -33.94 -16.70 -38.40
N PRO B 100 -33.64 -15.75 -39.30
CA PRO B 100 -34.13 -14.40 -39.58
C PRO B 100 -35.09 -14.14 -40.75
N PRO B 101 -36.13 -14.90 -40.98
CA PRO B 101 -37.22 -14.31 -41.76
C PRO B 101 -38.10 -13.45 -40.88
N TRP B 102 -38.31 -13.91 -39.64
CA TRP B 102 -39.01 -13.18 -38.58
C TRP B 102 -40.44 -12.82 -38.99
N THR B 103 -41.25 -13.84 -39.17
CA THR B 103 -42.57 -13.61 -39.75
C THR B 103 -43.53 -12.98 -38.76
N PHE B 104 -44.58 -12.39 -39.29
CA PHE B 104 -45.65 -11.79 -38.52
C PHE B 104 -46.98 -12.35 -38.98
N GLY B 105 -48.01 -12.11 -38.20
CA GLY B 105 -49.33 -12.62 -38.50
C GLY B 105 -50.12 -11.69 -39.38
N GLY B 106 -51.30 -12.15 -39.76
CA GLY B 106 -52.16 -11.41 -40.66
C GLY B 106 -52.84 -10.21 -40.03
N GLY B 107 -53.72 -10.45 -39.07
CA GLY B 107 -54.43 -9.37 -38.41
C GLY B 107 -55.88 -9.73 -38.23
N THR B 108 -56.50 -9.13 -37.22
CA THR B 108 -57.90 -9.39 -36.90
C THR B 108 -58.52 -8.11 -36.40
N LYS B 109 -59.45 -7.53 -37.16
CA LYS B 109 -60.14 -6.35 -36.69
C LYS B 109 -61.19 -6.74 -35.65
N LEU B 110 -61.89 -5.76 -35.13
CA LEU B 110 -63.01 -6.02 -34.24
C LEU B 110 -64.24 -5.31 -34.77
N ASP B 111 -65.35 -5.41 -34.06
CA ASP B 111 -66.64 -4.89 -34.53
C ASP B 111 -67.44 -4.40 -33.34
N ILE B 112 -68.68 -3.98 -33.59
CA ILE B 112 -69.61 -3.55 -32.55
C ILE B 112 -70.91 -4.35 -32.60
N LYS B 113 -71.05 -5.28 -33.56
CA LYS B 113 -72.12 -6.30 -33.60
C LYS B 113 -73.51 -5.67 -33.64
N ARG B 114 -73.79 -5.05 -34.79
CA ARG B 114 -75.14 -4.61 -35.09
C ARG B 114 -76.05 -5.81 -35.38
N ALA B 115 -77.34 -5.60 -35.25
CA ALA B 115 -78.32 -6.51 -35.82
C ALA B 115 -78.26 -6.45 -37.34
N ASP B 116 -78.82 -7.47 -37.99
CA ASP B 116 -78.75 -7.54 -39.45
C ASP B 116 -79.64 -6.50 -40.09
N ALA B 117 -79.27 -6.09 -41.30
CA ALA B 117 -80.01 -5.09 -42.05
C ALA B 117 -79.80 -5.31 -43.54
N ALA B 118 -80.52 -4.53 -44.34
CA ALA B 118 -80.50 -4.67 -45.78
C ALA B 118 -80.05 -3.37 -46.44
N PRO B 119 -79.30 -3.44 -47.53
CA PRO B 119 -78.86 -2.22 -48.19
C PRO B 119 -79.96 -1.55 -48.98
N THR B 120 -79.79 -0.26 -49.20
CA THR B 120 -80.69 0.55 -50.02
C THR B 120 -79.92 0.91 -51.28
N VAL B 121 -80.00 0.05 -52.29
CA VAL B 121 -79.19 0.20 -53.48
C VAL B 121 -79.74 1.33 -54.35
N SER B 122 -78.84 2.14 -54.89
CA SER B 122 -79.20 3.23 -55.79
C SER B 122 -78.20 3.29 -56.93
N ILE B 123 -78.70 3.35 -58.16
CA ILE B 123 -77.89 3.54 -59.36
C ILE B 123 -78.09 4.96 -59.84
N PHE B 124 -77.00 5.64 -60.18
CA PHE B 124 -77.14 6.94 -60.79
C PHE B 124 -76.70 6.90 -62.25
N PRO B 125 -77.43 7.59 -63.13
CA PRO B 125 -77.06 7.59 -64.56
C PRO B 125 -75.82 8.40 -64.80
N PRO B 126 -75.18 8.25 -65.97
CA PRO B 126 -74.00 9.10 -66.26
C PRO B 126 -74.40 10.56 -66.44
N SER B 127 -73.56 11.43 -65.91
CA SER B 127 -73.82 12.85 -65.89
C SER B 127 -73.73 13.45 -67.29
N SER B 128 -74.46 14.55 -67.49
CA SER B 128 -74.48 15.21 -68.78
C SER B 128 -73.13 15.83 -69.13
N GLU B 129 -72.38 16.23 -68.11
CA GLU B 129 -71.03 16.71 -68.37
C GLU B 129 -70.11 15.57 -68.78
N GLN B 130 -70.35 14.37 -68.27
CA GLN B 130 -69.64 13.20 -68.79
C GLN B 130 -70.13 12.84 -70.18
N LEU B 131 -71.38 13.18 -70.51
CA LEU B 131 -71.85 13.01 -71.88
C LEU B 131 -71.21 14.02 -72.82
N THR B 132 -70.81 15.19 -72.31
CA THR B 132 -70.13 16.16 -73.16
C THR B 132 -68.66 15.85 -73.33
N SER B 133 -68.00 15.42 -72.25
CA SER B 133 -66.55 15.22 -72.31
C SER B 133 -66.17 13.97 -73.08
N GLY B 134 -66.99 12.92 -73.06
CA GLY B 134 -66.67 11.74 -73.82
C GLY B 134 -66.22 10.50 -73.06
N GLY B 135 -66.90 10.18 -71.96
CA GLY B 135 -66.68 8.91 -71.30
C GLY B 135 -67.98 8.42 -70.68
N LEU B 136 -67.99 7.15 -70.26
CA LEU B 136 -69.06 6.63 -69.44
C LEU B 136 -68.55 6.44 -68.02
N SER B 137 -69.37 6.81 -67.05
CA SER B 137 -69.06 6.50 -65.66
C SER B 137 -70.39 6.39 -64.92
N VAL B 138 -70.82 5.16 -64.66
CA VAL B 138 -72.06 4.88 -63.96
C VAL B 138 -71.71 4.40 -62.56
N VAL B 139 -72.42 4.90 -61.56
CA VAL B 139 -72.07 4.71 -60.16
C VAL B 139 -73.26 4.08 -59.44
N CYS B 140 -72.99 3.10 -58.58
CA CYS B 140 -74.02 2.47 -57.78
C CYS B 140 -73.71 2.71 -56.31
N PHE B 141 -74.58 3.42 -55.64
CA PHE B 141 -74.45 3.51 -54.19
C PHE B 141 -75.34 2.48 -53.55
N LEU B 142 -74.92 2.01 -52.38
CA LEU B 142 -75.75 1.15 -51.56
C LEU B 142 -75.30 1.32 -50.12
N ASN B 143 -76.24 1.69 -49.26
CA ASN B 143 -75.91 2.24 -47.96
C ASN B 143 -76.51 1.41 -46.85
N ASN B 144 -75.93 1.58 -45.66
CA ASN B 144 -76.54 1.22 -44.37
C ASN B 144 -76.87 -0.26 -44.28
N PHE B 145 -75.89 -1.10 -44.53
CA PHE B 145 -76.11 -2.53 -44.43
C PHE B 145 -75.17 -3.12 -43.41
N TYR B 146 -75.56 -4.29 -42.88
CA TYR B 146 -74.77 -5.04 -41.92
C TYR B 146 -74.97 -6.51 -42.20
N PRO B 147 -73.92 -7.33 -42.14
CA PRO B 147 -72.51 -7.03 -41.92
C PRO B 147 -71.72 -6.85 -43.22
N LYS B 148 -70.40 -6.88 -43.13
CA LYS B 148 -69.57 -6.56 -44.29
C LYS B 148 -69.33 -7.74 -45.21
N ASP B 149 -70.40 -8.39 -45.64
CA ASP B 149 -70.31 -9.55 -46.51
C ASP B 149 -71.16 -9.29 -47.73
N ILE B 150 -70.51 -8.86 -48.81
CA ILE B 150 -71.22 -8.50 -50.02
C ILE B 150 -70.26 -8.69 -51.18
N ASN B 151 -70.84 -8.92 -52.35
CA ASN B 151 -70.10 -9.05 -53.59
C ASN B 151 -71.02 -8.47 -54.65
N VAL B 152 -70.79 -7.22 -54.97
CA VAL B 152 -71.56 -6.55 -56.00
C VAL B 152 -71.08 -7.07 -57.35
N LYS B 153 -71.98 -7.08 -58.33
CA LYS B 153 -71.69 -7.61 -59.64
C LYS B 153 -72.43 -6.80 -60.68
N TRP B 154 -71.73 -6.46 -61.75
CA TRP B 154 -72.27 -5.63 -62.82
C TRP B 154 -72.59 -6.48 -64.04
N LYS B 155 -73.76 -6.25 -64.61
CA LYS B 155 -74.24 -7.01 -65.76
C LYS B 155 -74.95 -6.06 -66.70
N ILE B 156 -74.51 -6.03 -67.95
CA ILE B 156 -75.02 -5.11 -68.95
C ILE B 156 -75.79 -5.92 -69.99
N ASP B 157 -77.10 -5.63 -70.12
CA ASP B 157 -78.00 -6.28 -71.08
C ASP B 157 -78.04 -7.80 -70.91
N GLY B 158 -77.91 -8.26 -69.67
CA GLY B 158 -77.82 -9.68 -69.41
C GLY B 158 -76.47 -10.29 -69.70
N SER B 159 -75.43 -9.48 -69.91
CA SER B 159 -74.09 -9.97 -70.16
C SER B 159 -73.14 -9.42 -69.11
N GLU B 160 -72.25 -10.27 -68.63
CA GLU B 160 -71.38 -9.93 -67.51
C GLU B 160 -70.22 -9.05 -67.96
N ARG B 161 -69.61 -8.37 -66.99
CA ARG B 161 -68.46 -7.52 -67.25
C ARG B 161 -67.63 -7.42 -65.97
N GLN B 162 -66.39 -7.90 -66.03
CA GLN B 162 -65.49 -7.87 -64.89
C GLN B 162 -64.21 -7.10 -65.19
N ASN B 163 -64.30 -6.08 -66.06
CA ASN B 163 -63.14 -5.26 -66.38
C ASN B 163 -63.58 -3.81 -66.40
N GLY B 164 -62.69 -2.94 -65.93
CA GLY B 164 -62.97 -1.52 -65.81
C GLY B 164 -63.98 -1.21 -64.74
N VAL B 165 -63.68 -1.55 -63.49
CA VAL B 165 -64.62 -1.40 -62.40
C VAL B 165 -63.85 -1.09 -61.13
N LEU B 166 -64.47 -0.31 -60.24
CA LEU B 166 -63.88 0.04 -58.96
C LEU B 166 -64.79 -0.39 -57.83
N ASN B 167 -64.23 -0.39 -56.62
CA ASN B 167 -64.97 -0.72 -55.42
C ASN B 167 -64.33 0.01 -54.26
N SER B 168 -65.16 0.63 -53.42
CA SER B 168 -64.65 1.38 -52.28
C SER B 168 -65.63 1.23 -51.13
N TRP B 169 -65.21 0.52 -50.09
CA TRP B 169 -66.04 0.32 -48.91
C TRP B 169 -65.66 1.32 -47.84
N THR B 170 -66.64 1.97 -47.24
CA THR B 170 -66.31 2.80 -46.09
C THR B 170 -66.11 1.92 -44.87
N ASP B 171 -65.65 2.53 -43.79
CA ASP B 171 -65.39 1.77 -42.58
C ASP B 171 -66.56 1.87 -41.62
N GLN B 172 -66.37 1.36 -40.42
CA GLN B 172 -67.45 1.16 -39.47
C GLN B 172 -67.95 2.50 -38.95
N ASP B 173 -69.26 2.68 -38.97
CA ASP B 173 -69.85 3.88 -38.40
C ASP B 173 -69.78 3.85 -36.88
N SER B 174 -69.62 5.03 -36.29
CA SER B 174 -69.64 5.18 -34.85
C SER B 174 -70.93 5.84 -34.36
N LYS B 175 -71.98 5.85 -35.17
CA LYS B 175 -73.22 6.50 -34.79
C LYS B 175 -74.41 5.56 -34.99
N ASP B 176 -74.31 4.68 -35.98
CA ASP B 176 -75.30 3.66 -36.24
C ASP B 176 -74.69 2.27 -36.32
N SER B 177 -73.37 2.18 -36.50
CA SER B 177 -72.59 0.95 -36.61
C SER B 177 -73.06 0.08 -37.79
N THR B 178 -72.91 0.65 -38.99
CA THR B 178 -73.20 -0.07 -40.22
C THR B 178 -72.13 0.24 -41.26
N TYR B 179 -72.30 -0.30 -42.45
CA TYR B 179 -71.37 -0.13 -43.56
C TYR B 179 -72.08 0.44 -44.78
N SER B 180 -71.28 0.86 -45.76
CA SER B 180 -71.80 1.23 -47.09
C SER B 180 -70.66 1.14 -48.08
N MET B 181 -71.00 1.02 -49.37
CA MET B 181 -69.97 0.88 -50.39
C MET B 181 -70.43 1.44 -51.72
N SER B 182 -69.53 1.44 -52.71
CA SER B 182 -69.79 1.92 -54.05
C SER B 182 -69.01 1.14 -55.08
N SER B 183 -69.58 1.07 -56.26
CA SER B 183 -68.90 0.55 -57.42
C SER B 183 -69.13 1.50 -58.58
N THR B 184 -68.14 1.59 -59.46
CA THR B 184 -68.21 2.49 -60.61
C THR B 184 -67.69 1.73 -61.81
N LEU B 185 -68.48 1.68 -62.87
CA LEU B 185 -68.01 1.17 -64.15
C LEU B 185 -67.48 2.34 -64.96
N THR B 186 -66.33 2.15 -65.59
CA THR B 186 -65.63 3.23 -66.29
C THR B 186 -65.17 2.72 -67.64
N LEU B 187 -65.70 3.29 -68.71
CA LEU B 187 -65.25 2.98 -70.06
C LEU B 187 -65.38 4.23 -70.92
N THR B 188 -65.24 4.05 -72.23
CA THR B 188 -65.22 5.16 -73.18
C THR B 188 -66.64 5.69 -73.41
N LYS B 189 -66.78 6.64 -74.34
CA LYS B 189 -68.10 7.17 -74.61
C LYS B 189 -68.93 6.20 -75.43
N ASP B 190 -68.36 5.69 -76.53
CA ASP B 190 -69.11 4.95 -77.54
C ASP B 190 -69.58 3.58 -77.07
N GLU B 191 -69.05 3.08 -75.96
CA GLU B 191 -69.59 1.86 -75.37
C GLU B 191 -70.95 2.10 -74.74
N TYR B 192 -71.24 3.33 -74.34
CA TYR B 192 -72.47 3.61 -73.63
C TYR B 192 -73.69 3.64 -74.53
N GLU B 193 -73.53 3.99 -75.80
CA GLU B 193 -74.67 4.11 -76.71
C GLU B 193 -75.00 2.81 -77.44
N ARG B 194 -74.67 1.66 -76.86
CA ARG B 194 -74.96 0.38 -77.49
C ARG B 194 -75.91 -0.49 -76.67
N HIS B 195 -76.20 -0.13 -75.43
CA HIS B 195 -76.96 -0.98 -74.52
C HIS B 195 -78.00 -0.16 -73.79
N ASN B 196 -79.02 -0.83 -73.27
CA ASN B 196 -80.04 -0.19 -72.44
C ASN B 196 -80.08 -0.74 -71.03
N SER B 197 -80.15 -2.06 -70.87
CA SER B 197 -80.32 -2.68 -69.57
C SER B 197 -79.00 -2.68 -68.82
N TYR B 198 -78.82 -1.70 -67.94
CA TYR B 198 -77.69 -1.65 -67.03
C TYR B 198 -78.16 -2.12 -65.66
N THR B 199 -77.60 -3.22 -65.19
CA THR B 199 -78.05 -3.86 -63.95
C THR B 199 -76.92 -3.97 -62.95
N CYS B 200 -77.31 -4.23 -61.71
CA CYS B 200 -76.39 -4.44 -60.60
CA CYS B 200 -76.37 -4.48 -60.64
C CYS B 200 -76.88 -5.62 -59.78
N GLU B 201 -75.97 -6.26 -59.06
CA GLU B 201 -76.32 -7.40 -58.24
C GLU B 201 -75.89 -7.18 -56.81
N ALA B 202 -76.83 -7.36 -55.87
CA ALA B 202 -76.56 -7.19 -54.45
C ALA B 202 -76.64 -8.56 -53.78
N THR B 203 -75.51 -9.29 -53.80
CA THR B 203 -75.44 -10.61 -53.21
C THR B 203 -75.12 -10.48 -51.73
N HIS B 204 -76.16 -10.40 -50.91
CA HIS B 204 -76.03 -10.25 -49.48
C HIS B 204 -76.47 -11.53 -48.79
N LYS B 205 -75.97 -11.75 -47.58
CA LYS B 205 -76.27 -12.97 -46.83
C LYS B 205 -77.66 -12.97 -46.22
N THR B 206 -78.39 -11.87 -46.30
CA THR B 206 -79.70 -11.74 -45.66
C THR B 206 -80.84 -11.92 -46.67
N SER B 207 -80.53 -12.46 -47.85
CA SER B 207 -81.58 -12.79 -48.82
C SER B 207 -81.07 -13.87 -49.75
N THR B 208 -82.01 -14.54 -50.39
CA THR B 208 -81.68 -15.53 -51.41
C THR B 208 -81.48 -14.86 -52.77
N SER B 209 -82.49 -14.15 -53.24
CA SER B 209 -82.39 -13.45 -54.52
C SER B 209 -81.58 -12.17 -54.34
N PRO B 210 -80.67 -11.88 -55.27
CA PRO B 210 -79.92 -10.62 -55.19
C PRO B 210 -80.82 -9.44 -55.52
N ILE B 211 -80.66 -8.36 -54.75
CA ILE B 211 -81.42 -7.14 -55.01
C ILE B 211 -80.87 -6.50 -56.27
N VAL B 212 -81.62 -6.60 -57.35
CA VAL B 212 -81.24 -6.03 -58.62
C VAL B 212 -81.86 -4.64 -58.74
N LYS B 213 -81.07 -3.69 -59.24
CA LYS B 213 -81.56 -2.38 -59.60
C LYS B 213 -81.16 -2.13 -61.05
N SER B 214 -81.98 -1.37 -61.78
CA SER B 214 -81.67 -1.14 -63.18
C SER B 214 -82.27 0.16 -63.67
N PHE B 215 -81.77 0.61 -64.82
CA PHE B 215 -82.34 1.71 -65.57
C PHE B 215 -82.08 1.43 -67.04
N ASN B 216 -82.93 2.00 -67.90
CA ASN B 216 -82.76 1.87 -69.35
C ASN B 216 -82.39 3.21 -69.95
N ARG B 217 -81.45 3.18 -70.90
CA ARG B 217 -80.83 4.41 -71.38
C ARG B 217 -81.75 5.21 -72.27
N ASN B 218 -82.32 4.56 -73.30
CA ASN B 218 -82.88 5.24 -74.47
C ASN B 218 -84.11 6.07 -74.16
N GLU B 219 -84.76 5.87 -73.02
CA GLU B 219 -85.84 6.75 -72.58
C GLU B 219 -85.38 7.53 -71.36
N CYS B 220 -86.01 8.68 -71.14
CA CYS B 220 -85.69 9.51 -69.99
C CYS B 220 -86.86 10.40 -69.59
N GLU C 1 -40.62 6.96 -19.70
CA GLU C 1 -41.22 7.18 -21.01
C GLU C 1 -40.26 6.80 -22.11
N VAL C 2 -40.65 5.84 -22.93
CA VAL C 2 -39.90 5.46 -24.13
C VAL C 2 -40.76 5.85 -25.31
N GLN C 3 -40.19 6.56 -26.26
CA GLN C 3 -40.98 7.03 -27.40
C GLN C 3 -40.11 7.12 -28.63
N LEU C 4 -40.39 6.29 -29.62
CA LEU C 4 -39.85 6.45 -30.94
C LEU C 4 -40.91 7.14 -31.78
N GLN C 5 -40.52 8.14 -32.55
CA GLN C 5 -41.44 8.74 -33.50
C GLN C 5 -40.68 9.13 -34.74
N GLU C 6 -41.41 9.27 -35.84
CA GLU C 6 -40.80 9.24 -37.15
C GLU C 6 -41.04 10.53 -37.93
N SER C 7 -40.76 10.45 -39.22
CA SER C 7 -40.75 11.59 -40.12
C SER C 7 -42.18 11.96 -40.52
N GLY C 8 -42.30 12.69 -41.62
CA GLY C 8 -43.60 12.98 -42.19
C GLY C 8 -43.87 12.10 -43.39
N PRO C 9 -45.10 12.13 -43.89
CA PRO C 9 -45.43 11.33 -45.07
C PRO C 9 -44.82 11.90 -46.33
N GLU C 10 -44.39 11.01 -47.21
CA GLU C 10 -43.72 11.39 -48.44
C GLU C 10 -44.71 11.38 -49.60
N LEU C 11 -44.33 12.06 -50.68
CA LEU C 11 -45.11 12.08 -51.93
C LEU C 11 -44.17 11.98 -53.12
N VAL C 12 -43.25 11.04 -53.08
CA VAL C 12 -42.11 11.03 -53.98
C VAL C 12 -42.47 10.48 -55.35
N LYS C 13 -41.72 10.90 -56.36
CA LYS C 13 -41.89 10.42 -57.72
C LYS C 13 -41.16 9.11 -57.94
N THR C 14 -41.48 8.45 -59.04
CA THR C 14 -40.87 7.16 -59.37
C THR C 14 -39.42 7.35 -59.75
N GLY C 15 -38.54 6.52 -59.19
CA GLY C 15 -37.14 6.52 -59.53
C GLY C 15 -36.24 7.23 -58.55
N ALA C 16 -36.78 8.20 -57.81
CA ALA C 16 -35.99 8.92 -56.84
C ALA C 16 -35.73 8.07 -55.60
N SER C 17 -34.98 8.61 -54.66
CA SER C 17 -34.71 7.93 -53.41
C SER C 17 -35.20 8.80 -52.26
N VAL C 18 -35.62 8.14 -51.19
CA VAL C 18 -36.22 8.83 -50.06
C VAL C 18 -35.49 8.41 -48.80
N LYS C 19 -35.31 9.35 -47.89
CA LYS C 19 -34.73 9.09 -46.59
C LYS C 19 -35.81 9.30 -45.54
N ILE C 20 -35.97 8.32 -44.66
CA ILE C 20 -36.99 8.38 -43.63
C ILE C 20 -36.33 8.05 -42.29
N SER C 21 -36.70 8.79 -41.25
CA SER C 21 -35.95 8.86 -40.01
C SER C 21 -36.79 8.42 -38.83
N CYS C 22 -36.13 7.86 -37.82
CA CYS C 22 -36.79 7.32 -36.63
C CYS C 22 -36.02 7.82 -35.43
N LYS C 23 -36.52 8.87 -34.78
CA LYS C 23 -35.74 9.59 -33.77
C LYS C 23 -36.02 9.01 -32.39
N ALA C 24 -35.15 8.12 -31.94
CA ALA C 24 -35.36 7.42 -30.68
C ALA C 24 -35.06 8.34 -29.51
N SER C 25 -35.97 8.40 -28.55
CA SER C 25 -35.88 9.46 -27.55
C SER C 25 -36.53 9.03 -26.25
N GLY C 26 -35.71 8.87 -25.22
CA GLY C 26 -36.24 8.53 -23.91
C GLY C 26 -35.51 7.37 -23.27
N TYR C 27 -34.47 6.88 -23.91
CA TYR C 27 -33.74 5.75 -23.39
C TYR C 27 -32.27 5.85 -23.78
N SER C 28 -31.50 4.84 -23.41
CA SER C 28 -30.08 4.79 -23.74
C SER C 28 -29.94 4.20 -25.13
N PHE C 29 -29.66 5.05 -26.10
CA PHE C 29 -29.79 4.69 -27.51
C PHE C 29 -28.74 3.71 -27.98
N SER C 30 -27.65 3.53 -27.25
CA SER C 30 -26.51 2.83 -27.83
C SER C 30 -26.49 1.34 -27.54
N ASN C 31 -27.56 0.78 -26.98
CA ASN C 31 -27.66 -0.67 -26.81
C ASN C 31 -28.55 -1.32 -27.86
N TYR C 32 -29.80 -0.87 -27.92
CA TYR C 32 -30.87 -1.61 -28.56
C TYR C 32 -30.73 -1.56 -30.07
N TYR C 33 -31.12 -2.65 -30.73
CA TYR C 33 -31.21 -2.66 -32.18
C TYR C 33 -32.35 -1.75 -32.65
N ILE C 34 -32.41 -1.54 -33.96
CA ILE C 34 -33.54 -0.87 -34.58
C ILE C 34 -33.96 -1.70 -35.78
N HIS C 35 -35.20 -2.19 -35.76
CA HIS C 35 -35.75 -3.04 -36.79
C HIS C 35 -36.72 -2.24 -37.65
N TRP C 36 -36.55 -2.30 -38.96
CA TRP C 36 -37.38 -1.58 -39.90
C TRP C 36 -38.29 -2.57 -40.61
N VAL C 37 -39.61 -2.38 -40.48
CA VAL C 37 -40.57 -3.27 -41.12
C VAL C 37 -41.47 -2.46 -42.06
N LYS C 38 -42.20 -3.17 -42.91
CA LYS C 38 -42.98 -2.61 -44.00
C LYS C 38 -44.35 -3.24 -44.03
N GLN C 39 -45.39 -2.44 -44.06
CA GLN C 39 -46.76 -2.94 -44.17
C GLN C 39 -47.39 -2.40 -45.44
N SER C 40 -47.84 -3.29 -46.30
CA SER C 40 -48.50 -2.86 -47.54
C SER C 40 -49.93 -2.41 -47.24
N HIS C 41 -50.72 -2.17 -48.27
CA HIS C 41 -52.13 -1.85 -48.03
C HIS C 41 -52.89 -3.16 -47.86
N GLY C 42 -53.25 -3.48 -46.61
CA GLY C 42 -54.03 -4.65 -46.32
C GLY C 42 -53.30 -5.95 -46.60
N LYS C 43 -52.18 -6.16 -45.93
CA LYS C 43 -51.41 -7.38 -46.08
C LYS C 43 -50.67 -7.64 -44.78
N SER C 44 -49.87 -8.70 -44.78
CA SER C 44 -49.07 -9.04 -43.62
C SER C 44 -47.80 -8.21 -43.59
N LEU C 45 -47.32 -7.92 -42.40
CA LEU C 45 -46.14 -7.09 -42.24
C LEU C 45 -44.91 -7.88 -42.60
N GLU C 46 -44.13 -7.40 -43.54
CA GLU C 46 -42.87 -8.07 -43.83
C GLU C 46 -41.76 -7.42 -43.02
N TRP C 47 -40.57 -7.99 -43.10
CA TRP C 47 -39.44 -7.56 -42.30
C TRP C 47 -38.29 -7.25 -43.23
N ILE C 48 -37.69 -6.09 -43.08
CA ILE C 48 -36.67 -5.59 -44.00
C ILE C 48 -35.27 -5.83 -43.48
N GLY C 49 -34.98 -5.37 -42.28
CA GLY C 49 -33.67 -5.62 -41.71
C GLY C 49 -33.47 -4.85 -40.42
N PHE C 50 -32.27 -4.98 -39.88
CA PHE C 50 -31.95 -4.28 -38.64
C PHE C 50 -30.56 -3.69 -38.71
N ILE C 51 -30.28 -2.79 -37.76
CA ILE C 51 -28.97 -2.19 -37.60
C ILE C 51 -28.46 -2.42 -36.19
N SER C 52 -27.14 -2.49 -36.07
CA SER C 52 -26.54 -2.80 -34.78
C SER C 52 -26.63 -1.65 -33.81
N CYS C 53 -26.77 -0.43 -34.30
CA CYS C 53 -27.02 0.79 -33.52
C CYS C 53 -25.90 1.11 -32.52
N TYR C 54 -24.79 0.47 -32.62
CA TYR C 54 -23.57 0.77 -31.89
C TYR C 54 -22.39 0.93 -32.82
N ASN C 55 -22.32 0.12 -33.87
CA ASN C 55 -21.23 0.21 -34.82
C ASN C 55 -21.74 0.15 -36.25
N GLY C 56 -23.04 0.20 -36.47
CA GLY C 56 -23.60 0.23 -37.81
C GLY C 56 -23.41 -1.03 -38.62
N ALA C 57 -23.47 -2.20 -37.98
CA ALA C 57 -23.37 -3.47 -38.70
C ALA C 57 -24.79 -3.95 -38.97
N THR C 58 -25.14 -4.01 -40.26
CA THR C 58 -26.51 -4.21 -40.69
C THR C 58 -26.72 -5.60 -41.25
N PHE C 59 -27.99 -5.99 -41.29
CA PHE C 59 -28.38 -7.24 -41.89
C PHE C 59 -29.75 -7.06 -42.51
N TYR C 60 -29.87 -7.42 -43.78
CA TYR C 60 -31.05 -7.17 -44.58
C TYR C 60 -31.85 -8.45 -44.75
N ASN C 61 -33.06 -8.30 -45.25
CA ASN C 61 -33.79 -9.47 -45.71
C ASN C 61 -33.22 -9.92 -47.04
N GLN C 62 -33.73 -11.03 -47.55
CA GLN C 62 -33.24 -11.51 -48.83
C GLN C 62 -33.82 -10.70 -49.98
N LYS C 63 -35.11 -10.37 -49.93
CA LYS C 63 -35.76 -9.66 -51.01
C LYS C 63 -35.35 -8.21 -51.10
N PHE C 64 -34.89 -7.62 -50.01
CA PHE C 64 -34.64 -6.20 -49.93
C PHE C 64 -33.17 -5.87 -49.92
N LYS C 65 -32.33 -6.80 -50.36
CA LYS C 65 -30.91 -6.53 -50.43
C LYS C 65 -30.61 -5.67 -51.64
N GLY C 66 -29.88 -4.59 -51.43
CA GLY C 66 -29.59 -3.68 -52.51
C GLY C 66 -30.53 -2.49 -52.59
N LYS C 67 -31.84 -2.72 -52.64
CA LYS C 67 -32.76 -1.59 -52.76
C LYS C 67 -33.23 -1.08 -51.41
N ALA C 68 -32.28 -0.90 -50.50
CA ALA C 68 -32.40 -0.27 -49.19
C ALA C 68 -30.99 -0.16 -48.64
N THR C 69 -30.74 0.86 -47.83
CA THR C 69 -29.45 0.99 -47.17
C THR C 69 -29.64 1.83 -45.92
N PHE C 70 -29.28 1.28 -44.77
CA PHE C 70 -29.48 1.94 -43.49
C PHE C 70 -28.21 2.67 -43.05
N THR C 71 -28.40 3.67 -42.21
CA THR C 71 -27.28 4.42 -41.63
C THR C 71 -27.77 4.96 -40.30
N VAL C 72 -26.86 5.09 -39.34
CA VAL C 72 -27.16 5.55 -38.00
C VAL C 72 -26.61 6.97 -37.84
N ASP C 73 -26.99 7.63 -36.73
CA ASP C 73 -26.39 8.90 -36.34
C ASP C 73 -26.50 8.96 -34.81
N ASN C 74 -25.42 8.58 -34.12
CA ASN C 74 -25.45 8.42 -32.68
C ASN C 74 -25.56 9.75 -31.96
N SER C 75 -25.11 10.83 -32.57
CA SER C 75 -25.16 12.14 -31.93
C SER C 75 -26.59 12.63 -31.83
N SER C 76 -27.32 12.59 -32.95
CA SER C 76 -28.69 13.05 -32.95
C SER C 76 -29.67 12.00 -32.46
N SER C 77 -29.21 10.76 -32.28
CA SER C 77 -30.03 9.59 -31.90
C SER C 77 -31.19 9.39 -32.87
N THR C 78 -30.84 9.14 -34.13
CA THR C 78 -31.80 8.81 -35.17
C THR C 78 -31.30 7.63 -35.97
N ALA C 79 -32.16 7.11 -36.83
CA ALA C 79 -31.76 6.07 -37.76
C ALA C 79 -32.45 6.31 -39.09
N TYR C 80 -31.76 6.03 -40.19
CA TYR C 80 -32.26 6.35 -41.52
C TYR C 80 -32.19 5.13 -42.41
N MET C 81 -33.11 5.04 -43.36
CA MET C 81 -32.89 4.25 -44.56
C MET C 81 -33.10 5.15 -45.77
N LYS C 82 -32.17 5.09 -46.72
CA LYS C 82 -32.21 5.89 -47.94
C LYS C 82 -32.63 4.93 -49.05
N PHE C 83 -33.89 4.99 -49.41
CA PHE C 83 -34.54 3.88 -50.10
C PHE C 83 -34.41 4.10 -51.59
N ASN C 84 -33.31 3.61 -52.16
CA ASN C 84 -33.07 3.84 -53.58
C ASN C 84 -33.83 2.86 -54.45
N SER C 85 -33.83 3.13 -55.76
CA SER C 85 -34.38 2.28 -56.82
C SER C 85 -35.87 2.01 -56.62
N LEU C 86 -36.65 3.09 -56.63
CA LEU C 86 -38.07 2.98 -56.35
C LEU C 86 -38.83 2.39 -57.53
N THR C 87 -39.86 1.61 -57.21
CA THR C 87 -40.86 1.11 -58.14
C THR C 87 -42.23 1.60 -57.65
N PHE C 88 -43.29 1.07 -58.25
CA PHE C 88 -44.62 1.35 -57.72
C PHE C 88 -44.94 0.47 -56.52
N GLU C 89 -44.36 -0.72 -56.46
CA GLU C 89 -44.65 -1.69 -55.40
C GLU C 89 -44.17 -1.25 -54.03
N ASP C 90 -43.30 -0.23 -53.95
CA ASP C 90 -42.77 0.23 -52.67
C ASP C 90 -43.56 1.37 -52.09
N SER C 91 -44.86 1.42 -52.31
CA SER C 91 -45.74 2.33 -51.62
C SER C 91 -46.40 1.57 -50.49
N ALA C 92 -46.12 1.98 -49.25
CA ALA C 92 -46.49 1.21 -48.07
C ALA C 92 -46.54 2.15 -46.88
N VAL C 93 -46.53 1.59 -45.68
CA VAL C 93 -46.34 2.33 -44.44
C VAL C 93 -45.22 1.67 -43.67
N TYR C 94 -44.19 2.42 -43.30
CA TYR C 94 -42.96 1.84 -42.78
C TYR C 94 -42.81 2.17 -41.30
N TYR C 95 -42.54 1.14 -40.49
CA TYR C 95 -42.40 1.26 -39.04
C TYR C 95 -40.97 0.99 -38.61
N CYS C 96 -40.60 1.50 -37.44
CA CYS C 96 -39.36 1.17 -36.77
C CYS C 96 -39.67 0.67 -35.38
N ALA C 97 -38.93 -0.34 -34.92
CA ALA C 97 -39.14 -0.87 -33.58
C ALA C 97 -37.83 -1.41 -33.04
N ARG C 98 -37.70 -1.42 -31.71
CA ARG C 98 -36.43 -1.68 -31.06
C ARG C 98 -36.38 -3.05 -30.41
N LEU C 99 -35.22 -3.66 -30.42
CA LEU C 99 -34.99 -4.95 -29.79
C LEU C 99 -33.75 -4.84 -28.92
N PRO C 100 -33.78 -5.29 -27.66
CA PRO C 100 -32.60 -5.17 -26.81
C PRO C 100 -31.50 -6.10 -27.28
N ILE C 101 -30.28 -5.77 -26.88
CA ILE C 101 -29.12 -6.40 -27.50
C ILE C 101 -28.51 -7.49 -26.65
N GLN C 102 -28.70 -7.46 -25.32
CA GLN C 102 -28.17 -8.53 -24.48
C GLN C 102 -28.99 -9.80 -24.61
N PHE C 103 -30.29 -9.68 -24.83
CA PHE C 103 -31.18 -10.82 -24.95
C PHE C 103 -32.13 -10.63 -26.11
N GLY C 104 -31.59 -10.26 -27.27
CA GLY C 104 -32.37 -10.22 -28.48
C GLY C 104 -32.78 -11.60 -28.94
N ASN C 105 -33.87 -11.65 -29.71
CA ASN C 105 -34.58 -12.81 -30.27
C ASN C 105 -35.35 -13.58 -29.20
N PHE C 106 -35.10 -13.29 -27.93
CA PHE C 106 -35.80 -13.88 -26.81
C PHE C 106 -36.55 -12.80 -26.06
N TYR C 107 -36.91 -11.75 -26.78
CA TYR C 107 -37.64 -10.63 -26.21
C TYR C 107 -38.45 -10.04 -27.35
N PRO C 108 -39.63 -9.52 -27.08
CA PRO C 108 -40.42 -8.90 -28.13
C PRO C 108 -39.89 -7.51 -28.48
N MET C 109 -40.41 -6.95 -29.56
CA MET C 109 -40.11 -5.57 -29.93
C MET C 109 -40.99 -4.65 -29.11
N ASP C 110 -40.46 -4.10 -28.03
CA ASP C 110 -41.34 -3.60 -26.98
C ASP C 110 -41.95 -2.23 -27.29
N TYR C 111 -41.30 -1.40 -28.09
CA TYR C 111 -41.89 -0.13 -28.49
C TYR C 111 -41.69 0.13 -29.97
N TRP C 112 -42.76 0.55 -30.63
CA TRP C 112 -42.80 0.75 -32.07
C TRP C 112 -42.96 2.22 -32.40
N GLY C 113 -42.35 2.63 -33.49
CA GLY C 113 -42.60 3.97 -34.00
C GLY C 113 -44.00 4.08 -34.54
N GLN C 114 -44.45 5.32 -34.74
CA GLN C 114 -45.82 5.51 -35.19
C GLN C 114 -46.02 5.14 -36.64
N GLY C 115 -44.97 5.12 -37.44
CA GLY C 115 -45.11 4.70 -38.81
C GLY C 115 -45.63 5.81 -39.69
N THR C 116 -44.93 6.11 -40.78
CA THR C 116 -45.40 7.09 -41.73
C THR C 116 -45.17 6.61 -43.14
N THR C 117 -46.03 7.07 -44.03
CA THR C 117 -46.26 6.42 -45.30
C THR C 117 -45.40 6.98 -46.41
N VAL C 118 -45.15 6.14 -47.39
CA VAL C 118 -44.42 6.50 -48.59
C VAL C 118 -45.36 6.26 -49.77
N THR C 119 -45.53 7.28 -50.61
CA THR C 119 -46.48 7.20 -51.72
C THR C 119 -45.75 7.44 -53.02
N VAL C 120 -45.57 6.40 -53.82
CA VAL C 120 -44.88 6.55 -55.09
C VAL C 120 -45.88 7.09 -56.11
N SER C 121 -45.54 8.22 -56.72
CA SER C 121 -46.31 8.84 -57.78
C SER C 121 -45.61 8.66 -59.12
N SER C 122 -46.36 8.89 -60.19
CA SER C 122 -45.79 8.91 -61.53
C SER C 122 -46.27 10.05 -62.39
N ALA C 123 -47.24 10.85 -61.95
CA ALA C 123 -47.79 11.95 -62.72
C ALA C 123 -47.59 13.26 -61.96
N LYS C 124 -48.18 14.32 -62.48
CA LYS C 124 -48.13 15.64 -61.87
C LYS C 124 -49.54 16.07 -61.48
N THR C 125 -49.62 17.29 -60.94
CA THR C 125 -50.87 17.82 -60.42
C THR C 125 -51.88 18.01 -61.54
N THR C 126 -53.11 17.58 -61.30
CA THR C 126 -54.18 17.69 -62.28
C THR C 126 -55.44 18.15 -61.56
N ALA C 127 -56.21 19.01 -62.22
CA ALA C 127 -57.43 19.51 -61.63
C ALA C 127 -58.50 18.42 -61.54
N PRO C 128 -59.37 18.49 -60.55
CA PRO C 128 -60.50 17.55 -60.50
C PRO C 128 -61.55 17.89 -61.54
N SER C 129 -62.51 16.99 -61.69
CA SER C 129 -63.61 17.16 -62.63
C SER C 129 -64.90 16.79 -61.91
N VAL C 130 -65.50 17.77 -61.24
CA VAL C 130 -66.64 17.53 -60.36
C VAL C 130 -67.90 17.36 -61.19
N TYR C 131 -68.43 16.17 -61.22
CA TYR C 131 -69.70 15.99 -61.88
C TYR C 131 -70.80 15.76 -60.86
N PRO C 132 -71.99 16.29 -61.07
CA PRO C 132 -73.12 15.96 -60.21
C PRO C 132 -73.85 14.73 -60.72
N LEU C 133 -74.58 14.09 -59.82
CA LEU C 133 -75.36 12.90 -60.14
C LEU C 133 -76.78 13.12 -59.66
N ALA C 134 -77.72 12.91 -60.54
CA ALA C 134 -79.13 13.13 -60.29
C ALA C 134 -79.83 11.81 -59.98
N PRO C 135 -81.02 11.87 -59.39
CA PRO C 135 -81.89 10.68 -59.41
C PRO C 135 -82.29 10.34 -60.83
N VAL C 136 -82.62 9.07 -61.05
CA VAL C 136 -82.88 8.57 -62.39
C VAL C 136 -84.18 9.16 -62.92
N CYS C 137 -84.12 9.71 -64.14
CA CYS C 137 -85.33 10.17 -64.81
C CYS C 137 -86.19 8.98 -65.17
N GLY C 138 -87.48 9.09 -64.90
CA GLY C 138 -88.35 7.94 -64.97
C GLY C 138 -88.98 7.65 -63.62
N ASP C 139 -88.56 6.57 -62.98
CA ASP C 139 -89.11 6.22 -61.68
C ASP C 139 -88.59 7.14 -60.59
N THR C 140 -89.51 7.73 -59.84
CA THR C 140 -89.21 8.46 -58.60
C THR C 140 -90.35 8.12 -57.64
N THR C 141 -90.16 7.08 -56.83
CA THR C 141 -91.23 6.46 -56.08
C THR C 141 -91.03 6.48 -54.58
N GLY C 142 -89.79 6.57 -54.10
CA GLY C 142 -89.53 6.43 -52.67
C GLY C 142 -89.62 7.74 -51.92
N SER C 143 -89.98 7.63 -50.64
CA SER C 143 -90.09 8.79 -49.77
C SER C 143 -88.75 9.23 -49.19
N SER C 144 -87.66 8.57 -49.58
CA SER C 144 -86.31 9.01 -49.25
C SER C 144 -85.51 9.04 -50.54
N VAL C 145 -84.86 10.17 -50.82
CA VAL C 145 -84.16 10.40 -52.06
C VAL C 145 -82.68 10.56 -51.77
N THR C 146 -81.84 10.01 -52.64
CA THR C 146 -80.40 9.98 -52.48
C THR C 146 -79.75 10.88 -53.51
N LEU C 147 -78.81 11.70 -53.05
CA LEU C 147 -78.13 12.67 -53.90
C LEU C 147 -76.63 12.49 -53.77
N GLY C 148 -75.93 12.43 -54.90
CA GLY C 148 -74.50 12.23 -54.88
C GLY C 148 -73.82 13.08 -55.93
N CYS C 149 -72.52 13.29 -55.74
CA CYS C 149 -71.72 14.00 -56.74
C CYS C 149 -70.33 13.38 -56.84
N LEU C 150 -69.96 12.97 -58.05
CA LEU C 150 -68.73 12.27 -58.31
C LEU C 150 -67.58 13.26 -58.54
N VAL C 151 -66.38 12.88 -58.11
CA VAL C 151 -65.16 13.64 -58.39
C VAL C 151 -64.15 12.69 -59.00
N LYS C 152 -63.79 12.92 -60.25
CA LYS C 152 -62.97 11.96 -60.96
C LYS C 152 -61.73 12.64 -61.53
N GLY C 153 -60.61 11.92 -61.51
CA GLY C 153 -59.46 12.27 -62.29
C GLY C 153 -58.45 13.17 -61.62
N TYR C 154 -58.66 13.54 -60.36
CA TYR C 154 -57.76 14.49 -59.73
C TYR C 154 -56.45 13.80 -59.33
N PHE C 155 -55.54 14.62 -58.83
CA PHE C 155 -54.28 14.24 -58.22
C PHE C 155 -53.69 15.50 -57.59
N PRO C 156 -53.04 15.40 -56.42
CA PRO C 156 -53.04 14.26 -55.51
C PRO C 156 -53.91 14.55 -54.30
N GLU C 157 -53.96 13.59 -53.38
CA GLU C 157 -54.82 13.67 -52.21
C GLU C 157 -54.34 14.80 -51.29
N PRO C 158 -55.25 15.39 -50.50
CA PRO C 158 -56.69 15.17 -50.31
C PRO C 158 -57.57 16.11 -51.08
N VAL C 159 -58.88 15.87 -51.02
CA VAL C 159 -59.91 16.76 -51.53
C VAL C 159 -60.97 16.89 -50.46
N THR C 160 -61.30 18.10 -50.09
CA THR C 160 -62.29 18.34 -49.06
C THR C 160 -63.63 18.58 -49.73
N LEU C 161 -64.47 17.55 -49.75
CA LEU C 161 -65.82 17.64 -50.29
C LEU C 161 -66.79 17.81 -49.13
N THR C 162 -67.72 18.74 -49.27
CA THR C 162 -68.69 18.99 -48.23
C THR C 162 -69.95 19.57 -48.86
N TRP C 163 -71.10 18.98 -48.58
CA TRP C 163 -72.36 19.49 -49.09
C TRP C 163 -72.74 20.77 -48.37
N ASN C 164 -73.05 21.81 -49.15
CA ASN C 164 -73.57 23.10 -48.68
C ASN C 164 -72.61 23.81 -47.73
N SER C 165 -71.30 23.53 -47.90
CA SER C 165 -70.19 24.12 -47.14
C SER C 165 -70.31 23.88 -45.62
N GLY C 166 -70.99 22.82 -45.22
CA GLY C 166 -71.06 22.44 -43.83
C GLY C 166 -72.41 22.57 -43.17
N SER C 167 -73.48 22.74 -43.93
CA SER C 167 -74.81 22.85 -43.36
C SER C 167 -75.63 21.58 -43.51
N LEU C 168 -75.04 20.51 -44.04
CA LEU C 168 -75.75 19.25 -44.23
C LEU C 168 -74.88 18.11 -43.70
N SER C 169 -75.33 17.48 -42.63
CA SER C 169 -74.63 16.37 -42.00
C SER C 169 -75.62 15.24 -41.66
N SER C 170 -76.45 14.88 -42.62
CA SER C 170 -77.53 13.93 -42.37
C SER C 170 -77.41 12.69 -43.25
N GLY C 171 -76.21 12.12 -43.32
CA GLY C 171 -76.04 10.92 -44.09
C GLY C 171 -75.01 11.06 -45.19
N VAL C 172 -74.04 11.94 -44.98
CA VAL C 172 -72.97 12.16 -45.96
C VAL C 172 -72.01 10.99 -45.87
N HIS C 173 -72.14 10.05 -46.80
CA HIS C 173 -71.28 8.87 -46.82
C HIS C 173 -70.09 9.13 -47.73
N THR C 174 -69.11 9.85 -47.20
CA THR C 174 -67.92 10.18 -47.97
C THR C 174 -67.01 8.97 -48.02
N PHE C 175 -66.64 8.55 -49.20
CA PHE C 175 -65.92 7.32 -49.39
C PHE C 175 -64.43 7.58 -49.59
N PRO C 176 -63.58 6.61 -49.29
CA PRO C 176 -62.14 6.79 -49.53
C PRO C 176 -61.80 6.88 -51.00
N ALA C 177 -60.70 7.55 -51.27
CA ALA C 177 -60.26 7.78 -52.64
C ALA C 177 -59.64 6.52 -53.22
N VAL C 178 -59.93 6.25 -54.49
CA VAL C 178 -59.52 5.01 -55.14
C VAL C 178 -58.50 5.35 -56.22
N LEU C 179 -57.42 4.59 -56.27
CA LEU C 179 -56.39 4.78 -57.28
C LEU C 179 -56.70 3.95 -58.51
N GLN C 180 -56.66 4.59 -59.68
CA GLN C 180 -56.66 3.86 -60.95
C GLN C 180 -55.91 4.68 -62.00
N SER C 181 -55.03 4.01 -62.74
CA SER C 181 -54.26 4.59 -63.86
C SER C 181 -53.44 5.81 -63.41
N ASP C 182 -52.92 5.71 -62.19
CA ASP C 182 -52.28 6.81 -61.44
C ASP C 182 -53.10 8.09 -61.47
N LEU C 183 -54.40 7.97 -61.17
CA LEU C 183 -55.28 9.11 -61.03
C LEU C 183 -56.36 8.78 -60.01
N TYR C 184 -56.51 9.61 -59.00
CA TYR C 184 -57.40 9.28 -57.91
C TYR C 184 -58.85 9.50 -58.30
N THR C 185 -59.75 8.99 -57.48
CA THR C 185 -61.19 9.07 -57.75
C THR C 185 -61.90 9.02 -56.40
N LEU C 186 -62.71 10.02 -56.11
CA LEU C 186 -63.47 10.06 -54.89
C LEU C 186 -64.95 10.05 -55.25
N SER C 187 -65.79 9.70 -54.29
CA SER C 187 -67.23 9.81 -54.48
C SER C 187 -67.87 10.12 -53.14
N SER C 188 -69.10 10.62 -53.20
CA SER C 188 -69.81 10.98 -51.98
C SER C 188 -71.30 11.02 -52.28
N SER C 189 -72.10 10.79 -51.24
CA SER C 189 -73.54 10.80 -51.41
C SER C 189 -74.22 11.12 -50.09
N VAL C 190 -75.49 11.52 -50.19
CA VAL C 190 -76.30 11.83 -49.03
C VAL C 190 -77.76 11.50 -49.35
N THR C 191 -78.50 11.06 -48.34
CA THR C 191 -79.93 10.79 -48.43
C THR C 191 -80.67 11.89 -47.70
N VAL C 192 -81.57 12.57 -48.40
CA VAL C 192 -82.35 13.62 -47.79
C VAL C 192 -83.81 13.25 -47.91
N THR C 193 -84.70 14.02 -47.29
CA THR C 193 -86.13 13.79 -47.38
C THR C 193 -86.64 14.05 -48.79
N SER C 194 -87.77 13.41 -49.12
CA SER C 194 -88.34 13.58 -50.46
C SER C 194 -88.95 14.95 -50.65
N SER C 195 -89.38 15.60 -49.57
CA SER C 195 -89.95 16.93 -49.67
C SER C 195 -88.90 18.04 -49.81
N THR C 196 -87.61 17.71 -49.60
CA THR C 196 -86.57 18.75 -49.67
C THR C 196 -86.14 19.02 -51.10
N TRP C 197 -85.88 17.97 -51.85
CA TRP C 197 -85.41 18.07 -53.22
C TRP C 197 -86.54 17.80 -54.21
N PRO C 198 -86.67 18.60 -55.26
CA PRO C 198 -85.84 19.75 -55.63
C PRO C 198 -86.40 21.05 -55.12
N SER C 199 -87.24 20.99 -54.08
CA SER C 199 -87.88 22.18 -53.55
C SER C 199 -86.89 23.11 -52.84
N GLN C 200 -85.77 22.57 -52.36
CA GLN C 200 -84.73 23.38 -51.75
C GLN C 200 -83.45 23.25 -52.55
N SER C 201 -82.57 24.23 -52.37
CA SER C 201 -81.30 24.26 -53.06
C SER C 201 -80.25 23.51 -52.23
N ILE C 202 -79.49 22.64 -52.89
CA ILE C 202 -78.43 21.90 -52.23
C ILE C 202 -77.34 21.61 -53.25
N THR C 203 -76.11 21.60 -52.77
CA THR C 203 -74.94 21.44 -53.63
C THR C 203 -73.74 21.07 -52.77
N CYS C 204 -72.71 20.54 -53.42
CA CYS C 204 -71.46 20.32 -52.72
CA CYS C 204 -71.44 20.25 -52.79
C CYS C 204 -70.43 21.35 -53.13
N ASN C 205 -69.37 21.45 -52.33
CA ASN C 205 -68.34 22.46 -52.52
C ASN C 205 -66.97 21.78 -52.48
N VAL C 206 -66.53 21.30 -53.63
CA VAL C 206 -65.24 20.64 -53.74
C VAL C 206 -64.13 21.67 -53.69
N ALA C 207 -63.19 21.50 -52.78
CA ALA C 207 -61.99 22.32 -52.75
C ALA C 207 -60.78 21.40 -52.88
N HIS C 208 -59.86 21.76 -53.77
CA HIS C 208 -58.61 21.01 -53.94
C HIS C 208 -57.49 21.97 -53.56
N PRO C 209 -57.06 21.97 -52.30
CA PRO C 209 -56.04 22.94 -51.86
C PRO C 209 -54.65 22.68 -52.41
N ALA C 210 -54.39 21.52 -53.00
CA ALA C 210 -53.09 21.29 -53.61
C ALA C 210 -52.92 22.05 -54.92
N SER C 211 -54.02 22.46 -55.55
CA SER C 211 -53.98 23.24 -56.78
C SER C 211 -54.89 24.45 -56.72
N SER C 212 -55.39 24.80 -55.53
CA SER C 212 -56.20 25.99 -55.27
C SER C 212 -57.47 26.04 -56.12
N THR C 213 -58.07 24.88 -56.33
CA THR C 213 -59.25 24.74 -57.17
C THR C 213 -60.47 24.53 -56.29
N LYS C 214 -61.45 25.42 -56.41
CA LYS C 214 -62.68 25.35 -55.63
C LYS C 214 -63.87 25.40 -56.58
N VAL C 215 -64.58 24.28 -56.70
CA VAL C 215 -65.68 24.15 -57.65
C VAL C 215 -66.97 23.92 -56.87
N ASP C 216 -68.05 24.57 -57.30
CA ASP C 216 -69.36 24.46 -56.66
C ASP C 216 -70.40 24.16 -57.74
N LYS C 217 -70.68 22.88 -57.96
CA LYS C 217 -71.66 22.45 -58.95
C LYS C 217 -73.00 22.19 -58.26
N LYS C 218 -74.05 22.80 -58.78
CA LYS C 218 -75.39 22.56 -58.27
C LYS C 218 -76.03 21.44 -59.06
N ILE C 219 -76.59 20.46 -58.35
CA ILE C 219 -77.23 19.32 -58.99
C ILE C 219 -78.53 19.75 -59.66
N GLU C 220 -78.87 19.05 -60.73
CA GLU C 220 -80.06 19.36 -61.49
C GLU C 220 -80.83 18.08 -61.80
N PRO C 221 -82.16 18.13 -61.85
CA PRO C 221 -82.92 16.94 -62.22
C PRO C 221 -82.76 16.64 -63.70
N ARG C 222 -82.74 15.34 -64.01
CA ARG C 222 -82.67 14.89 -65.39
C ARG C 222 -84.05 15.00 -66.02
N GLY C 223 -84.19 15.91 -66.98
CA GLY C 223 -85.46 16.14 -67.64
C GLY C 223 -85.51 15.44 -68.99
N PRO C 224 -85.32 16.20 -70.07
CA PRO C 224 -85.24 15.57 -71.40
C PRO C 224 -83.97 14.77 -71.60
N THR C 225 -82.90 15.05 -70.86
CA THR C 225 -81.66 14.31 -70.98
C THR C 225 -81.11 13.98 -69.59
#